data_6LDC
#
_entry.id   6LDC
#
_cell.length_a   92.659
_cell.length_b   105.144
_cell.length_c   160.967
_cell.angle_alpha   90.000
_cell.angle_beta   91.090
_cell.angle_gamma   90.000
#
_symmetry.space_group_name_H-M   'P 1 21 1'
#
loop_
_entity.id
_entity.type
_entity.pdbx_description
1 polymer 'LacZ1 Beta-galactosidase'
2 non-polymer '(2~{S},3~{S},4~{R},5~{R})-2-nonyl-4,5-bis(oxidanyl)piperidine-3-carboxylic acid'
3 water water
#
_entity_poly.entity_id   1
_entity_poly.type   'polypeptide(L)'
_entity_poly.pdbx_seq_one_letter_code
;NGMLYPQSNDSRIVFPLDGVWDFRTAGEDSYPAEWADAPLPEPLPMAVPGSYNDQNDELNLRAHYGWVVYQRSFAVPSRL
VAGQRMILRFDAATHAADVYLNGQLLGSHFGGFLPFEFDVTSALHAGENLLTVAVDNRIGSSTLPVGNDAGTAFMGSDNA
NVPAVAEAKKHARRQNLPNFDFFNFAGLNRHVELYTTPADAYIADIAITTERLDHIAGDACTAANALIAYDVTFGGDFPS
NPTDPNTPIQPSDPAINHADSSESAESDIQRATTYGRQVRISILDGEGTVVAGVTADIERSGDGTAKASGEIAIRDAKLW
NPGAAYLYTAVAELLPEGGAESSSRIIDAYRQTFGIRTVEVSGTTFLINGKPFYFKGFGKHEDSYFHGRGTDDVLNVKDV
SLIHWLHANSFRTSHYPYAESMYDLCDREGIVIIDEVPAVGMSWLQYANPLVAERHREAIRGMIARDKNHPCIVMWSIAN
EPGLDGDGERPRQAYDYFRPLYELAHASDPQNRPVTLVCCQNDYTTDITERTMDVVCINRYYGWYNLSGDLDAACHALNI
ELDFWENIGKPVMFTEYGADTIEGIHGTHGEMFSEEFQRDYYARINAEIDKRPWFIGEQLWNFADFATFQGIIRVEGNRK
GILTRDRQPKMAAHWLRERWAGIPDYGYKG
;
_entity_poly.pdbx_strand_id   A,B,C,D
#
loop_
_chem_comp.id
_chem_comp.type
_chem_comp.name
_chem_comp.formula
E9O non-polymer '(2~{S},3~{S},4~{R},5~{R})-2-nonyl-4,5-bis(oxidanyl)piperidine-3-carboxylic acid' 'C15 H29 N O4'
#
# COMPACT_ATOMS: atom_id res chain seq x y z
N ASN A 1 -9.92 -19.97 45.47
CA ASN A 1 -10.60 -20.19 44.19
C ASN A 1 -11.18 -18.91 43.63
N GLY A 2 -11.74 -18.08 44.51
CA GLY A 2 -12.27 -16.79 44.11
C GLY A 2 -11.14 -15.85 43.70
N MET A 3 -11.35 -15.13 42.60
CA MET A 3 -10.40 -14.11 42.15
C MET A 3 -11.15 -12.84 41.80
N LEU A 4 -11.87 -12.29 42.77
CA LEU A 4 -12.61 -11.05 42.56
C LEU A 4 -11.63 -9.95 42.15
N TYR A 5 -12.00 -9.17 41.13
CA TYR A 5 -11.13 -8.07 40.73
C TYR A 5 -11.01 -7.10 41.89
N PRO A 6 -9.78 -6.64 42.18
CA PRO A 6 -9.50 -5.70 43.26
C PRO A 6 -10.39 -4.46 43.21
N GLN A 7 -10.92 -4.08 44.36
CA GLN A 7 -11.89 -3.02 44.46
C GLN A 7 -11.51 -2.05 45.58
N SER A 8 -11.77 -0.77 45.38
CA SER A 8 -11.57 0.21 46.45
C SER A 8 -12.92 0.64 46.98
N ASN A 9 -13.07 0.61 48.28
CA ASN A 9 -14.27 1.08 48.95
C ASN A 9 -13.87 1.49 50.37
N ASP A 10 -14.80 1.54 51.31
CA ASP A 10 -14.44 2.03 52.64
C ASP A 10 -13.60 1.01 53.42
N SER A 11 -13.67 -0.26 53.04
CA SER A 11 -12.91 -1.32 53.73
C SER A 11 -11.68 -1.77 52.97
N ARG A 12 -11.55 -1.33 51.72
CA ARG A 12 -10.52 -1.85 50.82
C ARG A 12 -9.88 -0.75 49.98
N ILE A 13 -8.58 -0.89 49.75
CA ILE A 13 -7.90 0.02 48.83
C ILE A 13 -7.07 -0.76 47.81
N VAL A 14 -7.02 -0.24 46.59
CA VAL A 14 -6.17 -0.79 45.54
C VAL A 14 -5.02 0.20 45.26
N PHE A 15 -3.81 -0.31 45.21
CA PHE A 15 -2.62 0.44 44.84
C PHE A 15 -2.01 -0.17 43.58
N PRO A 16 -2.32 0.44 42.42
CA PRO A 16 -1.78 -0.01 41.14
C PRO A 16 -0.25 0.04 41.09
N LEU A 17 0.37 -0.94 40.42
CA LEU A 17 1.82 -0.98 40.30
C LEU A 17 2.26 -0.90 38.84
N ASP A 18 1.32 -0.51 37.97
CA ASP A 18 1.62 -0.27 36.56
C ASP A 18 2.59 0.90 36.41
N GLY A 19 3.22 1.01 35.24
CA GLY A 19 4.09 2.14 34.93
C GLY A 19 5.31 1.66 34.18
N VAL A 20 6.41 2.38 34.29
CA VAL A 20 7.63 1.95 33.61
C VAL A 20 8.57 1.25 34.58
N TRP A 21 8.70 -0.07 34.40
CA TRP A 21 9.58 -0.89 35.24
C TRP A 21 10.98 -0.99 34.64
N ASP A 22 11.89 -1.54 35.44
CA ASP A 22 13.20 -2.01 34.99
C ASP A 22 13.06 -3.41 34.40
N PHE A 23 13.98 -3.80 33.51
CA PHE A 23 13.82 -5.00 32.72
C PHE A 23 15.18 -5.47 32.19
N ARG A 24 15.42 -6.77 32.23
CA ARG A 24 16.60 -7.37 31.58
C ARG A 24 16.19 -8.67 30.92
N THR A 25 16.77 -8.97 29.76
CA THR A 25 16.64 -10.32 29.21
C THR A 25 17.54 -11.27 30.01
N ALA A 26 17.18 -12.55 30.03
CA ALA A 26 17.99 -13.54 30.72
C ALA A 26 18.19 -14.78 29.86
N GLY A 27 18.42 -15.93 30.49
CA GLY A 27 18.84 -17.11 29.74
C GLY A 27 17.72 -17.91 29.12
N GLU A 28 18.09 -18.84 28.25
CA GLU A 28 17.17 -19.74 27.59
C GLU A 28 16.44 -20.66 28.58
N ASP A 29 17.10 -21.06 29.66
CA ASP A 29 16.41 -21.88 30.65
C ASP A 29 16.71 -21.50 32.10
N SER A 30 17.29 -20.31 32.30
CA SER A 30 17.55 -19.83 33.65
C SER A 30 17.66 -18.32 33.70
N TYR A 31 17.68 -17.78 34.91
CA TYR A 31 17.94 -16.36 35.14
C TYR A 31 18.70 -16.24 36.46
N PRO A 32 19.48 -15.17 36.64
CA PRO A 32 20.21 -15.01 37.90
C PRO A 32 19.28 -14.70 39.07
N ALA A 33 19.17 -15.61 40.03
CA ALA A 33 18.27 -15.42 41.17
C ALA A 33 18.67 -14.22 42.03
N GLU A 34 19.95 -13.87 41.99
CA GLU A 34 20.43 -12.76 42.80
C GLU A 34 19.91 -11.40 42.29
N TRP A 35 19.34 -11.40 41.08
CA TRP A 35 18.69 -10.18 40.58
C TRP A 35 17.50 -9.83 41.48
N ALA A 36 16.99 -10.80 42.22
CA ALA A 36 15.90 -10.50 43.16
C ALA A 36 16.41 -9.79 44.42
N ASP A 37 17.72 -9.75 44.62
CA ASP A 37 18.27 -9.22 45.88
C ASP A 37 18.68 -7.76 45.81
N ALA A 38 18.75 -7.22 44.60
CA ALA A 38 19.27 -5.87 44.42
C ALA A 38 18.71 -5.33 43.12
N PRO A 39 18.79 -4.00 42.93
CA PRO A 39 18.33 -3.44 41.66
C PRO A 39 19.01 -4.12 40.48
N LEU A 40 18.24 -4.40 39.42
CA LEU A 40 18.80 -4.98 38.21
C LEU A 40 19.95 -4.13 37.75
N PRO A 41 21.06 -4.76 37.34
CA PRO A 41 22.18 -4.04 36.74
C PRO A 41 21.83 -3.60 35.33
N GLU A 42 22.26 -2.40 34.94
CA GLU A 42 22.07 -1.86 33.59
C GLU A 42 20.66 -2.11 33.03
N PRO A 43 19.63 -1.71 33.78
CA PRO A 43 18.28 -2.10 33.33
C PRO A 43 17.81 -1.35 32.09
N LEU A 44 16.92 -2.00 31.34
CA LEU A 44 16.14 -1.39 30.28
C LEU A 44 14.80 -0.91 30.86
N PRO A 45 14.20 0.11 30.24
CA PRO A 45 12.83 0.46 30.64
C PRO A 45 11.83 -0.50 29.98
N MET A 46 10.72 -0.76 30.65
CA MET A 46 9.68 -1.61 30.06
C MET A 46 8.35 -1.24 30.68
N ALA A 47 7.40 -0.83 29.84
CA ALA A 47 6.12 -0.38 30.35
C ALA A 47 5.24 -1.56 30.71
N VAL A 48 4.52 -1.45 31.81
CA VAL A 48 3.57 -2.49 32.12
C VAL A 48 2.20 -2.04 32.57
N PRO A 49 1.20 -2.34 31.75
CA PRO A 49 0.94 -3.72 31.36
C PRO A 49 1.42 -3.68 29.91
N GLY A 50 1.82 -4.78 29.28
CA GLY A 50 2.27 -4.74 27.91
C GLY A 50 3.10 -5.98 27.60
N SER A 51 3.09 -6.40 26.34
CA SER A 51 4.07 -7.41 25.92
C SER A 51 5.44 -6.72 25.86
N TYR A 52 6.52 -7.44 26.14
CA TYR A 52 7.82 -6.79 26.05
C TYR A 52 8.40 -6.82 24.64
N ASN A 53 7.86 -7.66 23.76
CA ASN A 53 8.53 -7.99 22.51
C ASN A 53 8.67 -6.80 21.54
N ASP A 54 7.68 -5.91 21.49
CA ASP A 54 7.77 -4.78 20.58
C ASP A 54 8.09 -3.46 21.30
N GLN A 55 8.62 -3.57 22.52
CA GLN A 55 9.01 -2.38 23.28
C GLN A 55 10.51 -2.06 23.22
N ASN A 56 11.26 -2.73 22.34
CA ASN A 56 12.67 -2.38 22.18
C ASN A 56 13.21 -2.78 20.82
N ASP A 57 13.35 -1.80 19.95
CA ASP A 57 13.81 -2.06 18.59
C ASP A 57 15.33 -2.19 18.44
N GLU A 58 16.08 -1.91 19.50
CA GLU A 58 17.51 -2.18 19.48
C GLU A 58 17.78 -3.67 19.58
N LEU A 59 16.94 -4.34 20.36
CA LEU A 59 17.02 -5.77 20.52
C LEU A 59 15.99 -6.42 19.60
N ASN A 60 16.10 -7.72 19.39
CA ASN A 60 15.07 -8.42 18.62
C ASN A 60 14.29 -9.31 19.58
N LEU A 61 13.45 -8.70 20.41
CA LEU A 61 12.81 -9.43 21.49
C LEU A 61 11.73 -10.40 20.99
N ARG A 62 11.30 -10.24 19.75
CA ARG A 62 10.40 -11.24 19.17
C ARG A 62 11.13 -12.58 19.04
N ALA A 63 12.44 -12.53 18.84
CA ALA A 63 13.24 -13.77 18.70
C ALA A 63 13.68 -14.34 20.04
N HIS A 64 13.39 -13.62 21.13
CA HIS A 64 13.85 -14.06 22.45
C HIS A 64 13.28 -15.40 22.86
N TYR A 65 14.14 -16.25 23.43
CA TYR A 65 13.72 -17.55 23.93
C TYR A 65 14.08 -17.73 25.39
N GLY A 66 13.08 -17.93 26.23
CA GLY A 66 13.33 -18.20 27.63
C GLY A 66 12.87 -17.12 28.59
N TRP A 67 13.77 -16.74 29.50
CA TRP A 67 13.43 -15.87 30.60
C TRP A 67 13.75 -14.40 30.39
N VAL A 68 12.93 -13.54 30.99
CA VAL A 68 13.26 -12.14 31.19
C VAL A 68 12.95 -11.82 32.65
N VAL A 69 13.47 -10.70 33.16
CA VAL A 69 13.23 -10.32 34.53
C VAL A 69 12.80 -8.85 34.59
N TYR A 70 11.63 -8.63 35.15
CA TYR A 70 11.05 -7.31 35.45
C TYR A 70 11.40 -6.92 36.87
N GLN A 71 11.48 -5.63 37.15
CA GLN A 71 11.68 -5.19 38.53
C GLN A 71 11.21 -3.76 38.74
N ARG A 72 10.64 -3.48 39.91
CA ARG A 72 10.39 -2.09 40.28
C ARG A 72 10.38 -1.96 41.80
N SER A 73 10.44 -0.73 42.27
CA SER A 73 10.28 -0.42 43.68
C SER A 73 8.93 0.23 43.90
N PHE A 74 8.43 0.12 45.13
CA PHE A 74 7.23 0.85 45.53
C PHE A 74 7.21 1.03 47.04
N ALA A 75 6.49 2.06 47.49
CA ALA A 75 6.32 2.33 48.91
C ALA A 75 4.90 2.77 49.18
N VAL A 76 4.34 2.34 50.32
CA VAL A 76 3.01 2.78 50.74
C VAL A 76 3.02 3.20 52.20
N PRO A 77 2.10 4.09 52.59
CA PRO A 77 2.05 4.52 54.00
C PRO A 77 1.81 3.35 54.96
N SER A 78 2.57 3.31 56.04
CA SER A 78 2.39 2.29 57.06
C SER A 78 0.96 2.18 57.57
N ARG A 79 0.29 3.31 57.71
CA ARG A 79 -1.07 3.34 58.25
C ARG A 79 -2.07 2.72 57.28
N LEU A 80 -1.64 2.52 56.04
CA LEU A 80 -2.53 1.95 55.04
C LEU A 80 -2.48 0.42 55.09
N VAL A 81 -1.31 -0.13 55.44
CA VAL A 81 -1.16 -1.58 55.53
C VAL A 81 -1.52 -2.10 56.92
N ALA A 82 -1.51 -1.19 57.90
CA ALA A 82 -1.69 -1.55 59.31
C ALA A 82 -2.96 -2.35 59.57
N GLY A 83 -2.78 -3.58 60.03
CA GLY A 83 -3.89 -4.43 60.38
C GLY A 83 -4.61 -5.04 59.18
N GLN A 84 -4.10 -4.77 57.98
CA GLN A 84 -4.77 -5.26 56.79
C GLN A 84 -4.09 -6.50 56.23
N ARG A 85 -4.89 -7.29 55.51
CA ARG A 85 -4.41 -8.36 54.67
C ARG A 85 -3.95 -7.76 53.34
N MET A 86 -2.68 -7.99 53.01
CA MET A 86 -2.04 -7.42 51.83
C MET A 86 -1.86 -8.45 50.73
N ILE A 87 -2.47 -8.19 49.57
CA ILE A 87 -2.46 -9.13 48.46
C ILE A 87 -1.83 -8.51 47.23
N LEU A 88 -0.85 -9.20 46.64
CA LEU A 88 -0.24 -8.75 45.40
C LEU A 88 -0.83 -9.54 44.24
N ARG A 89 -1.53 -8.85 43.34
CA ARG A 89 -2.21 -9.51 42.22
C ARG A 89 -1.61 -9.22 40.84
N PHE A 90 -1.37 -10.27 40.08
CA PHE A 90 -0.95 -10.21 38.69
C PHE A 90 -2.13 -10.62 37.79
N ASP A 91 -2.66 -9.67 37.02
CA ASP A 91 -3.79 -9.99 36.13
C ASP A 91 -3.37 -11.03 35.07
N ALA A 92 -2.13 -10.93 34.59
CA ALA A 92 -1.56 -11.94 33.69
C ALA A 92 -0.07 -11.76 33.48
N ALA A 93 0.66 -12.86 33.63
CA ALA A 93 2.08 -12.91 33.27
C ALA A 93 2.26 -14.05 32.27
N THR A 94 2.72 -13.74 31.07
CA THR A 94 2.71 -14.71 29.98
C THR A 94 4.13 -15.22 29.65
N HIS A 95 4.40 -16.52 29.79
CA HIS A 95 3.44 -17.54 30.20
C HIS A 95 3.58 -18.00 31.64
N ALA A 96 4.78 -17.95 32.18
CA ALA A 96 5.00 -18.43 33.54
C ALA A 96 5.82 -17.42 34.28
N ALA A 97 5.65 -17.36 35.60
CA ALA A 97 6.35 -16.35 36.38
C ALA A 97 6.82 -16.88 37.74
N ASP A 98 8.00 -16.41 38.17
CA ASP A 98 8.44 -16.49 39.56
C ASP A 98 8.42 -15.07 40.14
N VAL A 99 7.81 -14.90 41.30
CA VAL A 99 7.69 -13.57 41.89
C VAL A 99 8.42 -13.45 43.22
N TYR A 100 9.23 -12.42 43.34
CA TYR A 100 10.01 -12.13 44.53
C TYR A 100 9.65 -10.77 45.10
N LEU A 101 9.52 -10.69 46.41
CA LEU A 101 9.35 -9.42 47.08
C LEU A 101 10.42 -9.30 48.15
N ASN A 102 11.25 -8.27 48.03
CA ASN A 102 12.37 -8.04 48.93
C ASN A 102 13.26 -9.27 49.08
N GLY A 103 13.52 -9.96 47.98
CA GLY A 103 14.40 -11.11 47.98
C GLY A 103 13.73 -12.42 48.34
N GLN A 104 12.47 -12.38 48.77
CA GLN A 104 11.76 -13.60 49.12
C GLN A 104 10.92 -14.10 47.95
N LEU A 105 11.09 -15.37 47.60
CA LEU A 105 10.25 -15.97 46.58
C LEU A 105 8.84 -16.13 47.13
N LEU A 106 7.88 -15.44 46.52
CA LEU A 106 6.48 -15.56 46.93
C LEU A 106 5.89 -16.84 46.36
N GLY A 107 6.36 -17.21 45.17
CA GLY A 107 5.82 -18.36 44.48
C GLY A 107 5.84 -18.17 42.98
N SER A 108 5.19 -19.11 42.29
CA SER A 108 5.19 -19.20 40.85
C SER A 108 3.80 -19.42 40.29
N HIS A 109 3.66 -19.23 38.98
CA HIS A 109 2.41 -19.47 38.28
C HIS A 109 2.71 -19.92 36.84
N PHE A 110 1.89 -20.80 36.27
CA PHE A 110 2.01 -21.08 34.84
C PHE A 110 0.94 -20.60 33.84
N GLY A 111 -0.34 -20.53 34.16
CA GLY A 111 -1.28 -20.01 33.16
C GLY A 111 -1.00 -18.60 32.61
N GLY A 112 -0.76 -18.44 31.31
CA GLY A 112 -0.32 -17.13 30.80
C GLY A 112 -1.43 -16.09 30.61
N PHE A 113 -2.68 -16.46 30.87
CA PHE A 113 -3.80 -15.60 30.50
C PHE A 113 -4.86 -15.49 31.58
N LEU A 114 -4.51 -15.89 32.79
CA LEU A 114 -5.40 -15.84 33.96
C LEU A 114 -4.66 -15.27 35.17
N PRO A 115 -5.40 -14.59 36.06
CA PRO A 115 -4.75 -13.87 37.17
C PRO A 115 -4.29 -14.79 38.28
N PHE A 116 -3.27 -14.36 39.01
CA PHE A 116 -2.81 -15.06 40.21
C PHE A 116 -2.36 -14.01 41.22
N GLU A 117 -2.31 -14.40 42.49
CA GLU A 117 -2.00 -13.44 43.55
C GLU A 117 -1.28 -14.10 44.71
N PHE A 118 -0.63 -13.29 45.53
CA PHE A 118 0.13 -13.78 46.68
C PHE A 118 -0.20 -12.96 47.92
N ASP A 119 -0.28 -13.60 49.07
CA ASP A 119 -0.39 -12.84 50.32
C ASP A 119 0.99 -12.30 50.68
N VAL A 120 1.14 -10.98 50.65
CA VAL A 120 2.45 -10.38 50.94
C VAL A 120 2.45 -9.64 52.26
N THR A 121 1.45 -9.90 53.09
CA THR A 121 1.32 -9.21 54.38
C THR A 121 2.60 -9.26 55.20
N SER A 122 3.24 -10.42 55.26
CA SER A 122 4.45 -10.54 56.06
C SER A 122 5.73 -10.19 55.30
N ALA A 123 5.70 -10.23 53.97
CA ALA A 123 6.89 -9.93 53.18
C ALA A 123 7.10 -8.43 52.97
N LEU A 124 6.02 -7.65 53.04
CA LEU A 124 6.12 -6.19 52.91
C LEU A 124 6.85 -5.58 54.09
N HIS A 125 7.54 -4.47 53.86
CA HIS A 125 8.02 -3.68 54.97
C HIS A 125 7.89 -2.20 54.66
N ALA A 126 8.13 -1.37 55.68
CA ALA A 126 8.01 0.07 55.54
C ALA A 126 9.06 0.58 54.56
N GLY A 127 8.80 1.74 53.97
CA GLY A 127 9.70 2.30 52.96
C GLY A 127 9.64 1.54 51.64
N GLU A 128 10.72 1.65 50.87
CA GLU A 128 10.79 1.06 49.53
C GLU A 128 10.86 -0.46 49.57
N ASN A 129 9.98 -1.10 48.79
CA ASN A 129 9.99 -2.55 48.60
C ASN A 129 10.49 -2.89 47.20
N LEU A 130 11.21 -4.00 47.06
CA LEU A 130 11.76 -4.37 45.75
C LEU A 130 11.03 -5.59 45.19
N LEU A 131 10.30 -5.36 44.10
CA LEU A 131 9.48 -6.38 43.48
C LEU A 131 10.15 -6.85 42.19
N THR A 132 10.50 -8.13 42.17
CA THR A 132 11.20 -8.72 41.04
C THR A 132 10.36 -9.84 40.45
N VAL A 133 10.14 -9.81 39.14
CA VAL A 133 9.28 -10.80 38.51
C VAL A 133 9.95 -11.41 37.29
N ALA A 134 10.34 -12.67 37.40
CA ALA A 134 10.91 -13.37 36.27
C ALA A 134 9.78 -13.97 35.48
N VAL A 135 9.80 -13.75 34.16
CA VAL A 135 8.75 -14.24 33.26
C VAL A 135 9.34 -15.11 32.16
N ASP A 136 8.75 -16.29 32.00
CA ASP A 136 9.20 -17.33 31.06
C ASP A 136 8.27 -17.38 29.85
N ASN A 137 8.82 -17.25 28.64
CA ASN A 137 7.99 -17.23 27.43
C ASN A 137 7.89 -18.58 26.71
N ARG A 138 8.49 -19.61 27.30
CA ARG A 138 8.65 -20.86 26.54
C ARG A 138 7.36 -21.66 26.41
N ILE A 139 7.16 -22.19 25.21
CA ILE A 139 6.06 -23.10 24.94
C ILE A 139 6.61 -24.41 24.42
N GLY A 140 5.83 -25.47 24.56
CA GLY A 140 6.27 -26.79 24.14
C GLY A 140 5.14 -27.79 24.24
N SER A 141 5.48 -29.07 24.26
CA SER A 141 4.48 -30.13 24.16
C SER A 141 3.62 -30.26 25.41
N SER A 142 4.02 -29.65 26.51
CA SER A 142 3.20 -29.72 27.72
C SER A 142 2.57 -28.39 28.16
N THR A 143 2.73 -27.33 27.36
CA THR A 143 2.10 -26.03 27.70
C THR A 143 0.78 -25.82 26.97
N LEU A 144 -0.07 -24.98 27.57
CA LEU A 144 -1.24 -24.43 26.89
C LEU A 144 -1.10 -22.92 26.87
N PRO A 145 -1.01 -22.32 25.67
CA PRO A 145 -1.08 -22.94 24.33
C PRO A 145 0.12 -23.82 24.01
N VAL A 146 -0.06 -24.70 23.03
CA VAL A 146 0.89 -25.78 22.75
C VAL A 146 2.00 -25.36 21.78
N GLY A 147 3.23 -25.67 22.16
CA GLY A 147 4.37 -25.54 21.27
C GLY A 147 4.88 -26.90 20.79
N ASN A 148 5.72 -26.89 19.77
CA ASN A 148 6.38 -28.11 19.31
C ASN A 148 7.78 -28.22 19.88
N ASP A 149 8.17 -29.41 20.34
CA ASP A 149 9.50 -29.59 20.93
C ASP A 149 10.58 -29.65 19.84
N ALA A 150 10.19 -30.03 18.63
CA ALA A 150 11.08 -29.98 17.47
C ALA A 150 10.30 -29.81 16.15
N GLY A 151 10.98 -29.32 15.12
CA GLY A 151 10.37 -29.23 13.80
C GLY A 151 10.12 -27.84 13.23
N THR A 152 8.84 -27.56 12.98
CA THR A 152 8.41 -26.31 12.35
C THR A 152 7.24 -25.69 13.14
N ALA A 153 6.81 -24.48 12.77
CA ALA A 153 5.67 -23.83 13.39
C ALA A 153 4.37 -24.26 12.69
N PHE A 154 3.27 -23.68 13.13
CA PHE A 154 1.94 -23.83 12.55
C PHE A 154 1.93 -23.48 11.07
N MET A 155 1.51 -24.40 10.22
CA MET A 155 1.38 -24.08 8.79
C MET A 155 2.71 -23.56 8.25
N GLY A 156 3.75 -24.37 8.43
CA GLY A 156 5.09 -23.99 8.05
C GLY A 156 5.59 -24.71 6.81
N SER A 157 6.63 -24.13 6.21
CA SER A 157 7.21 -24.66 4.98
C SER A 157 8.46 -25.48 5.26
N ASN A 161 14.26 -33.46 3.42
CA ASN A 161 15.00 -34.50 2.71
C ASN A 161 16.47 -34.15 2.49
N VAL A 162 16.74 -32.89 2.20
CA VAL A 162 18.10 -32.40 1.96
C VAL A 162 19.00 -32.42 3.22
N PRO A 163 20.19 -33.04 3.12
CA PRO A 163 21.14 -33.23 4.24
C PRO A 163 21.67 -31.93 4.87
N ALA A 164 21.86 -30.92 4.02
CA ALA A 164 22.34 -29.61 4.45
C ALA A 164 21.32 -29.01 5.41
N VAL A 165 20.04 -29.24 5.11
CA VAL A 165 18.96 -28.75 5.93
C VAL A 165 18.94 -29.46 7.28
N ALA A 166 19.10 -30.79 7.28
CA ALA A 166 19.10 -31.54 8.54
C ALA A 166 20.20 -31.05 9.47
N GLU A 167 21.40 -30.90 8.91
CA GLU A 167 22.53 -30.46 9.72
C GLU A 167 22.31 -29.01 10.21
N ALA A 168 21.86 -28.13 9.32
CA ALA A 168 21.63 -26.74 9.71
C ALA A 168 20.55 -26.61 10.78
N LYS A 169 19.51 -27.42 10.65
CA LYS A 169 18.40 -27.43 11.59
C LYS A 169 18.88 -27.85 12.97
N LYS A 170 19.78 -28.83 13.02
CA LYS A 170 20.26 -29.29 14.33
C LYS A 170 21.05 -28.23 15.11
N HIS A 171 21.67 -27.28 14.40
CA HIS A 171 22.47 -26.24 15.04
C HIS A 171 21.80 -24.86 15.08
N ALA A 172 20.55 -24.78 14.65
CA ALA A 172 19.85 -23.50 14.61
C ALA A 172 19.62 -22.94 16.00
N ARG A 173 19.60 -21.62 16.13
CA ARG A 173 19.24 -20.98 17.40
C ARG A 173 17.88 -21.50 17.88
N ARG A 174 17.81 -21.85 19.16
CA ARG A 174 16.57 -22.30 19.77
C ARG A 174 15.48 -21.23 19.72
N GLN A 175 14.30 -21.62 19.24
CA GLN A 175 13.15 -20.73 19.17
C GLN A 175 11.90 -21.46 19.68
N ASN A 176 10.95 -20.70 20.22
CA ASN A 176 9.63 -21.25 20.47
C ASN A 176 8.98 -21.68 19.14
N LEU A 177 8.53 -22.92 19.09
CA LEU A 177 7.88 -23.44 17.90
C LEU A 177 6.42 -23.71 18.19
N PRO A 178 5.58 -22.70 17.99
CA PRO A 178 4.17 -22.77 18.35
C PRO A 178 3.35 -23.60 17.39
N ASN A 179 2.40 -24.31 17.96
CA ASN A 179 1.40 -25.00 17.19
C ASN A 179 0.14 -24.14 17.04
N PHE A 180 0.33 -22.83 16.91
CA PHE A 180 -0.78 -21.90 16.76
C PHE A 180 -0.40 -20.71 15.90
N ASP A 181 -1.42 -20.04 15.37
CA ASP A 181 -1.28 -18.97 14.39
C ASP A 181 -1.45 -17.59 14.99
N PHE A 182 -0.70 -17.30 16.05
CA PHE A 182 -0.60 -15.95 16.57
C PHE A 182 0.72 -15.80 17.29
N PHE A 183 1.31 -14.60 17.22
CA PHE A 183 2.66 -14.44 17.74
C PHE A 183 2.72 -14.63 19.25
N ASN A 184 3.79 -15.25 19.72
CA ASN A 184 3.97 -15.60 21.13
C ASN A 184 4.37 -14.39 21.99
N PHE A 185 3.52 -13.36 22.01
CA PHE A 185 3.75 -12.19 22.86
C PHE A 185 3.80 -12.57 24.32
N ALA A 186 4.85 -12.12 25.01
CA ALA A 186 5.10 -12.53 26.39
C ALA A 186 5.32 -11.33 27.29
N GLY A 187 5.38 -11.59 28.60
CA GLY A 187 5.63 -10.55 29.57
C GLY A 187 4.44 -10.23 30.45
N LEU A 188 4.50 -9.06 31.09
CA LEU A 188 3.43 -8.64 31.99
C LEU A 188 2.31 -8.02 31.17
N ASN A 189 1.55 -8.88 30.49
CA ASN A 189 0.55 -8.42 29.54
C ASN A 189 -0.62 -7.67 30.15
N ARG A 190 -0.85 -7.88 31.46
CA ARG A 190 -1.97 -7.22 32.11
C ARG A 190 -1.53 -6.60 33.43
N HIS A 191 -2.43 -5.88 34.08
CA HIS A 191 -2.10 -5.02 35.21
C HIS A 191 -1.51 -5.77 36.40
N VAL A 192 -0.71 -5.05 37.17
CA VAL A 192 -0.19 -5.55 38.43
C VAL A 192 -0.68 -4.59 39.51
N GLU A 193 -1.20 -5.10 40.62
CA GLU A 193 -1.63 -4.20 41.68
C GLU A 193 -1.56 -4.84 43.07
N LEU A 194 -1.21 -4.03 44.05
CA LEU A 194 -1.28 -4.43 45.44
C LEU A 194 -2.68 -4.03 45.93
N TYR A 195 -3.36 -4.85 46.72
CA TYR A 195 -4.62 -4.42 47.30
C TYR A 195 -4.80 -4.93 48.71
N THR A 196 -5.77 -4.37 49.42
CA THR A 196 -5.98 -4.72 50.83
C THR A 196 -7.37 -5.25 51.08
N THR A 197 -7.48 -6.16 52.06
CA THR A 197 -8.77 -6.51 52.64
C THR A 197 -8.62 -6.53 54.17
N PRO A 198 -9.75 -6.55 54.91
CA PRO A 198 -9.64 -6.86 56.34
C PRO A 198 -9.01 -8.23 56.56
N ALA A 199 -8.29 -8.40 57.66
CA ALA A 199 -7.54 -9.63 57.93
C ALA A 199 -8.36 -10.70 58.67
N ASP A 200 -9.21 -10.27 59.60
CA ASP A 200 -9.94 -11.24 60.44
C ASP A 200 -10.96 -12.05 59.65
N ALA A 201 -11.73 -11.36 58.82
CA ALA A 201 -12.73 -12.00 57.97
C ALA A 201 -12.94 -11.12 56.75
N TYR A 202 -13.09 -11.74 55.58
CA TYR A 202 -13.19 -10.95 54.37
C TYR A 202 -13.96 -11.71 53.30
N ILE A 203 -14.56 -10.98 52.36
CA ILE A 203 -15.23 -11.61 51.23
C ILE A 203 -14.19 -12.13 50.22
N ALA A 204 -14.25 -13.43 49.96
CA ALA A 204 -13.30 -14.11 49.09
C ALA A 204 -13.87 -14.38 47.70
N ASP A 205 -15.18 -14.61 47.62
CA ASP A 205 -15.80 -14.91 46.33
C ASP A 205 -17.29 -14.62 46.36
N ILE A 206 -17.83 -14.28 45.19
CA ILE A 206 -19.26 -14.08 45.03
C ILE A 206 -19.69 -14.72 43.71
N ALA A 207 -20.79 -15.47 43.74
CA ALA A 207 -21.39 -15.98 42.51
C ALA A 207 -22.85 -15.59 42.50
N ILE A 208 -23.26 -14.93 41.43
CA ILE A 208 -24.65 -14.59 41.23
C ILE A 208 -25.16 -15.37 40.02
N THR A 209 -26.33 -15.98 40.16
CA THR A 209 -26.91 -16.73 39.03
C THR A 209 -28.35 -16.34 38.78
N THR A 210 -28.78 -16.41 37.53
CA THR A 210 -30.19 -16.26 37.21
C THR A 210 -30.80 -17.66 37.20
N GLU A 211 -31.56 -17.97 38.25
CA GLU A 211 -32.10 -19.31 38.41
C GLU A 211 -33.34 -19.53 37.57
N ARG A 212 -34.27 -18.58 37.58
CA ARG A 212 -35.50 -18.76 36.80
C ARG A 212 -36.14 -17.44 36.39
N LEU A 213 -36.78 -17.41 35.22
CA LEU A 213 -37.55 -16.25 34.80
C LEU A 213 -39.00 -16.65 34.56
N ASP A 214 -39.92 -15.89 35.17
CA ASP A 214 -41.35 -16.13 34.96
C ASP A 214 -41.98 -15.02 34.11
N HIS A 215 -42.69 -15.43 33.07
CA HIS A 215 -43.44 -14.53 32.21
C HIS A 215 -42.54 -13.43 31.67
N ILE A 216 -41.64 -13.83 30.79
CA ILE A 216 -40.76 -12.91 30.09
C ILE A 216 -41.60 -12.10 29.10
N ALA A 217 -41.40 -10.78 29.08
CA ALA A 217 -42.12 -9.94 28.15
C ALA A 217 -41.82 -10.33 26.70
N GLY A 218 -42.73 -9.95 25.80
CA GLY A 218 -42.57 -10.24 24.38
C GLY A 218 -41.28 -9.68 23.80
N ASP A 219 -40.86 -8.52 24.29
CA ASP A 219 -39.64 -7.89 23.80
C ASP A 219 -38.42 -8.26 24.65
N ALA A 220 -38.64 -9.12 25.65
CA ALA A 220 -37.59 -9.57 26.57
C ALA A 220 -36.94 -8.46 27.39
N CYS A 221 -37.56 -7.29 27.43
CA CYS A 221 -37.01 -6.17 28.19
C CYS A 221 -37.15 -6.44 29.69
N THR A 222 -38.21 -7.15 30.07
CA THR A 222 -38.48 -7.47 31.47
C THR A 222 -39.02 -8.88 31.64
N ALA A 223 -39.02 -9.37 32.89
CA ALA A 223 -39.77 -10.56 33.27
C ALA A 223 -40.63 -10.23 34.48
N ALA A 224 -41.83 -10.79 34.54
CA ALA A 224 -42.73 -10.52 35.66
C ALA A 224 -42.03 -10.86 36.98
N ASN A 225 -41.30 -11.97 36.98
CA ASN A 225 -40.53 -12.36 38.15
C ASN A 225 -39.20 -13.00 37.76
N ALA A 226 -38.15 -12.67 38.49
CA ALA A 226 -36.85 -13.29 38.31
C ALA A 226 -36.36 -13.86 39.62
N LEU A 227 -35.99 -15.13 39.60
CA LEU A 227 -35.36 -15.76 40.75
C LEU A 227 -33.87 -15.82 40.51
N ILE A 228 -33.11 -15.12 41.34
CA ILE A 228 -31.65 -15.17 41.28
C ILE A 228 -31.09 -15.79 42.54
N ALA A 229 -29.89 -16.38 42.45
CA ALA A 229 -29.26 -16.97 43.62
C ALA A 229 -27.92 -16.31 43.88
N TYR A 230 -27.55 -16.22 45.15
CA TYR A 230 -26.25 -15.71 45.54
C TYR A 230 -25.50 -16.75 46.33
N ASP A 231 -24.19 -16.67 46.22
CA ASP A 231 -23.27 -17.57 46.89
C ASP A 231 -22.00 -16.76 47.22
N VAL A 232 -21.82 -16.44 48.49
CA VAL A 232 -20.70 -15.65 48.94
C VAL A 232 -19.79 -16.51 49.81
N THR A 233 -18.50 -16.50 49.49
CA THR A 233 -17.50 -17.27 50.23
C THR A 233 -16.63 -16.30 51.01
N PHE A 234 -16.19 -16.71 52.20
CA PHE A 234 -15.39 -15.83 53.04
C PHE A 234 -14.07 -16.49 53.42
N GLY A 235 -13.06 -15.66 53.66
CA GLY A 235 -11.80 -16.14 54.18
C GLY A 235 -11.55 -15.48 55.52
N GLY A 236 -10.52 -15.97 56.22
CA GLY A 236 -10.16 -15.43 57.53
C GLY A 236 -10.55 -16.32 58.69
N ASP A 237 -10.26 -15.83 59.90
CA ASP A 237 -10.36 -16.60 61.15
C ASP A 237 -9.33 -17.72 61.18
N GLY A 276 -22.57 -17.08 64.45
CA GLY A 276 -23.45 -15.94 64.54
C GLY A 276 -23.02 -14.76 63.68
N ARG A 277 -22.30 -15.04 62.61
CA ARG A 277 -21.88 -13.98 61.70
C ARG A 277 -22.83 -13.86 60.52
N GLN A 278 -22.99 -12.65 60.01
CA GLN A 278 -23.94 -12.41 58.94
C GLN A 278 -23.38 -11.58 57.79
N VAL A 279 -23.94 -11.76 56.60
CA VAL A 279 -23.66 -10.88 55.49
C VAL A 279 -24.99 -10.32 54.97
N ARG A 280 -25.02 -9.01 54.75
CA ARG A 280 -26.16 -8.36 54.11
C ARG A 280 -25.94 -8.24 52.61
N ILE A 281 -26.96 -8.60 51.85
CA ILE A 281 -26.89 -8.52 50.41
C ILE A 281 -27.97 -7.58 49.87
N SER A 282 -27.53 -6.53 49.19
CA SER A 282 -28.45 -5.55 48.63
C SER A 282 -28.38 -5.61 47.13
N ILE A 283 -29.52 -5.68 46.47
CA ILE A 283 -29.56 -5.64 45.03
C ILE A 283 -29.92 -4.24 44.57
N LEU A 284 -29.01 -3.62 43.83
CA LEU A 284 -29.16 -2.26 43.34
C LEU A 284 -29.47 -2.28 41.85
N ASP A 285 -30.47 -1.50 41.44
CA ASP A 285 -30.79 -1.41 40.02
C ASP A 285 -29.86 -0.41 39.34
N GLY A 286 -30.12 -0.14 38.07
CA GLY A 286 -29.30 0.77 37.27
C GLY A 286 -29.19 2.18 37.84
N GLU A 287 -30.15 2.57 38.66
CA GLU A 287 -30.17 3.90 39.23
C GLU A 287 -29.56 3.92 40.63
N GLY A 288 -29.14 2.74 41.12
CA GLY A 288 -28.55 2.63 42.43
C GLY A 288 -29.59 2.41 43.51
N THR A 289 -30.85 2.26 43.10
CA THR A 289 -31.93 2.00 44.04
C THR A 289 -31.90 0.55 44.55
N VAL A 290 -31.97 0.37 45.86
CA VAL A 290 -32.06 -0.97 46.43
C VAL A 290 -33.47 -1.53 46.17
N VAL A 291 -33.56 -2.56 45.33
CA VAL A 291 -34.85 -3.12 44.96
C VAL A 291 -35.10 -4.43 45.70
N ALA A 292 -34.05 -4.93 46.35
CA ALA A 292 -34.15 -6.15 47.14
C ALA A 292 -32.96 -6.23 48.06
N GLY A 293 -33.14 -6.94 49.17
CA GLY A 293 -32.12 -7.06 50.18
C GLY A 293 -32.44 -8.17 51.13
N VAL A 294 -31.41 -8.90 51.56
CA VAL A 294 -31.57 -9.94 52.56
C VAL A 294 -30.33 -9.95 53.46
N THR A 295 -30.49 -10.44 54.68
CA THR A 295 -29.36 -10.67 55.56
C THR A 295 -29.26 -12.18 55.74
N ALA A 296 -28.09 -12.74 55.43
CA ALA A 296 -27.94 -14.19 55.44
C ALA A 296 -26.91 -14.63 56.47
N ASP A 297 -27.08 -15.84 56.97
CA ASP A 297 -26.15 -16.38 57.94
C ASP A 297 -24.93 -16.96 57.26
N ILE A 298 -23.79 -16.75 57.90
CA ILE A 298 -22.54 -17.31 57.43
C ILE A 298 -22.33 -18.61 58.16
N GLU A 299 -22.22 -19.69 57.39
CA GLU A 299 -22.06 -21.01 57.96
C GLU A 299 -20.67 -21.54 57.65
N ARG A 300 -20.11 -22.26 58.61
CA ARG A 300 -18.77 -22.85 58.48
C ARG A 300 -18.81 -24.23 57.85
N THR A 305 -14.76 -23.73 56.17
CA THR A 305 -15.10 -23.09 54.91
C THR A 305 -16.37 -22.25 55.02
N ALA A 306 -16.19 -20.94 55.25
CA ALA A 306 -17.31 -20.04 55.51
C ALA A 306 -18.06 -19.64 54.24
N LYS A 307 -19.38 -19.76 54.29
CA LYS A 307 -20.22 -19.60 53.11
C LYS A 307 -21.61 -19.07 53.49
N ALA A 308 -22.17 -18.19 52.67
CA ALA A 308 -23.58 -17.81 52.80
C ALA A 308 -24.23 -17.89 51.42
N SER A 309 -25.42 -18.45 51.35
CA SER A 309 -26.04 -18.66 50.04
C SER A 309 -27.54 -18.62 50.16
N GLY A 310 -28.21 -18.20 49.09
CA GLY A 310 -29.66 -18.14 49.14
C GLY A 310 -30.24 -17.61 47.85
N GLU A 311 -31.54 -17.34 47.86
CA GLU A 311 -32.23 -16.87 46.67
C GLU A 311 -32.96 -15.55 46.92
N ILE A 312 -33.18 -14.80 45.86
CA ILE A 312 -33.85 -13.51 45.92
C ILE A 312 -34.79 -13.40 44.72
N ALA A 313 -36.05 -13.06 45.00
CA ALA A 313 -37.05 -12.83 43.97
C ALA A 313 -37.14 -11.34 43.65
N ILE A 314 -37.07 -11.02 42.36
CA ILE A 314 -37.20 -9.66 41.88
C ILE A 314 -38.36 -9.53 40.90
N ARG A 315 -39.37 -8.77 41.27
CA ARG A 315 -40.53 -8.57 40.41
C ARG A 315 -40.21 -7.49 39.38
N ASP A 316 -40.72 -7.67 38.16
CA ASP A 316 -40.50 -6.73 37.06
C ASP A 316 -39.01 -6.49 36.83
N ALA A 317 -38.24 -7.57 36.90
CA ALA A 317 -36.80 -7.51 36.70
C ALA A 317 -36.48 -7.03 35.30
N LYS A 318 -35.50 -6.14 35.18
CA LYS A 318 -35.04 -5.68 33.87
C LYS A 318 -33.95 -6.63 33.37
N LEU A 319 -34.20 -7.25 32.23
CA LEU A 319 -33.32 -8.30 31.73
C LEU A 319 -32.16 -7.75 30.91
N TRP A 320 -31.06 -8.50 30.92
CA TRP A 320 -29.91 -8.22 30.08
C TRP A 320 -30.09 -8.90 28.73
N ASN A 321 -30.02 -8.13 27.64
CA ASN A 321 -30.09 -8.71 26.30
C ASN A 321 -28.96 -8.22 25.40
N PRO A 322 -28.59 -9.01 24.38
CA PRO A 322 -27.70 -8.49 23.34
C PRO A 322 -28.32 -7.24 22.73
N GLY A 323 -27.53 -6.18 22.57
CA GLY A 323 -28.05 -4.94 22.02
C GLY A 323 -28.87 -4.12 22.98
N ALA A 324 -29.07 -4.62 24.20
CA ALA A 324 -29.87 -3.90 25.20
C ALA A 324 -29.49 -4.36 26.60
N ALA A 325 -28.29 -3.99 27.02
CA ALA A 325 -27.76 -4.39 28.31
C ALA A 325 -28.54 -3.74 29.45
N TYR A 326 -28.63 -4.46 30.56
CA TYR A 326 -29.07 -3.88 31.82
C TYR A 326 -28.33 -4.57 32.94
N LEU A 327 -27.76 -3.77 33.83
CA LEU A 327 -26.94 -4.32 34.89
C LEU A 327 -27.45 -3.92 36.26
N TYR A 328 -27.47 -4.91 37.15
CA TYR A 328 -27.67 -4.69 38.57
C TYR A 328 -26.33 -4.80 39.29
N THR A 329 -26.32 -4.38 40.54
CA THR A 329 -25.18 -4.57 41.42
C THR A 329 -25.61 -5.34 42.65
N ALA A 330 -24.88 -6.40 42.97
CA ALA A 330 -25.07 -7.13 44.21
C ALA A 330 -24.03 -6.64 45.20
N VAL A 331 -24.47 -5.93 46.23
CA VAL A 331 -23.58 -5.43 47.26
C VAL A 331 -23.56 -6.39 48.44
N ALA A 332 -22.40 -6.97 48.70
CA ALA A 332 -22.24 -7.85 49.85
C ALA A 332 -21.50 -7.12 50.95
N GLU A 333 -22.12 -7.06 52.12
CA GLU A 333 -21.52 -6.39 53.27
C GLU A 333 -21.45 -7.36 54.44
N LEU A 334 -20.22 -7.68 54.84
CA LEU A 334 -20.00 -8.53 55.99
C LEU A 334 -20.33 -7.74 57.24
N LEU A 335 -21.24 -8.21 58.09
CA LEU A 335 -21.62 -7.46 59.28
C LEU A 335 -20.80 -7.82 60.53
N PRO A 336 -20.63 -6.86 61.44
CA PRO A 336 -19.98 -7.15 62.72
C PRO A 336 -20.88 -7.92 63.68
N SER A 344 -18.15 6.53 61.69
CA SER A 344 -17.29 6.80 60.55
C SER A 344 -16.49 5.57 60.13
N ARG A 345 -17.18 4.44 60.01
CA ARG A 345 -16.54 3.15 59.74
C ARG A 345 -17.56 2.00 59.80
N ILE A 346 -17.16 0.81 59.32
CA ILE A 346 -17.94 -0.40 59.48
C ILE A 346 -17.01 -1.62 59.21
N ILE A 347 -17.17 -2.36 58.11
CA ILE A 347 -16.45 -3.62 57.96
C ILE A 347 -16.29 -4.00 56.45
N ASP A 348 -16.14 -5.26 56.06
CA ASP A 348 -15.87 -5.56 54.64
C ASP A 348 -17.07 -5.47 53.68
N ALA A 349 -16.78 -5.11 52.44
CA ALA A 349 -17.80 -4.99 51.41
C ALA A 349 -17.24 -5.30 50.02
N TYR A 350 -18.12 -5.74 49.13
CA TYR A 350 -17.76 -5.90 47.71
C TYR A 350 -18.98 -5.67 46.83
N ARG A 351 -18.78 -4.98 45.71
CA ARG A 351 -19.87 -4.71 44.77
C ARG A 351 -19.69 -5.53 43.50
N GLN A 352 -20.59 -6.48 43.28
CA GLN A 352 -20.48 -7.39 42.15
C GLN A 352 -21.52 -7.04 41.09
N THR A 353 -21.07 -6.61 39.92
CA THR A 353 -22.02 -6.33 38.84
C THR A 353 -22.58 -7.66 38.32
N PHE A 354 -23.84 -7.67 37.93
CA PHE A 354 -24.42 -8.83 37.26
C PHE A 354 -25.59 -8.44 36.36
N GLY A 355 -26.03 -9.37 35.53
CA GLY A 355 -27.18 -9.13 34.67
C GLY A 355 -28.12 -10.31 34.73
N ILE A 356 -29.41 -10.02 34.64
CA ILE A 356 -30.43 -11.06 34.76
C ILE A 356 -30.82 -11.56 33.39
N ARG A 357 -30.49 -12.82 33.10
CA ARG A 357 -30.82 -13.42 31.81
C ARG A 357 -30.61 -14.92 31.87
N THR A 358 -31.36 -15.67 31.06
CA THR A 358 -31.14 -17.11 30.98
C THR A 358 -30.56 -17.50 29.64
N VAL A 359 -29.83 -18.60 29.63
CA VAL A 359 -29.28 -19.15 28.41
C VAL A 359 -29.64 -20.62 28.38
N GLU A 360 -30.22 -21.07 27.28
CA GLU A 360 -30.63 -22.46 27.17
C GLU A 360 -30.55 -22.94 25.73
N VAL A 361 -29.86 -24.04 25.50
CA VAL A 361 -29.94 -24.69 24.20
C VAL A 361 -31.18 -25.59 24.18
N SER A 362 -32.03 -25.41 23.18
CA SER A 362 -33.23 -26.22 23.06
C SER A 362 -33.36 -26.71 21.62
N GLY A 363 -33.16 -28.01 21.43
CA GLY A 363 -33.15 -28.57 20.09
C GLY A 363 -32.07 -27.91 19.26
N THR A 364 -32.46 -27.28 18.15
CA THR A 364 -31.52 -26.56 17.31
C THR A 364 -31.58 -25.05 17.50
N THR A 365 -32.06 -24.61 18.66
CA THR A 365 -32.08 -23.19 18.94
C THR A 365 -31.21 -22.86 20.14
N PHE A 366 -30.79 -21.60 20.19
CA PHE A 366 -29.98 -21.05 21.27
C PHE A 366 -30.78 -19.91 21.88
N LEU A 367 -31.38 -20.15 23.04
CA LEU A 367 -32.34 -19.23 23.61
C LEU A 367 -31.72 -18.35 24.69
N ILE A 368 -31.79 -17.05 24.46
CA ILE A 368 -31.47 -16.10 25.49
C ILE A 368 -32.77 -15.46 25.93
N ASN A 369 -33.07 -15.55 27.22
CA ASN A 369 -34.34 -15.11 27.75
C ASN A 369 -35.51 -15.69 26.96
N GLY A 370 -35.39 -16.98 26.62
CA GLY A 370 -36.44 -17.67 25.89
C GLY A 370 -36.59 -17.32 24.43
N LYS A 371 -35.71 -16.46 23.91
CA LYS A 371 -35.78 -16.00 22.52
C LYS A 371 -34.67 -16.62 21.66
N PRO A 372 -35.01 -16.99 20.41
CA PRO A 372 -34.04 -17.65 19.53
C PRO A 372 -32.97 -16.68 19.00
N PHE A 373 -31.77 -16.79 19.56
CA PHE A 373 -30.67 -15.88 19.26
C PHE A 373 -29.92 -16.29 17.98
N TYR A 374 -29.39 -15.31 17.26
CA TYR A 374 -28.49 -15.58 16.13
C TYR A 374 -27.17 -14.81 16.35
N PHE A 375 -26.05 -15.53 16.40
CA PHE A 375 -24.72 -14.90 16.57
C PHE A 375 -24.30 -14.16 15.29
N LYS A 376 -23.91 -12.90 15.45
CA LYS A 376 -23.25 -12.11 14.40
C LYS A 376 -21.93 -11.60 14.96
N GLY A 377 -20.82 -11.99 14.36
CA GLY A 377 -19.55 -11.50 14.86
C GLY A 377 -18.35 -12.23 14.31
N PHE A 378 -17.40 -12.54 15.19
CA PHE A 378 -16.06 -12.91 14.77
C PHE A 378 -15.24 -13.44 15.94
N GLY A 379 -14.17 -14.17 15.64
CA GLY A 379 -13.13 -14.36 16.63
C GLY A 379 -12.32 -13.07 16.68
N LYS A 380 -11.81 -12.73 17.86
CA LYS A 380 -10.92 -11.58 17.98
C LYS A 380 -9.52 -12.04 18.35
N HIS A 381 -8.64 -11.08 18.59
CA HIS A 381 -7.39 -11.30 19.32
C HIS A 381 -7.15 -10.08 20.19
N GLU A 382 -6.48 -10.28 21.32
CA GLU A 382 -5.87 -9.15 21.99
C GLU A 382 -4.53 -8.96 21.34
N ASP A 383 -4.52 -8.00 20.42
CA ASP A 383 -3.39 -7.78 19.54
C ASP A 383 -3.41 -6.35 19.04
N SER A 384 -2.28 -5.67 19.15
CA SER A 384 -2.16 -4.32 18.61
C SER A 384 -0.71 -3.94 18.46
N TYR A 385 -0.47 -2.89 17.68
CA TYR A 385 0.88 -2.52 17.25
C TYR A 385 2.06 -2.36 18.23
N PHE A 386 1.86 -1.87 19.44
CA PHE A 386 3.05 -1.69 20.27
C PHE A 386 2.95 -2.50 21.55
N HIS A 387 1.69 -2.69 21.94
CA HIS A 387 1.30 -3.41 23.14
C HIS A 387 1.43 -4.91 22.96
N GLY A 388 1.36 -5.36 21.69
CA GLY A 388 1.32 -6.79 21.41
C GLY A 388 0.05 -7.39 21.99
N ARG A 389 0.19 -8.27 22.98
CA ARG A 389 -0.96 -8.86 23.66
C ARG A 389 -1.33 -8.05 24.91
N GLY A 390 -0.64 -6.93 25.12
CA GLY A 390 -0.90 -6.09 26.28
C GLY A 390 -2.30 -5.51 26.28
N THR A 391 -2.95 -5.53 27.44
CA THR A 391 -4.29 -4.97 27.55
C THR A 391 -4.25 -3.46 27.32
N ASP A 392 -5.24 -2.98 26.59
CA ASP A 392 -5.33 -1.57 26.21
C ASP A 392 -6.82 -1.21 26.18
N ASP A 393 -7.27 -0.47 27.18
CA ASP A 393 -8.70 -0.20 27.29
C ASP A 393 -9.19 0.85 26.30
N VAL A 394 -8.31 1.73 25.82
CA VAL A 394 -8.65 2.61 24.71
C VAL A 394 -9.05 1.77 23.50
N LEU A 395 -8.24 0.74 23.24
CA LEU A 395 -8.51 -0.14 22.11
C LEU A 395 -9.76 -0.99 22.36
N ASN A 396 -9.95 -1.45 23.58
CA ASN A 396 -11.19 -2.20 23.91
C ASN A 396 -12.43 -1.35 23.68
N VAL A 397 -12.42 -0.12 24.19
CA VAL A 397 -13.55 0.80 23.99
C VAL A 397 -13.80 1.05 22.50
N LYS A 398 -12.73 1.32 21.76
CA LYS A 398 -12.85 1.52 20.31
C LYS A 398 -13.43 0.28 19.62
N ASP A 399 -12.90 -0.89 19.95
CA ASP A 399 -13.33 -2.15 19.32
C ASP A 399 -14.80 -2.42 19.59
N VAL A 400 -15.24 -2.17 20.82
CA VAL A 400 -16.65 -2.34 21.13
C VAL A 400 -17.51 -1.40 20.28
N SER A 401 -17.05 -0.15 20.10
CA SER A 401 -17.78 0.77 19.23
C SER A 401 -17.83 0.24 17.79
N LEU A 402 -16.75 -0.38 17.36
CA LEU A 402 -16.68 -0.94 16.01
C LEU A 402 -17.62 -2.13 15.85
N ILE A 403 -17.76 -2.92 16.91
CA ILE A 403 -18.69 -4.03 16.91
C ILE A 403 -20.11 -3.50 16.72
N HIS A 404 -20.44 -2.42 17.44
CA HIS A 404 -21.73 -1.75 17.18
C HIS A 404 -21.85 -1.19 15.75
N TRP A 405 -20.79 -0.52 15.28
CA TRP A 405 -20.79 0.08 13.95
C TRP A 405 -21.08 -0.99 12.89
N LEU A 406 -20.50 -2.17 13.08
CA LEU A 406 -20.72 -3.30 12.17
C LEU A 406 -22.11 -3.95 12.31
N HIS A 407 -22.82 -3.65 13.40
CA HIS A 407 -24.07 -4.32 13.79
C HIS A 407 -23.86 -5.81 14.08
N ALA A 408 -22.65 -6.13 14.53
CA ALA A 408 -22.37 -7.44 15.10
C ALA A 408 -22.91 -7.45 16.52
N ASN A 409 -23.03 -8.64 17.12
CA ASN A 409 -23.54 -8.72 18.48
C ASN A 409 -22.71 -9.61 19.40
N SER A 410 -21.60 -10.13 18.88
CA SER A 410 -20.87 -11.15 19.63
C SER A 410 -19.44 -11.34 19.15
N PHE A 411 -18.62 -11.92 20.02
CA PHE A 411 -17.35 -12.48 19.59
C PHE A 411 -16.91 -13.63 20.50
N ARG A 412 -15.85 -14.33 20.09
CA ARG A 412 -15.23 -15.38 20.90
C ARG A 412 -13.85 -14.90 21.37
N THR A 413 -13.45 -15.24 22.60
CA THR A 413 -12.12 -14.87 23.08
C THR A 413 -11.05 -15.85 22.57
N SER A 414 -10.97 -15.97 21.26
CA SER A 414 -9.92 -16.76 20.63
C SER A 414 -8.58 -16.10 20.94
N HIS A 415 -7.59 -16.86 21.43
CA HIS A 415 -7.72 -18.25 21.86
C HIS A 415 -7.21 -18.38 23.30
N TYR A 416 -7.77 -17.59 24.20
CA TYR A 416 -7.29 -17.45 25.57
C TYR A 416 -8.25 -16.49 26.25
N PRO A 417 -8.43 -16.62 27.56
CA PRO A 417 -9.26 -15.61 28.24
C PRO A 417 -8.69 -14.21 28.06
N TYR A 418 -9.55 -13.23 27.80
CA TYR A 418 -9.11 -11.86 27.58
C TYR A 418 -8.98 -11.12 28.91
N ALA A 419 -8.54 -9.87 28.86
CA ALA A 419 -8.49 -9.03 30.07
C ALA A 419 -9.90 -8.82 30.63
N GLU A 420 -10.00 -8.83 31.95
CA GLU A 420 -11.28 -8.72 32.66
C GLU A 420 -12.11 -7.49 32.28
N SER A 421 -11.42 -6.37 32.07
CA SER A 421 -12.07 -5.11 31.75
C SER A 421 -12.90 -5.23 30.46
N MET A 422 -12.46 -6.07 29.53
CA MET A 422 -13.19 -6.23 28.26
C MET A 422 -14.55 -6.90 28.49
N TYR A 423 -14.60 -7.83 29.45
CA TYR A 423 -15.87 -8.47 29.79
C TYR A 423 -16.78 -7.48 30.51
N ASP A 424 -16.22 -6.64 31.38
CA ASP A 424 -17.06 -5.58 31.99
C ASP A 424 -17.66 -4.65 30.93
N LEU A 425 -16.82 -4.30 29.97
CA LEU A 425 -17.22 -3.46 28.85
C LEU A 425 -18.36 -4.09 28.08
N CYS A 426 -18.25 -5.38 27.79
CA CYS A 426 -19.29 -6.03 27.00
C CYS A 426 -20.57 -6.26 27.82
N ASP A 427 -20.41 -6.42 29.13
CA ASP A 427 -21.56 -6.41 30.04
C ASP A 427 -22.37 -5.13 29.86
N ARG A 428 -21.70 -3.98 29.93
CA ARG A 428 -22.45 -2.73 29.83
C ARG A 428 -22.83 -2.39 28.39
N GLU A 429 -22.18 -3.00 27.40
CA GLU A 429 -22.47 -2.65 26.01
C GLU A 429 -23.33 -3.66 25.25
N GLY A 430 -23.81 -4.70 25.95
CA GLY A 430 -24.73 -5.66 25.35
C GLY A 430 -24.11 -6.48 24.23
N ILE A 431 -22.87 -6.88 24.41
CA ILE A 431 -22.18 -7.73 23.44
C ILE A 431 -21.93 -9.10 24.05
N VAL A 432 -22.36 -10.13 23.34
CA VAL A 432 -22.30 -11.51 23.81
C VAL A 432 -20.92 -12.15 23.59
N ILE A 433 -20.45 -12.93 24.55
CA ILE A 433 -19.12 -13.54 24.47
C ILE A 433 -19.12 -15.07 24.64
N ILE A 434 -18.36 -15.74 23.78
CA ILE A 434 -17.95 -17.13 24.00
C ILE A 434 -16.53 -17.12 24.59
N ASP A 435 -16.43 -17.59 25.83
CA ASP A 435 -15.19 -17.50 26.62
C ASP A 435 -14.35 -18.77 26.42
N GLU A 436 -13.11 -18.63 25.96
CA GLU A 436 -12.29 -19.78 25.53
C GLU A 436 -10.95 -19.84 26.28
N VAL A 437 -10.59 -21.05 26.73
CA VAL A 437 -9.29 -21.30 27.39
C VAL A 437 -8.17 -21.43 26.36
N PRO A 438 -6.90 -21.31 26.81
CA PRO A 438 -5.79 -21.32 25.83
C PRO A 438 -5.42 -22.72 25.31
N ALA A 439 -6.39 -23.62 25.21
CA ALA A 439 -6.11 -24.98 24.75
C ALA A 439 -6.14 -25.04 23.23
N VAL A 440 -5.13 -24.44 22.60
CA VAL A 440 -5.02 -24.41 21.16
C VAL A 440 -3.70 -25.07 20.74
N GLY A 441 -3.73 -25.85 19.66
CA GLY A 441 -2.57 -26.58 19.21
C GLY A 441 -2.48 -28.00 19.75
N MET A 442 -3.56 -28.50 20.32
CA MET A 442 -3.55 -29.82 20.97
C MET A 442 -3.70 -31.00 20.01
N SER A 443 -3.00 -32.08 20.32
CA SER A 443 -3.22 -33.34 19.63
C SER A 443 -2.97 -34.53 20.57
N TRP A 444 -2.86 -35.71 19.99
CA TRP A 444 -2.80 -36.95 20.77
C TRP A 444 -1.59 -37.02 21.70
N LEU A 445 -0.50 -36.36 21.31
CA LEU A 445 0.66 -36.24 22.18
C LEU A 445 0.30 -35.59 23.51
N GLN A 446 -0.59 -34.58 23.46
CA GLN A 446 -1.03 -33.90 24.67
C GLN A 446 -2.03 -34.74 25.51
N TYR A 447 -2.92 -35.48 24.84
CA TYR A 447 -4.01 -36.17 25.56
C TYR A 447 -3.46 -37.24 26.51
N ALA A 448 -2.26 -37.73 26.22
CA ALA A 448 -1.64 -38.78 27.02
C ALA A 448 -0.75 -38.21 28.12
N ASN A 449 -0.69 -36.89 28.21
CA ASN A 449 0.17 -36.25 29.21
C ASN A 449 -0.65 -35.72 30.39
N PRO A 450 -0.51 -36.36 31.57
CA PRO A 450 -1.29 -35.95 32.75
C PRO A 450 -1.06 -34.49 33.16
N LEU A 451 0.15 -33.98 32.96
CA LEU A 451 0.43 -32.59 33.29
C LEU A 451 -0.40 -31.65 32.41
N VAL A 452 -0.54 -31.98 31.12
CA VAL A 452 -1.36 -31.20 30.22
C VAL A 452 -2.82 -31.25 30.65
N ALA A 453 -3.32 -32.44 30.99
CA ALA A 453 -4.69 -32.58 31.47
C ALA A 453 -4.94 -31.71 32.69
N GLU A 454 -3.98 -31.69 33.61
CA GLU A 454 -4.12 -30.87 34.82
C GLU A 454 -4.09 -29.38 34.50
N ARG A 455 -3.21 -28.98 33.60
CA ARG A 455 -3.17 -27.57 33.19
C ARG A 455 -4.45 -27.14 32.47
N HIS A 456 -5.05 -28.07 31.73
CA HIS A 456 -6.29 -27.81 31.02
C HIS A 456 -7.44 -27.63 32.01
N ARG A 457 -7.51 -28.53 33.00
CA ARG A 457 -8.51 -28.40 34.04
C ARG A 457 -8.32 -27.09 34.82
N GLU A 458 -7.07 -26.74 35.09
CA GLU A 458 -6.74 -25.48 35.75
C GLU A 458 -7.24 -24.29 34.94
N ALA A 459 -7.03 -24.33 33.63
CA ALA A 459 -7.46 -23.22 32.79
C ALA A 459 -8.99 -23.09 32.77
N ILE A 460 -9.69 -24.22 32.65
CA ILE A 460 -11.16 -24.20 32.65
C ILE A 460 -11.71 -23.67 33.98
N ARG A 461 -11.21 -24.22 35.07
CA ARG A 461 -11.66 -23.80 36.40
C ARG A 461 -11.33 -22.33 36.65
N GLY A 462 -10.14 -21.92 36.24
CA GLY A 462 -9.69 -20.55 36.44
C GLY A 462 -10.50 -19.55 35.65
N MET A 463 -10.77 -19.88 34.39
CA MET A 463 -11.56 -19.02 33.54
C MET A 463 -12.96 -18.87 34.10
N ILE A 464 -13.56 -20.00 34.47
CA ILE A 464 -14.94 -19.95 34.94
C ILE A 464 -15.05 -19.27 36.30
N ALA A 465 -14.11 -19.54 37.21
CA ALA A 465 -14.08 -18.86 38.49
C ALA A 465 -13.94 -17.35 38.32
N ARG A 466 -13.12 -16.92 37.36
CA ARG A 466 -12.91 -15.49 37.14
C ARG A 466 -14.13 -14.82 36.47
N ASP A 467 -14.80 -15.54 35.59
CA ASP A 467 -15.72 -14.91 34.64
C ASP A 467 -17.19 -15.27 34.81
N LYS A 468 -17.50 -16.10 35.82
CA LYS A 468 -18.85 -16.67 35.99
C LYS A 468 -19.97 -15.62 36.10
N ASN A 469 -19.67 -14.46 36.67
CA ASN A 469 -20.71 -13.47 36.93
C ASN A 469 -21.09 -12.57 35.75
N HIS A 470 -20.34 -12.64 34.65
CA HIS A 470 -20.64 -11.79 33.48
C HIS A 470 -21.88 -12.28 32.75
N PRO A 471 -22.91 -11.42 32.64
CA PRO A 471 -24.07 -11.80 31.83
C PRO A 471 -23.74 -11.91 30.35
N CYS A 472 -22.71 -11.20 29.88
CA CYS A 472 -22.36 -11.22 28.45
C CYS A 472 -21.86 -12.58 28.00
N ILE A 473 -21.26 -13.35 28.91
CA ILE A 473 -20.79 -14.68 28.54
C ILE A 473 -21.96 -15.67 28.46
N VAL A 474 -22.15 -16.28 27.29
CA VAL A 474 -23.27 -17.19 27.12
C VAL A 474 -22.84 -18.63 26.86
N MET A 475 -21.54 -18.83 26.67
CA MET A 475 -21.01 -20.15 26.31
C MET A 475 -19.51 -20.24 26.58
N TRP A 476 -19.07 -21.44 26.96
CA TRP A 476 -17.66 -21.73 27.17
C TRP A 476 -17.11 -22.57 26.03
N SER A 477 -15.89 -22.25 25.59
CA SER A 477 -15.17 -23.10 24.64
C SER A 477 -13.97 -23.75 25.33
N ILE A 478 -13.90 -25.08 25.28
CA ILE A 478 -12.85 -25.77 26.02
C ILE A 478 -11.58 -26.04 25.21
N ALA A 479 -11.61 -25.72 23.91
CA ALA A 479 -10.44 -25.86 23.06
C ALA A 479 -10.66 -25.26 21.69
N ASN A 480 -9.57 -24.92 21.01
CA ASN A 480 -9.65 -24.52 19.61
C ASN A 480 -8.86 -25.44 18.69
N GLU A 481 -9.56 -26.04 17.74
CA GLU A 481 -8.98 -26.93 16.73
C GLU A 481 -8.03 -28.02 17.26
N PRO A 482 -8.49 -28.82 18.23
CA PRO A 482 -7.67 -29.98 18.61
C PRO A 482 -7.80 -31.12 17.60
N GLY A 483 -6.87 -32.07 17.60
CA GLY A 483 -7.01 -33.26 16.77
C GLY A 483 -8.14 -34.14 17.29
N LEU A 484 -9.14 -34.42 16.46
CA LEU A 484 -10.30 -35.19 16.92
C LEU A 484 -10.65 -36.38 16.03
N ASP A 485 -10.11 -36.40 14.82
CA ASP A 485 -10.52 -37.37 13.81
C ASP A 485 -9.41 -38.38 13.55
N GLY A 486 -9.59 -39.19 12.50
CA GLY A 486 -8.59 -40.17 12.13
C GLY A 486 -9.12 -41.59 12.27
N ASP A 487 -8.22 -42.56 12.30
CA ASP A 487 -8.66 -43.95 12.44
C ASP A 487 -8.07 -44.60 13.67
N GLY A 488 -8.31 -45.90 13.80
CA GLY A 488 -7.92 -46.63 14.99
C GLY A 488 -8.58 -46.06 16.22
N GLU A 489 -7.79 -45.87 17.27
CA GLU A 489 -8.29 -45.41 18.56
C GLU A 489 -8.25 -43.88 18.72
N ARG A 490 -7.67 -43.18 17.74
CA ARG A 490 -7.49 -41.73 17.88
C ARG A 490 -8.78 -40.95 18.19
N PRO A 491 -9.89 -41.19 17.45
CA PRO A 491 -11.12 -40.46 17.80
C PRO A 491 -11.60 -40.75 19.20
N ARG A 492 -11.51 -42.01 19.62
CA ARG A 492 -11.93 -42.40 20.96
C ARG A 492 -11.04 -41.77 22.03
N GLN A 493 -9.73 -41.75 21.76
CA GLN A 493 -8.78 -41.12 22.68
C GLN A 493 -9.07 -39.62 22.85
N ALA A 494 -9.37 -38.95 21.75
CA ALA A 494 -9.75 -37.54 21.79
C ALA A 494 -11.04 -37.37 22.61
N TYR A 495 -12.05 -38.20 22.32
CA TYR A 495 -13.31 -38.14 23.08
C TYR A 495 -13.09 -38.34 24.58
N ASP A 496 -12.33 -39.36 24.94
CA ASP A 496 -12.09 -39.67 26.34
C ASP A 496 -11.29 -38.54 27.00
N TYR A 497 -10.48 -37.84 26.22
CA TYR A 497 -9.77 -36.69 26.80
C TYR A 497 -10.73 -35.51 27.05
N PHE A 498 -11.55 -35.18 26.07
CA PHE A 498 -12.34 -33.94 26.14
C PHE A 498 -13.65 -34.05 26.93
N ARG A 499 -14.25 -35.23 26.94
CA ARG A 499 -15.53 -35.42 27.62
C ARG A 499 -15.52 -35.02 29.10
N PRO A 500 -14.48 -35.45 29.87
CA PRO A 500 -14.49 -34.98 31.26
C PRO A 500 -14.23 -33.48 31.39
N LEU A 501 -13.63 -32.86 30.38
CA LEU A 501 -13.44 -31.41 30.39
C LEU A 501 -14.76 -30.69 30.10
N TYR A 502 -15.54 -31.24 29.17
CA TYR A 502 -16.91 -30.80 28.94
C TYR A 502 -17.70 -30.85 30.25
N GLU A 503 -17.60 -31.97 30.95
CA GLU A 503 -18.32 -32.15 32.21
C GLU A 503 -17.84 -31.18 33.28
N LEU A 504 -16.53 -30.97 33.35
CA LEU A 504 -15.94 -30.04 34.31
C LEU A 504 -16.44 -28.60 34.08
N ALA A 505 -16.54 -28.21 32.81
CA ALA A 505 -17.03 -26.87 32.49
C ALA A 505 -18.46 -26.69 32.96
N HIS A 506 -19.28 -27.73 32.81
CA HIS A 506 -20.66 -27.67 33.28
C HIS A 506 -20.74 -27.63 34.81
N ALA A 507 -19.91 -28.44 35.47
CA ALA A 507 -19.91 -28.50 36.92
C ALA A 507 -19.39 -27.21 37.57
N SER A 508 -18.45 -26.53 36.90
CA SER A 508 -17.80 -25.39 37.51
C SER A 508 -18.65 -24.13 37.40
N ASP A 509 -19.50 -24.08 36.39
CA ASP A 509 -20.31 -22.90 36.13
C ASP A 509 -21.65 -22.98 36.84
N PRO A 510 -21.85 -22.13 37.85
CA PRO A 510 -23.12 -22.12 38.59
C PRO A 510 -24.30 -21.77 37.68
N GLN A 511 -24.05 -21.07 36.57
CA GLN A 511 -25.13 -20.76 35.62
C GLN A 511 -25.38 -21.94 34.67
N ASN A 512 -24.45 -22.89 34.64
CA ASN A 512 -24.56 -24.05 33.74
C ASN A 512 -24.80 -23.66 32.28
N ARG A 513 -24.00 -22.74 31.77
CA ARG A 513 -24.07 -22.35 30.37
C ARG A 513 -23.65 -23.49 29.44
N PRO A 514 -24.09 -23.42 28.17
CA PRO A 514 -23.64 -24.38 27.17
C PRO A 514 -22.13 -24.41 27.03
N VAL A 515 -21.62 -25.57 26.62
CA VAL A 515 -20.20 -25.79 26.47
C VAL A 515 -19.94 -26.29 25.06
N THR A 516 -18.96 -25.70 24.39
CA THR A 516 -18.60 -26.14 23.05
C THR A 516 -17.11 -26.42 22.97
N LEU A 517 -16.71 -26.94 21.83
CA LEU A 517 -15.32 -27.13 21.47
C LEU A 517 -15.21 -26.63 20.05
N VAL A 518 -14.31 -25.70 19.77
CA VAL A 518 -14.25 -25.13 18.42
C VAL A 518 -13.46 -26.07 17.50
N CYS A 519 -14.12 -26.54 16.45
CA CYS A 519 -13.59 -27.66 15.69
C CYS A 519 -12.85 -27.29 14.41
N CYS A 520 -11.68 -27.92 14.22
CA CYS A 520 -10.88 -27.73 13.02
C CYS A 520 -11.62 -28.31 11.82
N GLN A 521 -11.29 -27.79 10.64
CA GLN A 521 -11.76 -28.37 9.39
C GLN A 521 -11.15 -29.76 9.24
N ASN A 522 -11.90 -30.78 9.60
CA ASN A 522 -11.34 -32.12 9.66
C ASN A 522 -12.22 -33.12 8.94
N ASP A 523 -11.93 -34.41 9.12
CA ASP A 523 -12.83 -35.45 8.63
C ASP A 523 -13.97 -35.57 9.62
N TYR A 524 -15.07 -34.88 9.31
CA TYR A 524 -16.21 -34.84 10.22
C TYR A 524 -16.87 -36.22 10.38
N THR A 525 -16.58 -37.15 9.47
CA THR A 525 -17.16 -38.49 9.59
C THR A 525 -16.44 -39.39 10.62
N THR A 526 -15.17 -39.11 10.94
CA THR A 526 -14.48 -39.93 11.94
C THR A 526 -14.30 -39.20 13.28
N ASP A 527 -14.44 -37.89 13.26
CA ASP A 527 -14.54 -37.09 14.48
C ASP A 527 -15.80 -37.56 15.23
N ILE A 528 -15.64 -38.02 16.47
CA ILE A 528 -16.82 -38.41 17.26
C ILE A 528 -17.02 -37.52 18.48
N THR A 529 -16.22 -36.48 18.60
CA THR A 529 -16.27 -35.61 19.77
C THR A 529 -17.10 -34.36 19.54
N GLU A 530 -16.88 -33.67 18.41
CA GLU A 530 -17.53 -32.38 18.17
C GLU A 530 -19.05 -32.48 18.25
N ARG A 531 -19.60 -33.55 17.70
CA ARG A 531 -21.05 -33.74 17.66
C ARG A 531 -21.67 -33.90 19.05
N THR A 532 -20.85 -34.09 20.08
CA THR A 532 -21.40 -34.26 21.42
C THR A 532 -21.43 -32.94 22.21
N MET A 533 -20.95 -31.86 21.61
CA MET A 533 -20.99 -30.57 22.30
C MET A 533 -22.42 -29.99 22.31
N ASP A 534 -22.66 -29.01 23.18
CA ASP A 534 -24.00 -28.41 23.29
C ASP A 534 -24.33 -27.56 22.08
N VAL A 535 -23.31 -26.85 21.59
CA VAL A 535 -23.41 -26.16 20.30
C VAL A 535 -22.24 -26.61 19.44
N VAL A 536 -22.51 -26.96 18.20
CA VAL A 536 -21.44 -27.31 17.27
C VAL A 536 -20.83 -26.04 16.69
N CYS A 537 -19.55 -25.82 16.99
CA CYS A 537 -18.86 -24.63 16.49
C CYS A 537 -17.78 -25.05 15.52
N ILE A 538 -17.94 -24.69 14.25
CA ILE A 538 -17.01 -25.18 13.26
C ILE A 538 -16.18 -24.07 12.61
N ASN A 539 -14.92 -24.39 12.35
CA ASN A 539 -14.02 -23.53 11.59
C ASN A 539 -13.86 -24.09 10.20
N ARG A 540 -14.33 -23.36 9.18
CA ARG A 540 -14.30 -23.89 7.82
C ARG A 540 -13.73 -22.88 6.82
N TYR A 541 -12.85 -23.36 5.96
CA TYR A 541 -12.16 -22.49 5.02
C TYR A 541 -12.25 -23.06 3.60
N TYR A 542 -13.41 -23.65 3.29
CA TYR A 542 -13.70 -24.04 1.90
C TYR A 542 -13.53 -22.83 1.00
N GLY A 543 -12.75 -23.00 -0.08
CA GLY A 543 -12.49 -21.90 -0.99
C GLY A 543 -11.26 -21.08 -0.68
N TRP A 544 -10.70 -21.25 0.52
CA TRP A 544 -9.43 -20.60 0.82
C TRP A 544 -8.31 -21.65 0.94
N TYR A 545 -8.34 -22.48 2.00
CA TYR A 545 -7.31 -23.49 2.18
C TYR A 545 -7.51 -24.74 1.32
N ASN A 546 -8.72 -24.92 0.79
CA ASN A 546 -8.94 -25.95 -0.23
C ASN A 546 -9.92 -25.42 -1.25
N LEU A 547 -10.07 -26.11 -2.37
CA LEU A 547 -10.90 -25.64 -3.49
C LEU A 547 -10.62 -24.17 -3.74
N SER A 548 -9.33 -23.83 -3.74
CA SER A 548 -8.90 -22.46 -3.55
C SER A 548 -9.35 -21.53 -4.67
N GLY A 549 -10.01 -20.44 -4.27
CA GLY A 549 -10.49 -19.45 -5.21
C GLY A 549 -11.73 -19.84 -6.01
N ASP A 550 -12.20 -21.07 -5.81
CA ASP A 550 -13.38 -21.57 -6.53
C ASP A 550 -14.59 -21.56 -5.61
N LEU A 551 -15.39 -20.49 -5.67
CA LEU A 551 -16.47 -20.31 -4.70
C LEU A 551 -17.66 -21.23 -4.98
N ASP A 552 -17.88 -21.60 -6.24
CA ASP A 552 -18.92 -22.60 -6.56
C ASP A 552 -18.62 -23.93 -5.89
N ALA A 553 -17.39 -24.42 -6.11
CA ALA A 553 -16.98 -25.68 -5.52
C ALA A 553 -16.96 -25.59 -3.99
N ALA A 554 -16.50 -24.45 -3.49
CA ALA A 554 -16.47 -24.24 -2.04
C ALA A 554 -17.88 -24.33 -1.45
N CYS A 555 -18.85 -23.72 -2.13
CA CYS A 555 -20.21 -23.75 -1.65
C CYS A 555 -20.82 -25.15 -1.74
N HIS A 556 -20.44 -25.88 -2.78
CA HIS A 556 -20.87 -27.27 -2.93
C HIS A 556 -20.37 -28.14 -1.77
N ALA A 557 -19.06 -28.06 -1.50
CA ALA A 557 -18.47 -28.82 -0.41
C ALA A 557 -19.10 -28.45 0.93
N LEU A 558 -19.26 -27.15 1.15
CA LEU A 558 -19.89 -26.67 2.37
C LEU A 558 -21.27 -27.29 2.52
N ASN A 559 -22.06 -27.27 1.44
CA ASN A 559 -23.42 -27.80 1.51
C ASN A 559 -23.46 -29.30 1.79
N ILE A 560 -22.48 -30.03 1.26
CA ILE A 560 -22.40 -31.45 1.62
C ILE A 560 -22.15 -31.64 3.14
N GLU A 561 -21.21 -30.88 3.70
CA GLU A 561 -20.97 -31.02 5.15
C GLU A 561 -22.19 -30.52 5.95
N LEU A 562 -22.87 -29.50 5.43
CA LEU A 562 -24.07 -28.98 6.09
C LEU A 562 -25.16 -30.05 6.09
N ASP A 563 -25.25 -30.86 5.03
CA ASP A 563 -26.22 -31.96 5.04
C ASP A 563 -25.87 -32.91 6.18
N PHE A 564 -24.57 -33.17 6.37
CA PHE A 564 -24.16 -33.97 7.52
C PHE A 564 -24.62 -33.35 8.86
N TRP A 565 -24.36 -32.06 9.07
CA TRP A 565 -24.71 -31.46 10.37
C TRP A 565 -26.22 -31.35 10.56
N GLU A 566 -26.94 -31.19 9.45
CA GLU A 566 -28.39 -31.17 9.47
C GLU A 566 -28.87 -32.50 10.04
N ASN A 567 -28.21 -33.55 9.60
CA ASN A 567 -28.58 -34.89 10.06
C ASN A 567 -28.16 -35.09 11.53
N ILE A 568 -27.09 -34.42 11.97
CA ILE A 568 -26.66 -34.52 13.37
C ILE A 568 -27.71 -33.94 14.34
N GLY A 569 -28.39 -32.89 13.91
CA GLY A 569 -29.48 -32.32 14.71
C GLY A 569 -29.10 -31.45 15.90
N LYS A 570 -27.85 -31.01 15.97
CA LYS A 570 -27.43 -30.06 16.99
C LYS A 570 -27.49 -28.63 16.41
N PRO A 571 -27.63 -27.61 17.26
CA PRO A 571 -27.45 -26.27 16.70
C PRO A 571 -26.00 -26.07 16.28
N VAL A 572 -25.79 -25.41 15.15
CA VAL A 572 -24.46 -25.25 14.56
C VAL A 572 -24.16 -23.79 14.25
N MET A 573 -22.92 -23.35 14.44
CA MET A 573 -22.51 -22.02 14.02
C MET A 573 -21.07 -22.03 13.50
N PHE A 574 -20.76 -21.07 12.62
CA PHE A 574 -19.37 -20.77 12.27
C PHE A 574 -18.70 -20.07 13.44
N THR A 575 -17.47 -20.48 13.76
CA THR A 575 -16.66 -19.70 14.69
C THR A 575 -15.42 -19.16 13.97
N GLU A 576 -15.16 -19.70 12.79
CA GLU A 576 -14.14 -19.15 11.87
C GLU A 576 -14.49 -19.44 10.42
N TYR A 577 -14.25 -18.45 9.57
CA TYR A 577 -14.19 -18.62 8.11
C TYR A 577 -13.75 -17.28 7.53
N GLY A 578 -12.91 -17.32 6.50
CA GLY A 578 -12.38 -16.08 5.94
C GLY A 578 -11.27 -16.28 4.93
N ALA A 579 -10.62 -15.16 4.59
CA ALA A 579 -9.69 -15.12 3.47
C ALA A 579 -8.70 -14.01 3.73
N ASP A 580 -7.41 -14.31 3.58
CA ASP A 580 -6.41 -13.25 3.75
C ASP A 580 -6.64 -12.20 2.70
N THR A 581 -6.56 -10.95 3.12
CA THR A 581 -6.97 -9.84 2.30
C THR A 581 -6.08 -8.64 2.56
N ILE A 582 -5.34 -8.20 1.54
CA ILE A 582 -4.49 -7.03 1.67
C ILE A 582 -5.27 -5.79 1.23
N GLU A 583 -5.52 -4.87 2.14
CA GLU A 583 -6.30 -3.68 1.80
C GLU A 583 -5.59 -2.94 0.66
N GLY A 584 -6.38 -2.50 -0.33
CA GLY A 584 -5.82 -1.83 -1.50
C GLY A 584 -5.58 -2.71 -2.72
N ILE A 585 -5.56 -4.02 -2.51
CA ILE A 585 -5.52 -4.93 -3.67
C ILE A 585 -6.94 -5.09 -4.17
N HIS A 586 -7.17 -4.74 -5.43
CA HIS A 586 -8.50 -4.74 -6.04
C HIS A 586 -8.52 -5.49 -7.36
N GLY A 587 -9.69 -6.01 -7.74
CA GLY A 587 -9.89 -6.59 -9.07
C GLY A 587 -11.36 -6.55 -9.46
N THR A 588 -11.64 -6.44 -10.76
CA THR A 588 -13.01 -6.55 -11.25
C THR A 588 -13.54 -7.97 -11.04
N HIS A 589 -12.65 -8.95 -11.12
CA HIS A 589 -12.99 -10.31 -10.71
C HIS A 589 -12.02 -10.71 -9.61
N GLY A 590 -12.46 -10.49 -8.37
CA GLY A 590 -11.59 -10.58 -7.21
C GLY A 590 -10.92 -11.92 -7.04
N GLU A 591 -9.59 -11.91 -7.01
CA GLU A 591 -8.81 -13.12 -6.73
C GLU A 591 -8.35 -13.12 -5.28
N MET A 592 -7.89 -14.27 -4.81
CA MET A 592 -7.40 -14.40 -3.42
C MET A 592 -6.40 -13.30 -3.07
N PHE A 593 -6.63 -12.65 -1.92
CA PHE A 593 -5.90 -11.50 -1.33
C PHE A 593 -6.52 -10.14 -1.71
N SER A 594 -7.42 -10.12 -2.70
CA SER A 594 -8.11 -8.87 -3.05
C SER A 594 -9.27 -8.58 -2.09
N GLU A 595 -9.64 -7.31 -1.97
CA GLU A 595 -10.77 -6.91 -1.14
C GLU A 595 -12.08 -7.52 -1.66
N GLU A 596 -12.21 -7.52 -2.99
CA GLU A 596 -13.38 -8.06 -3.65
C GLU A 596 -13.55 -9.55 -3.36
N PHE A 597 -12.47 -10.33 -3.38
CA PHE A 597 -12.58 -11.77 -3.09
C PHE A 597 -13.07 -11.99 -1.67
N GLN A 598 -12.55 -11.26 -0.69
CA GLN A 598 -13.01 -11.42 0.69
C GLN A 598 -14.51 -11.15 0.78
N ARG A 599 -14.92 -10.07 0.12
CA ARG A 599 -16.34 -9.71 0.06
C ARG A 599 -17.20 -10.82 -0.58
N ASP A 600 -16.77 -11.29 -1.75
CA ASP A 600 -17.46 -12.36 -2.47
C ASP A 600 -17.53 -13.62 -1.63
N TYR A 601 -16.46 -13.88 -0.88
CA TYR A 601 -16.34 -15.07 -0.05
C TYR A 601 -17.46 -15.08 0.97
N TYR A 602 -17.58 -13.98 1.70
CA TYR A 602 -18.66 -13.94 2.67
C TYR A 602 -20.05 -13.92 2.02
N ALA A 603 -20.23 -13.21 0.90
CA ALA A 603 -21.55 -13.20 0.26
C ALA A 603 -22.01 -14.60 -0.14
N ARG A 604 -21.11 -15.38 -0.75
CA ARG A 604 -21.47 -16.72 -1.18
C ARG A 604 -21.73 -17.68 0.00
N ILE A 605 -20.79 -17.70 0.95
CA ILE A 605 -20.94 -18.65 2.07
C ILE A 605 -22.21 -18.34 2.87
N ASN A 606 -22.41 -17.07 3.16
CA ASN A 606 -23.54 -16.66 3.98
C ASN A 606 -24.87 -16.92 3.28
N ALA A 607 -24.90 -16.77 1.95
CA ALA A 607 -26.11 -17.15 1.22
C ALA A 607 -26.37 -18.64 1.42
N GLU A 608 -25.32 -19.45 1.49
CA GLU A 608 -25.60 -20.88 1.73
C GLU A 608 -26.13 -21.17 3.15
N ILE A 609 -25.52 -20.59 4.19
CA ILE A 609 -26.01 -20.90 5.54
C ILE A 609 -27.39 -20.27 5.86
N ASP A 610 -27.76 -19.21 5.13
CA ASP A 610 -29.09 -18.63 5.34
C ASP A 610 -30.22 -19.64 5.05
N LYS A 611 -29.92 -20.67 4.27
CA LYS A 611 -30.92 -21.68 3.93
C LYS A 611 -31.12 -22.72 5.02
N ARG A 612 -30.30 -22.70 6.06
CA ARG A 612 -30.35 -23.73 7.10
C ARG A 612 -30.88 -23.18 8.42
N PRO A 613 -32.11 -23.58 8.79
CA PRO A 613 -32.76 -23.07 10.01
C PRO A 613 -32.03 -23.43 11.28
N TRP A 614 -31.26 -24.53 11.24
CA TRP A 614 -30.53 -25.01 12.41
C TRP A 614 -29.15 -24.34 12.55
N PHE A 615 -28.78 -23.50 11.59
CA PHE A 615 -27.51 -22.77 11.64
C PHE A 615 -27.75 -21.43 12.35
N ILE A 616 -27.28 -21.34 13.59
CA ILE A 616 -27.69 -20.29 14.52
C ILE A 616 -26.67 -19.18 14.73
N GLY A 617 -25.62 -19.15 13.92
CA GLY A 617 -24.62 -18.11 14.10
C GLY A 617 -23.51 -18.08 13.08
N GLU A 618 -22.98 -16.87 12.87
CA GLU A 618 -21.85 -16.69 11.98
C GLU A 618 -20.80 -15.82 12.66
N GLN A 619 -19.77 -16.46 13.16
CA GLN A 619 -18.60 -15.72 13.64
C GLN A 619 -17.48 -16.02 12.66
N LEU A 620 -17.02 -14.98 11.98
CA LEU A 620 -15.97 -15.13 10.99
C LEU A 620 -14.58 -14.99 11.61
N TRP A 621 -13.57 -15.26 10.81
CA TRP A 621 -12.18 -15.01 11.18
C TRP A 621 -11.61 -14.03 10.18
N ASN A 622 -11.11 -12.87 10.60
CA ASN A 622 -11.03 -12.42 12.01
C ASN A 622 -11.59 -10.99 12.07
N PHE A 623 -11.87 -10.52 13.27
CA PHE A 623 -12.24 -9.11 13.48
C PHE A 623 -11.22 -8.15 12.83
N ALA A 624 -9.94 -8.39 13.09
CA ALA A 624 -8.89 -7.47 12.62
C ALA A 624 -7.59 -8.21 12.36
N ASP A 625 -6.85 -7.78 11.34
CA ASP A 625 -5.52 -8.32 11.08
C ASP A 625 -4.66 -8.34 12.34
N PHE A 626 -3.86 -9.40 12.53
CA PHE A 626 -3.10 -9.54 13.77
C PHE A 626 -1.73 -10.18 13.51
N ALA A 627 -0.82 -10.02 14.48
CA ALA A 627 0.57 -10.49 14.33
C ALA A 627 0.71 -12.00 14.51
N THR A 628 1.51 -12.61 13.65
CA THR A 628 1.85 -14.03 13.77
C THR A 628 3.36 -14.23 13.68
N PHE A 629 3.82 -15.45 13.95
CA PHE A 629 5.16 -15.85 13.55
C PHE A 629 5.30 -15.69 12.06
N GLN A 630 6.50 -15.33 11.62
CA GLN A 630 6.72 -15.07 10.21
C GLN A 630 6.66 -16.37 9.42
N GLY A 631 6.25 -16.29 8.16
CA GLY A 631 6.19 -17.47 7.32
C GLY A 631 5.65 -17.13 5.94
N ILE A 632 5.71 -18.09 5.03
CA ILE A 632 5.39 -17.83 3.62
C ILE A 632 3.90 -17.57 3.35
N ILE A 633 3.02 -17.87 4.31
CA ILE A 633 1.60 -17.57 4.09
C ILE A 633 1.13 -16.39 4.94
N ARG A 634 2.07 -15.74 5.60
CA ARG A 634 1.71 -14.63 6.47
C ARG A 634 2.31 -13.29 6.05
N VAL A 635 1.50 -12.46 5.40
CA VAL A 635 1.93 -11.17 4.91
C VAL A 635 1.80 -10.12 6.00
N GLU A 636 2.88 -9.91 6.74
CA GLU A 636 2.87 -9.08 7.93
C GLU A 636 1.81 -9.61 8.90
N GLY A 637 1.79 -10.92 9.09
CA GLY A 637 0.85 -11.57 9.99
C GLY A 637 -0.37 -12.14 9.30
N ASN A 638 -1.41 -12.38 10.08
CA ASN A 638 -2.67 -12.91 9.55
C ASN A 638 -3.52 -11.77 9.00
N ARG A 639 -3.92 -11.86 7.73
CA ARG A 639 -4.64 -10.77 7.09
C ARG A 639 -6.09 -11.12 6.80
N LYS A 640 -6.65 -12.05 7.57
CA LYS A 640 -8.07 -12.39 7.42
C LYS A 640 -9.00 -11.42 8.16
N GLY A 641 -8.43 -10.40 8.79
CA GLY A 641 -9.25 -9.34 9.38
C GLY A 641 -10.18 -8.71 8.36
N ILE A 642 -11.42 -8.46 8.76
CA ILE A 642 -12.32 -7.65 7.93
C ILE A 642 -11.96 -6.19 8.18
N LEU A 643 -11.28 -5.95 9.29
CA LEU A 643 -10.62 -4.67 9.55
C LEU A 643 -9.11 -4.85 9.46
N THR A 644 -8.41 -3.78 9.09
CA THR A 644 -6.95 -3.76 9.18
C THR A 644 -6.53 -3.78 10.65
N ARG A 645 -5.23 -3.98 10.91
CA ARG A 645 -4.71 -3.95 12.27
C ARG A 645 -4.96 -2.61 12.94
N ASP A 646 -5.02 -1.54 12.15
CA ASP A 646 -5.32 -0.20 12.66
C ASP A 646 -6.85 0.06 12.66
N ARG A 647 -7.64 -1.01 12.54
CA ARG A 647 -9.10 -1.00 12.68
C ARG A 647 -9.84 -0.22 11.58
N GLN A 648 -9.27 -0.23 10.38
CA GLN A 648 -9.91 0.40 9.23
C GLN A 648 -10.66 -0.66 8.41
N PRO A 649 -11.86 -0.30 7.94
CA PRO A 649 -12.73 -1.29 7.28
C PRO A 649 -12.33 -1.61 5.82
N LYS A 650 -12.10 -2.88 5.55
CA LYS A 650 -11.96 -3.36 4.17
C LYS A 650 -13.36 -3.45 3.57
N MET A 651 -13.44 -3.61 2.25
CA MET A 651 -14.72 -3.74 1.55
C MET A 651 -15.69 -4.74 2.21
N ALA A 652 -15.14 -5.88 2.60
CA ALA A 652 -15.94 -6.93 3.22
C ALA A 652 -16.60 -6.43 4.52
N ALA A 653 -15.90 -5.57 5.25
CA ALA A 653 -16.49 -5.01 6.46
C ALA A 653 -17.74 -4.17 6.14
N HIS A 654 -17.70 -3.38 5.07
CA HIS A 654 -18.89 -2.61 4.65
C HIS A 654 -20.02 -3.54 4.22
N TRP A 655 -19.68 -4.58 3.45
CA TRP A 655 -20.71 -5.52 3.02
C TRP A 655 -21.36 -6.21 4.21
N LEU A 656 -20.53 -6.67 5.15
CA LEU A 656 -21.02 -7.34 6.35
C LEU A 656 -21.84 -6.40 7.22
N ARG A 657 -21.43 -5.14 7.30
CA ARG A 657 -22.19 -4.15 8.05
C ARG A 657 -23.60 -4.03 7.50
N GLU A 658 -23.68 -3.94 6.17
CA GLU A 658 -25.00 -3.89 5.52
C GLU A 658 -25.82 -5.16 5.80
N ARG A 659 -25.20 -6.33 5.66
CA ARG A 659 -25.93 -7.57 5.94
C ARG A 659 -26.42 -7.64 7.39
N TRP A 660 -25.54 -7.33 8.32
CA TRP A 660 -25.83 -7.49 9.73
C TRP A 660 -26.84 -6.47 10.21
N ALA A 661 -26.90 -5.31 9.55
CA ALA A 661 -27.95 -4.32 9.86
C ALA A 661 -29.36 -4.90 9.64
N GLY A 662 -29.48 -5.85 8.72
CA GLY A 662 -30.80 -6.42 8.43
C GLY A 662 -31.09 -7.73 9.16
N ILE A 663 -30.20 -8.13 10.06
CA ILE A 663 -30.39 -9.36 10.81
C ILE A 663 -30.59 -9.04 12.28
N PRO A 664 -31.78 -9.38 12.81
CA PRO A 664 -32.14 -9.12 14.20
C PRO A 664 -31.44 -10.10 15.14
N ASP A 665 -31.14 -9.67 16.36
CA ASP A 665 -30.55 -10.53 17.37
C ASP A 665 -31.45 -11.72 17.67
N TYR A 666 -32.76 -11.49 17.71
CA TYR A 666 -33.74 -12.54 18.00
C TYR A 666 -34.68 -12.79 16.83
N GLY A 667 -34.96 -14.06 16.56
CA GLY A 667 -35.99 -14.44 15.61
C GLY A 667 -35.62 -14.50 14.15
N TYR A 668 -34.33 -14.36 13.83
CA TYR A 668 -33.87 -14.46 12.45
C TYR A 668 -34.24 -15.83 11.86
N LYS A 669 -34.05 -16.87 12.65
CA LYS A 669 -34.42 -18.22 12.23
C LYS A 669 -35.39 -18.90 13.19
N ASN B 1 13.70 -25.73 -41.40
CA ASN B 1 14.37 -25.50 -40.12
C ASN B 1 14.66 -24.01 -39.84
N GLY B 2 15.06 -23.26 -40.87
CA GLY B 2 15.34 -21.85 -40.69
C GLY B 2 14.09 -21.04 -40.41
N MET B 3 14.19 -20.13 -39.43
CA MET B 3 13.09 -19.23 -39.14
C MET B 3 13.61 -17.80 -39.01
N LEU B 4 14.25 -17.31 -40.07
CA LEU B 4 14.75 -15.93 -40.10
C LEU B 4 13.60 -14.95 -39.92
N TYR B 5 13.77 -13.96 -39.06
CA TYR B 5 12.71 -12.98 -38.86
C TYR B 5 12.44 -12.25 -40.17
N PRO B 6 11.15 -12.09 -40.52
CA PRO B 6 10.73 -11.42 -41.75
C PRO B 6 11.38 -10.06 -41.94
N GLN B 7 11.85 -9.81 -43.16
CA GLN B 7 12.65 -8.63 -43.47
C GLN B 7 12.13 -7.96 -44.75
N SER B 8 12.17 -6.63 -44.78
CA SER B 8 11.82 -5.90 -45.99
C SER B 8 13.07 -5.30 -46.65
N ASN B 9 13.22 -5.55 -47.94
CA ASN B 9 14.30 -4.98 -48.75
C ASN B 9 13.86 -4.94 -50.21
N ASP B 10 14.80 -4.85 -51.14
CA ASP B 10 14.42 -4.69 -52.54
C ASP B 10 13.79 -5.96 -53.09
N SER B 11 14.09 -7.10 -52.46
CA SER B 11 13.56 -8.39 -52.90
C SER B 11 12.41 -8.89 -52.04
N ARG B 12 12.19 -8.27 -50.89
CA ARG B 12 11.24 -8.77 -49.90
C ARG B 12 10.40 -7.68 -49.26
N ILE B 13 9.13 -7.99 -48.99
CA ILE B 13 8.29 -7.06 -48.24
C ILE B 13 7.59 -7.77 -47.08
N VAL B 14 7.44 -7.04 -45.97
CA VAL B 14 6.69 -7.52 -44.83
C VAL B 14 5.42 -6.71 -44.65
N PHE B 15 4.29 -7.41 -44.53
CA PHE B 15 2.98 -6.83 -44.26
C PHE B 15 2.45 -7.31 -42.90
N PRO B 16 2.63 -6.49 -41.86
CA PRO B 16 2.16 -6.77 -40.50
C PRO B 16 0.65 -6.96 -40.42
N LEU B 17 0.21 -7.90 -39.59
CA LEU B 17 -1.21 -8.17 -39.42
C LEU B 17 -1.67 -7.94 -37.98
N ASP B 18 -0.82 -7.26 -37.22
CA ASP B 18 -1.16 -6.83 -35.87
C ASP B 18 -2.31 -5.83 -35.90
N GLY B 19 -2.95 -5.63 -34.76
CA GLY B 19 -3.97 -4.61 -34.64
C GLY B 19 -5.11 -5.14 -33.81
N VAL B 20 -6.31 -4.60 -34.02
CA VAL B 20 -7.48 -5.05 -33.30
C VAL B 20 -8.26 -6.07 -34.13
N TRP B 21 -8.19 -7.33 -33.71
CA TRP B 21 -8.90 -8.43 -34.38
C TRP B 21 -10.29 -8.67 -33.78
N ASP B 22 -11.07 -9.50 -34.47
CA ASP B 22 -12.31 -10.07 -33.94
C ASP B 22 -11.97 -11.32 -33.12
N PHE B 23 -12.83 -11.66 -32.16
CA PHE B 23 -12.50 -12.68 -31.18
C PHE B 23 -13.75 -13.29 -30.57
N ARG B 24 -13.74 -14.60 -30.38
CA ARG B 24 -14.81 -15.27 -29.63
C ARG B 24 -14.22 -16.35 -28.74
N THR B 25 -14.75 -16.54 -27.54
CA THR B 25 -14.42 -17.74 -26.77
C THR B 25 -15.14 -18.92 -27.40
N ALA B 26 -14.61 -20.12 -27.21
CA ALA B 26 -15.25 -21.33 -27.69
C ALA B 26 -15.26 -22.41 -26.60
N GLY B 27 -15.29 -23.68 -27.01
CA GLY B 27 -15.51 -24.77 -26.07
C GLY B 27 -14.28 -25.29 -25.33
N GLU B 28 -14.53 -26.12 -24.33
CA GLU B 28 -13.47 -26.75 -23.56
C GLU B 28 -12.60 -27.68 -24.41
N ASP B 29 -13.19 -28.34 -25.39
CA ASP B 29 -12.43 -29.24 -26.26
C ASP B 29 -12.83 -29.11 -27.73
N SER B 30 -13.55 -28.05 -28.07
CA SER B 30 -13.92 -27.86 -29.48
C SER B 30 -14.20 -26.40 -29.79
N TYR B 31 -14.29 -26.10 -31.08
CA TYR B 31 -14.70 -24.79 -31.55
C TYR B 31 -15.46 -24.99 -32.86
N PRO B 32 -16.36 -24.07 -33.21
CA PRO B 32 -17.10 -24.26 -34.47
C PRO B 32 -16.20 -24.03 -35.70
N ALA B 33 -15.94 -25.09 -36.47
CA ALA B 33 -15.08 -24.99 -37.64
C ALA B 33 -15.66 -24.06 -38.70
N GLU B 34 -16.98 -23.94 -38.73
CA GLU B 34 -17.63 -23.11 -39.74
C GLU B 34 -17.38 -21.63 -39.49
N TRP B 35 -16.84 -21.30 -38.33
CA TRP B 35 -16.44 -19.92 -38.06
C TRP B 35 -15.32 -19.48 -38.99
N ALA B 36 -14.60 -20.44 -39.56
CA ALA B 36 -13.57 -20.07 -40.52
C ALA B 36 -14.13 -19.68 -41.88
N ASP B 37 -15.43 -19.91 -42.09
CA ASP B 37 -16.02 -19.71 -43.43
C ASP B 37 -16.67 -18.34 -43.61
N ALA B 38 -16.86 -17.62 -42.52
CA ALA B 38 -17.59 -16.36 -42.54
C ALA B 38 -17.15 -15.52 -41.35
N PRO B 39 -17.46 -14.21 -41.36
CA PRO B 39 -17.12 -13.39 -40.18
C PRO B 39 -17.66 -13.96 -38.88
N LEU B 40 -16.86 -13.95 -37.81
CA LEU B 40 -17.32 -14.42 -36.51
C LEU B 40 -18.61 -13.71 -36.13
N PRO B 41 -19.57 -14.46 -35.61
CA PRO B 41 -20.80 -13.82 -35.13
C PRO B 41 -20.54 -13.08 -33.82
N GLU B 42 -21.13 -11.89 -33.69
CA GLU B 42 -21.03 -11.08 -32.46
C GLU B 42 -19.64 -11.04 -31.84
N PRO B 43 -18.62 -10.64 -32.62
CA PRO B 43 -17.24 -10.73 -32.11
C PRO B 43 -16.94 -9.69 -31.03
N LEU B 44 -15.98 -10.03 -30.17
CA LEU B 44 -15.37 -9.09 -29.26
C LEU B 44 -14.12 -8.52 -29.91
N PRO B 45 -13.71 -7.32 -29.51
CA PRO B 45 -12.41 -6.84 -30.00
C PRO B 45 -11.28 -7.46 -29.20
N MET B 46 -10.14 -7.67 -29.85
CA MET B 46 -8.98 -8.24 -29.17
C MET B 46 -7.70 -7.81 -29.87
N ALA B 47 -6.82 -7.13 -29.13
CA ALA B 47 -5.58 -6.62 -29.72
C ALA B 47 -4.55 -7.74 -29.92
N VAL B 48 -3.83 -7.63 -31.02
CA VAL B 48 -2.79 -8.58 -31.43
C VAL B 48 -1.56 -7.76 -31.79
N PRO B 49 -0.44 -7.99 -31.08
CA PRO B 49 -0.20 -9.13 -30.20
C PRO B 49 -0.57 -8.82 -28.76
N GLY B 50 -0.79 -9.87 -27.97
CA GLY B 50 -1.17 -9.72 -26.57
C GLY B 50 -1.81 -11.00 -26.09
N SER B 51 -1.73 -11.27 -24.79
CA SER B 51 -2.56 -12.33 -24.21
C SER B 51 -4.00 -11.86 -24.25
N TYR B 52 -4.95 -12.77 -24.41
CA TYR B 52 -6.34 -12.34 -24.41
C TYR B 52 -6.90 -12.20 -23.00
N ASN B 53 -6.22 -12.78 -22.00
CA ASN B 53 -6.85 -12.96 -20.69
C ASN B 53 -7.22 -11.68 -19.94
N ASP B 54 -6.41 -10.62 -20.08
CA ASP B 54 -6.68 -9.37 -19.38
C ASP B 54 -7.21 -8.26 -20.29
N GLN B 55 -7.73 -8.64 -21.45
CA GLN B 55 -8.28 -7.66 -22.39
C GLN B 55 -9.82 -7.55 -22.36
N ASN B 56 -10.47 -8.15 -21.36
CA ASN B 56 -11.91 -8.01 -21.23
C ASN B 56 -12.42 -8.25 -19.81
N ASP B 57 -12.73 -7.17 -19.11
CA ASP B 57 -13.14 -7.26 -17.72
C ASP B 57 -14.62 -7.60 -17.52
N GLU B 58 -15.38 -7.66 -18.60
CA GLU B 58 -16.76 -8.15 -18.52
C GLU B 58 -16.72 -9.67 -18.34
N LEU B 59 -15.74 -10.30 -18.98
CA LEU B 59 -15.55 -11.73 -18.85
C LEU B 59 -14.46 -12.05 -17.83
N ASN B 60 -14.37 -13.31 -17.43
CA ASN B 60 -13.26 -13.76 -16.59
C ASN B 60 -12.37 -14.69 -17.39
N LEU B 61 -11.63 -14.12 -18.34
CA LEU B 61 -10.88 -14.91 -19.31
C LEU B 61 -9.67 -15.59 -18.70
N ARG B 62 -9.25 -15.17 -17.52
CA ARG B 62 -8.22 -15.90 -16.79
C ARG B 62 -8.73 -17.27 -16.41
N ALA B 63 -10.04 -17.38 -16.23
CA ALA B 63 -10.68 -18.65 -15.89
C ALA B 63 -10.99 -19.51 -17.11
N HIS B 64 -10.75 -18.99 -18.32
CA HIS B 64 -11.12 -19.73 -19.52
C HIS B 64 -10.33 -21.03 -19.68
N TYR B 65 -11.03 -22.09 -20.07
CA TYR B 65 -10.42 -23.38 -20.35
C TYR B 65 -10.77 -23.86 -21.75
N GLY B 66 -9.76 -24.05 -22.58
CA GLY B 66 -9.98 -24.59 -23.92
C GLY B 66 -9.68 -23.64 -25.05
N TRP B 67 -10.62 -23.55 -25.99
CA TRP B 67 -10.40 -22.83 -27.25
C TRP B 67 -10.96 -21.42 -27.28
N VAL B 68 -10.26 -20.57 -28.04
CA VAL B 68 -10.81 -19.29 -28.48
C VAL B 68 -10.54 -19.19 -29.98
N VAL B 69 -11.21 -18.26 -30.65
CA VAL B 69 -11.01 -18.07 -32.08
C VAL B 69 -10.82 -16.59 -32.40
N TYR B 70 -9.66 -16.30 -32.98
CA TYR B 70 -9.32 -14.98 -33.50
C TYR B 70 -9.71 -14.91 -34.97
N GLN B 71 -10.02 -13.74 -35.46
CA GLN B 71 -10.26 -13.58 -36.89
C GLN B 71 -10.03 -12.15 -37.33
N ARG B 72 -9.50 -11.98 -38.53
CA ARG B 72 -9.45 -10.65 -39.12
C ARG B 72 -9.44 -10.77 -40.62
N SER B 73 -9.70 -9.65 -41.30
CA SER B 73 -9.54 -9.56 -42.74
C SER B 73 -8.31 -8.74 -43.10
N PHE B 74 -7.79 -8.96 -44.30
CA PHE B 74 -6.74 -8.12 -44.85
C PHE B 74 -6.79 -8.18 -46.36
N ALA B 75 -6.28 -7.14 -47.01
CA ALA B 75 -6.18 -7.09 -48.46
C ALA B 75 -4.85 -6.45 -48.85
N VAL B 76 -4.23 -6.99 -49.89
CA VAL B 76 -2.99 -6.42 -50.43
C VAL B 76 -3.05 -6.32 -51.95
N PRO B 77 -2.30 -5.37 -52.55
CA PRO B 77 -2.30 -5.19 -54.00
C PRO B 77 -1.83 -6.43 -54.75
N SER B 78 -2.52 -6.77 -55.83
CA SER B 78 -2.11 -7.89 -56.69
C SER B 78 -0.65 -7.78 -57.14
N ARG B 79 -0.20 -6.55 -57.41
CA ARG B 79 1.15 -6.33 -57.92
C ARG B 79 2.21 -6.68 -56.88
N LEU B 80 1.78 -6.85 -55.65
CA LEU B 80 2.69 -7.18 -54.57
C LEU B 80 2.91 -8.68 -54.42
N VAL B 81 1.87 -9.45 -54.65
CA VAL B 81 1.96 -10.90 -54.49
C VAL B 81 2.42 -11.55 -55.79
N ALA B 82 2.27 -10.83 -56.90
CA ALA B 82 2.54 -11.36 -58.23
C ALA B 82 3.95 -11.95 -58.35
N GLY B 83 4.01 -13.25 -58.62
CA GLY B 83 5.28 -13.93 -58.80
C GLY B 83 6.05 -14.20 -57.52
N GLN B 84 5.45 -13.87 -56.37
CA GLN B 84 6.14 -14.06 -55.11
C GLN B 84 5.67 -15.28 -54.33
N ARG B 85 6.58 -15.80 -53.52
CA ARG B 85 6.28 -16.78 -52.50
C ARG B 85 5.72 -16.05 -51.27
N MET B 86 4.50 -16.43 -50.88
CA MET B 86 3.79 -15.77 -49.79
C MET B 86 3.78 -16.61 -48.52
N ILE B 87 4.33 -16.07 -47.44
CA ILE B 87 4.46 -16.79 -46.19
C ILE B 87 3.70 -16.09 -45.07
N LEU B 88 2.83 -16.82 -44.38
CA LEU B 88 2.13 -16.29 -43.22
C LEU B 88 2.83 -16.76 -41.95
N ARG B 89 3.39 -15.83 -41.20
CA ARG B 89 4.16 -16.17 -40.01
C ARG B 89 3.49 -15.74 -38.71
N PHE B 90 3.42 -16.68 -37.78
CA PHE B 90 2.98 -16.45 -36.41
C PHE B 90 4.19 -16.51 -35.46
N ASP B 91 4.55 -15.37 -34.88
CA ASP B 91 5.69 -15.35 -33.96
C ASP B 91 5.42 -16.24 -32.73
N ALA B 92 4.18 -16.26 -32.26
CA ALA B 92 3.79 -17.18 -31.18
C ALA B 92 2.27 -17.26 -31.00
N ALA B 93 1.77 -18.47 -30.94
CA ALA B 93 0.38 -18.72 -30.57
C ALA B 93 0.37 -19.69 -29.39
N THR B 94 -0.15 -19.24 -28.26
CA THR B 94 0.01 -19.94 -27.01
C THR B 94 -1.29 -20.61 -26.58
N HIS B 95 -1.35 -21.95 -26.49
CA HIS B 95 -0.22 -22.86 -26.71
C HIS B 95 -0.26 -23.59 -28.06
N ALA B 96 -1.47 -23.81 -28.58
CA ALA B 96 -1.64 -24.54 -29.82
C ALA B 96 -2.60 -23.80 -30.71
N ALA B 97 -2.44 -23.95 -32.02
CA ALA B 97 -3.30 -23.21 -32.95
C ALA B 97 -3.65 -24.02 -34.19
N ASP B 98 -4.87 -23.84 -34.68
CA ASP B 98 -5.26 -24.25 -36.02
C ASP B 98 -5.44 -22.98 -36.85
N VAL B 99 -4.86 -22.94 -38.04
CA VAL B 99 -4.95 -21.74 -38.86
C VAL B 99 -5.70 -21.96 -40.17
N TYR B 100 -6.65 -21.06 -40.45
CA TYR B 100 -7.44 -21.09 -41.65
C TYR B 100 -7.27 -19.80 -42.45
N LEU B 101 -7.16 -19.94 -43.77
CA LEU B 101 -7.16 -18.79 -44.66
C LEU B 101 -8.21 -18.99 -45.73
N ASN B 102 -9.19 -18.09 -45.77
CA ASN B 102 -10.31 -18.18 -46.69
C ASN B 102 -10.98 -19.55 -46.66
N GLY B 103 -11.15 -20.08 -45.44
CA GLY B 103 -11.81 -21.34 -45.25
C GLY B 103 -10.94 -22.57 -45.38
N GLN B 104 -9.71 -22.40 -45.83
CA GLN B 104 -8.80 -23.54 -45.98
C GLN B 104 -7.94 -23.72 -44.74
N LEU B 105 -7.93 -24.92 -44.20
CA LEU B 105 -7.05 -25.23 -43.09
C LEU B 105 -5.61 -25.25 -43.60
N LEU B 106 -4.80 -24.32 -43.09
CA LEU B 106 -3.40 -24.25 -43.48
C LEU B 106 -2.59 -25.28 -42.73
N GLY B 107 -3.02 -25.59 -41.50
CA GLY B 107 -2.31 -26.50 -40.65
C GLY B 107 -2.42 -26.10 -39.20
N SER B 108 -1.67 -26.80 -38.36
CA SER B 108 -1.74 -26.62 -36.92
C SER B 108 -0.34 -26.53 -36.33
N HIS B 109 -0.25 -26.07 -35.09
CA HIS B 109 1.03 -26.01 -34.41
C HIS B 109 0.85 -26.22 -32.91
N PHE B 110 1.76 -26.97 -32.29
CA PHE B 110 1.85 -26.98 -30.84
C PHE B 110 3.20 -26.43 -30.41
N GLY B 111 3.16 -25.58 -29.38
CA GLY B 111 4.34 -24.97 -28.82
C GLY B 111 4.04 -23.49 -28.75
N GLY B 112 3.85 -23.00 -27.53
CA GLY B 112 3.32 -21.67 -27.33
C GLY B 112 4.30 -20.51 -27.41
N PHE B 113 5.57 -20.81 -27.64
CA PHE B 113 6.59 -19.78 -27.45
C PHE B 113 7.64 -19.74 -28.56
N LEU B 114 7.34 -20.39 -29.68
CA LEU B 114 8.23 -20.39 -30.83
C LEU B 114 7.42 -20.17 -32.11
N PRO B 115 8.03 -19.53 -33.11
CA PRO B 115 7.31 -19.13 -34.32
C PRO B 115 7.06 -20.29 -35.27
N PHE B 116 5.99 -20.17 -36.05
CA PHE B 116 5.68 -21.13 -37.10
C PHE B 116 5.08 -20.36 -38.26
N GLU B 117 5.13 -20.96 -39.45
CA GLU B 117 4.67 -20.25 -40.65
C GLU B 117 4.10 -21.22 -41.70
N PHE B 118 3.32 -20.66 -42.61
CA PHE B 118 2.67 -21.45 -43.66
C PHE B 118 2.88 -20.81 -45.02
N ASP B 119 3.10 -21.60 -46.06
CA ASP B 119 3.08 -21.07 -47.41
C ASP B 119 1.63 -20.87 -47.84
N VAL B 120 1.23 -19.61 -48.01
CA VAL B 120 -0.15 -19.30 -48.37
C VAL B 120 -0.29 -18.77 -49.80
N THR B 121 0.74 -18.96 -50.61
CA THR B 121 0.75 -18.46 -51.98
C THR B 121 -0.51 -18.84 -52.78
N SER B 122 -0.94 -20.08 -52.65
CA SER B 122 -2.11 -20.55 -53.40
C SER B 122 -3.42 -20.31 -52.66
N ALA B 123 -3.34 -20.09 -51.35
CA ALA B 123 -4.55 -19.90 -50.56
C ALA B 123 -5.03 -18.45 -50.61
N LEU B 124 -4.11 -17.53 -50.89
CA LEU B 124 -4.46 -16.12 -51.02
C LEU B 124 -5.29 -15.88 -52.27
N HIS B 125 -6.15 -14.87 -52.21
CA HIS B 125 -6.77 -14.36 -53.43
C HIS B 125 -6.88 -12.84 -53.34
N ALA B 126 -7.27 -12.23 -54.45
CA ALA B 126 -7.40 -10.78 -54.54
C ALA B 126 -8.51 -10.28 -53.63
N GLY B 127 -8.45 -9.01 -53.26
CA GLY B 127 -9.42 -8.43 -52.35
C GLY B 127 -9.27 -8.91 -50.92
N GLU B 128 -10.37 -8.86 -50.18
CA GLU B 128 -10.34 -9.23 -48.76
C GLU B 128 -10.12 -10.72 -48.56
N ASN B 129 -9.16 -11.05 -47.70
CA ASN B 129 -8.94 -12.43 -47.28
C ASN B 129 -9.39 -12.58 -45.85
N LEU B 130 -9.91 -13.75 -45.50
CA LEU B 130 -10.42 -14.00 -44.17
C LEU B 130 -9.49 -14.95 -43.42
N LEU B 131 -8.82 -14.42 -42.40
CA LEU B 131 -7.86 -15.19 -41.63
C LEU B 131 -8.44 -15.56 -40.28
N THR B 132 -8.58 -16.86 -40.03
CA THR B 132 -9.19 -17.35 -38.81
C THR B 132 -8.18 -18.22 -38.05
N VAL B 133 -7.99 -17.92 -36.76
CA VAL B 133 -6.98 -18.63 -35.98
C VAL B 133 -7.57 -19.13 -34.68
N ALA B 134 -7.72 -20.45 -34.57
CA ALA B 134 -8.20 -21.06 -33.34
C ALA B 134 -7.01 -21.30 -32.42
N VAL B 135 -7.09 -20.84 -31.18
CA VAL B 135 -5.99 -20.99 -30.22
C VAL B 135 -6.44 -21.75 -28.98
N ASP B 136 -5.66 -22.76 -28.63
CA ASP B 136 -5.95 -23.68 -27.52
C ASP B 136 -5.03 -23.38 -26.33
N ASN B 137 -5.61 -23.13 -25.15
CA ASN B 137 -4.79 -22.78 -23.98
C ASN B 137 -4.49 -23.95 -23.04
N ARG B 138 -4.92 -25.15 -23.41
CA ARG B 138 -4.90 -26.26 -22.47
C ARG B 138 -3.51 -26.81 -22.24
N ILE B 139 -3.24 -27.09 -20.98
CA ILE B 139 -1.99 -27.71 -20.55
C ILE B 139 -2.33 -28.98 -19.80
N GLY B 140 -1.39 -29.91 -19.74
CA GLY B 140 -1.63 -31.18 -19.08
C GLY B 140 -0.34 -31.97 -19.00
N SER B 141 -0.47 -33.27 -18.76
CA SER B 141 0.68 -34.12 -18.49
C SER B 141 1.57 -34.36 -19.71
N SER B 142 1.06 -34.03 -20.90
CA SER B 142 1.87 -34.21 -22.10
C SER B 142 2.28 -32.90 -22.77
N THR B 143 1.95 -31.75 -22.17
CA THR B 143 2.37 -30.46 -22.73
C THR B 143 3.65 -29.91 -22.09
N LEU B 144 4.35 -29.05 -22.85
CA LEU B 144 5.40 -28.20 -22.28
C LEU B 144 5.00 -26.75 -22.53
N PRO B 145 4.81 -25.98 -21.46
CA PRO B 145 5.00 -26.35 -20.05
C PRO B 145 3.97 -27.35 -19.53
N VAL B 146 4.29 -28.03 -18.43
CA VAL B 146 3.53 -29.18 -17.97
C VAL B 146 2.33 -28.79 -17.13
N GLY B 147 1.17 -29.35 -17.44
CA GLY B 147 0.00 -29.20 -16.59
C GLY B 147 -0.29 -30.49 -15.84
N ASN B 148 -1.12 -30.41 -14.81
CA ASN B 148 -1.57 -31.61 -14.12
C ASN B 148 -2.96 -31.99 -14.65
N ASP B 149 -3.18 -33.28 -14.87
CA ASP B 149 -4.46 -33.74 -15.40
C ASP B 149 -5.54 -33.70 -14.31
N ALA B 150 -5.12 -33.77 -13.05
CA ALA B 150 -6.04 -33.60 -11.92
C ALA B 150 -5.34 -33.05 -10.67
N GLY B 151 -6.12 -32.44 -9.78
CA GLY B 151 -5.60 -32.00 -8.49
C GLY B 151 -5.53 -30.50 -8.23
N THR B 152 -4.31 -30.02 -7.99
CA THR B 152 -4.09 -28.61 -7.66
C THR B 152 -2.89 -28.05 -8.48
N ALA B 153 -2.59 -26.75 -8.41
CA ALA B 153 -1.48 -26.09 -9.13
C ALA B 153 -0.08 -26.16 -8.38
N PHE B 154 1.05 -25.67 -8.97
CA PHE B 154 2.41 -25.59 -8.35
C PHE B 154 2.27 -24.73 -7.03
N MET B 155 2.66 -25.30 -5.88
CA MET B 155 2.49 -24.66 -4.54
C MET B 155 1.02 -24.41 -4.16
N GLY B 156 0.23 -25.47 -4.21
CA GLY B 156 -1.18 -25.36 -3.95
C GLY B 156 -1.58 -26.00 -2.65
N SER B 157 -2.71 -25.55 -2.13
CA SER B 157 -3.23 -26.02 -0.86
C SER B 157 -4.36 -27.03 -1.05
N ASN B 161 -9.34 -35.83 1.40
CA ASN B 161 -9.83 -37.05 2.05
C ASN B 161 -11.31 -36.93 2.43
N VAL B 162 -11.70 -35.73 2.86
CA VAL B 162 -13.07 -35.43 3.27
C VAL B 162 -14.07 -35.52 2.11
N PRO B 163 -15.18 -36.25 2.32
CA PRO B 163 -16.16 -36.50 1.25
C PRO B 163 -16.74 -35.24 0.62
N ALA B 164 -16.90 -34.18 1.42
CA ALA B 164 -17.41 -32.94 0.86
C ALA B 164 -16.42 -32.41 -0.17
N VAL B 165 -15.14 -32.46 0.16
CA VAL B 165 -14.09 -31.94 -0.72
C VAL B 165 -13.91 -32.81 -1.96
N ALA B 166 -13.86 -34.12 -1.78
CA ALA B 166 -13.70 -35.06 -2.89
C ALA B 166 -14.85 -34.92 -3.88
N GLU B 167 -16.06 -34.85 -3.34
CA GLU B 167 -17.24 -34.76 -4.20
C GLU B 167 -17.26 -33.40 -4.92
N ALA B 168 -16.98 -32.32 -4.19
CA ALA B 168 -16.97 -30.99 -4.82
C ALA B 168 -15.92 -30.90 -5.92
N LYS B 169 -14.75 -31.49 -5.66
CA LYS B 169 -13.65 -31.51 -6.59
C LYS B 169 -14.04 -32.23 -7.88
N LYS B 170 -14.75 -33.35 -7.75
CA LYS B 170 -15.15 -34.09 -8.95
C LYS B 170 -16.10 -33.31 -9.85
N HIS B 171 -16.86 -32.38 -9.29
CA HIS B 171 -17.82 -31.60 -10.08
C HIS B 171 -17.38 -30.15 -10.33
N ALA B 172 -16.17 -29.81 -9.91
CA ALA B 172 -15.67 -28.45 -10.10
C ALA B 172 -15.53 -28.11 -11.58
N ARG B 173 -15.71 -26.83 -11.91
CA ARG B 173 -15.45 -26.36 -13.27
C ARG B 173 -14.03 -26.75 -13.68
N ARG B 174 -13.89 -27.29 -14.88
CA ARG B 174 -12.59 -27.66 -15.41
C ARG B 174 -11.68 -26.45 -15.59
N GLN B 175 -10.46 -26.56 -15.07
CA GLN B 175 -9.45 -25.51 -15.18
C GLN B 175 -8.11 -26.10 -15.58
N ASN B 176 -7.29 -25.31 -16.26
CA ASN B 176 -5.90 -25.68 -16.45
C ASN B 176 -5.23 -25.73 -15.09
N LEU B 177 -4.55 -26.83 -14.81
CA LEU B 177 -3.89 -26.98 -13.52
C LEU B 177 -2.43 -26.86 -13.79
N PRO B 178 -1.95 -25.63 -13.68
CA PRO B 178 -0.61 -25.47 -14.15
C PRO B 178 0.21 -26.24 -13.19
N ASN B 179 1.08 -27.00 -13.79
CA ASN B 179 2.16 -27.47 -12.97
C ASN B 179 3.28 -26.39 -12.97
N PHE B 180 2.87 -25.12 -13.04
CA PHE B 180 3.94 -24.08 -12.99
C PHE B 180 3.60 -22.78 -12.32
N ASP B 181 4.64 -22.04 -11.93
CA ASP B 181 4.43 -20.84 -11.08
C ASP B 181 4.46 -19.51 -11.85
N PHE B 182 3.69 -19.46 -12.93
CA PHE B 182 3.37 -18.24 -13.64
C PHE B 182 2.04 -18.44 -14.34
N PHE B 183 1.25 -17.37 -14.47
CA PHE B 183 -0.09 -17.53 -15.00
C PHE B 183 -0.09 -18.00 -16.46
N ASN B 184 -1.05 -18.86 -16.79
CA ASN B 184 -1.14 -19.45 -18.11
C ASN B 184 -1.74 -18.49 -19.15
N PHE B 185 -1.10 -17.34 -19.34
CA PHE B 185 -1.52 -16.35 -20.35
C PHE B 185 -1.50 -16.98 -21.74
N ALA B 186 -2.60 -16.85 -22.48
CA ALA B 186 -2.73 -17.53 -23.77
C ALA B 186 -3.14 -16.58 -24.91
N GLY B 187 -3.11 -17.10 -26.14
CA GLY B 187 -3.54 -16.31 -27.29
C GLY B 187 -2.41 -15.94 -28.22
N LEU B 188 -2.65 -14.92 -29.04
CA LEU B 188 -1.64 -14.48 -30.01
C LEU B 188 -0.65 -13.54 -29.31
N ASN B 189 0.21 -14.13 -28.50
CA ASN B 189 1.10 -13.37 -27.63
C ASN B 189 2.14 -12.55 -28.39
N ARG B 190 2.44 -12.94 -29.62
CA ARG B 190 3.45 -12.22 -30.40
C ARG B 190 2.93 -11.91 -31.81
N HIS B 191 3.73 -11.16 -32.57
CA HIS B 191 3.26 -10.59 -33.84
C HIS B 191 2.82 -11.61 -34.88
N VAL B 192 1.92 -11.17 -35.76
CA VAL B 192 1.51 -11.94 -36.91
C VAL B 192 1.85 -11.13 -38.15
N GLU B 193 2.46 -11.75 -39.15
CA GLU B 193 2.75 -11.01 -40.36
C GLU B 193 2.79 -11.87 -41.60
N LEU B 194 2.32 -11.27 -42.70
CA LEU B 194 2.46 -11.86 -44.02
C LEU B 194 3.76 -11.34 -44.61
N TYR B 195 4.55 -12.18 -45.26
CA TYR B 195 5.74 -11.67 -45.93
C TYR B 195 6.00 -12.38 -47.24
N THR B 196 6.89 -11.80 -48.05
CA THR B 196 7.18 -12.33 -49.36
C THR B 196 8.65 -12.67 -49.52
N THR B 197 8.93 -13.71 -50.32
CA THR B 197 10.27 -13.92 -50.84
C THR B 197 10.14 -14.21 -52.33
N PRO B 198 11.26 -14.16 -53.08
CA PRO B 198 11.19 -14.67 -54.44
C PRO B 198 10.80 -16.16 -54.45
N ALA B 199 10.10 -16.59 -55.49
CA ALA B 199 9.57 -17.95 -55.54
C ALA B 199 10.55 -18.97 -56.13
N ASP B 200 11.27 -18.57 -57.17
CA ASP B 200 12.15 -19.50 -57.87
C ASP B 200 13.33 -19.94 -57.01
N ALA B 201 13.95 -18.99 -56.33
CA ALA B 201 15.08 -19.29 -55.44
C ALA B 201 15.13 -18.26 -54.34
N TYR B 202 15.40 -18.68 -53.11
CA TYR B 202 15.37 -17.74 -51.99
C TYR B 202 16.25 -18.17 -50.83
N ILE B 203 16.69 -17.19 -50.04
CA ILE B 203 17.43 -17.47 -48.81
C ILE B 203 16.47 -18.00 -47.74
N ALA B 204 16.74 -19.21 -47.26
CA ALA B 204 15.87 -19.87 -46.29
C ALA B 204 16.42 -19.82 -44.87
N ASP B 205 17.75 -19.83 -44.74
CA ASP B 205 18.40 -19.81 -43.44
C ASP B 205 19.84 -19.28 -43.52
N ILE B 206 20.28 -18.66 -42.44
CA ILE B 206 21.66 -18.20 -42.31
C ILE B 206 22.18 -18.55 -40.92
N ALA B 207 23.39 -19.10 -40.86
CA ALA B 207 24.08 -19.31 -39.60
C ALA B 207 25.47 -18.72 -39.67
N ILE B 208 25.77 -17.84 -38.72
CA ILE B 208 27.10 -17.25 -38.57
C ILE B 208 27.73 -17.76 -37.28
N THR B 209 28.99 -18.17 -37.35
CA THR B 209 29.70 -18.63 -36.15
C THR B 209 31.05 -17.95 -36.01
N THR B 210 31.47 -17.76 -34.76
CA THR B 210 32.82 -17.31 -34.46
C THR B 210 33.68 -18.54 -34.25
N GLU B 211 34.54 -18.82 -35.23
CA GLU B 211 35.34 -20.04 -35.23
C GLU B 211 36.59 -19.92 -34.37
N ARG B 212 37.32 -18.82 -34.55
CA ARG B 212 38.57 -18.67 -33.79
C ARG B 212 38.94 -17.21 -33.63
N LEU B 213 39.60 -16.88 -32.52
CA LEU B 213 40.14 -15.54 -32.31
C LEU B 213 41.64 -15.62 -32.13
N ASP B 214 42.37 -14.79 -32.88
CA ASP B 214 43.82 -14.73 -32.75
C ASP B 214 44.25 -13.43 -32.11
N HIS B 215 45.09 -13.54 -31.08
CA HIS B 215 45.67 -12.39 -30.40
C HIS B 215 44.58 -11.44 -29.93
N ILE B 216 43.80 -11.89 -28.95
CA ILE B 216 42.79 -11.05 -28.32
C ILE B 216 43.51 -9.98 -27.48
N ALA B 217 43.09 -8.73 -27.62
CA ALA B 217 43.67 -7.64 -26.83
C ALA B 217 43.45 -7.89 -25.33
N GLY B 218 44.26 -7.22 -24.51
CA GLY B 218 44.14 -7.34 -23.06
C GLY B 218 42.77 -6.99 -22.53
N ASP B 219 42.12 -6.02 -23.16
CA ASP B 219 40.79 -5.60 -22.75
C ASP B 219 39.67 -6.30 -23.55
N ALA B 220 40.08 -7.22 -24.43
CA ALA B 220 39.13 -7.97 -25.26
C ALA B 220 38.27 -7.12 -26.19
N CYS B 221 38.67 -5.87 -26.42
CA CYS B 221 37.91 -5.01 -27.33
C CYS B 221 38.08 -5.44 -28.78
N THR B 222 39.25 -5.98 -29.10
CA THR B 222 39.52 -6.46 -30.45
C THR B 222 40.33 -7.75 -30.43
N ALA B 223 40.42 -8.39 -31.58
CA ALA B 223 41.39 -9.44 -31.83
C ALA B 223 42.08 -9.13 -33.14
N ALA B 224 43.38 -9.43 -33.23
CA ALA B 224 44.14 -9.16 -34.45
C ALA B 224 43.48 -9.85 -35.64
N ASN B 225 43.02 -11.08 -35.42
CA ASN B 225 42.28 -11.80 -36.45
C ASN B 225 41.14 -12.62 -35.84
N ALA B 226 40.00 -12.61 -36.54
CA ALA B 226 38.86 -13.44 -36.16
C ALA B 226 38.46 -14.27 -37.37
N LEU B 227 38.37 -15.58 -37.16
CA LEU B 227 37.90 -16.46 -38.21
C LEU B 227 36.43 -16.75 -37.92
N ILE B 228 35.58 -16.31 -38.83
CA ILE B 228 34.16 -16.58 -38.72
C ILE B 228 33.73 -17.49 -39.86
N ALA B 229 32.66 -18.25 -39.65
CA ALA B 229 32.15 -19.13 -40.69
C ALA B 229 30.72 -18.77 -41.00
N TYR B 230 30.35 -18.93 -42.26
CA TYR B 230 28.97 -18.73 -42.70
C TYR B 230 28.39 -20.00 -43.32
N ASP B 231 27.08 -20.12 -43.19
CA ASP B 231 26.33 -21.26 -43.69
C ASP B 231 24.95 -20.74 -44.12
N VAL B 232 24.74 -20.68 -45.44
CA VAL B 232 23.51 -20.16 -45.99
C VAL B 232 22.73 -21.28 -46.67
N THR B 233 21.46 -21.41 -46.33
CA THR B 233 20.61 -22.45 -46.88
C THR B 233 19.61 -21.78 -47.83
N PHE B 234 19.27 -22.47 -48.91
CA PHE B 234 18.36 -21.91 -49.91
C PHE B 234 17.16 -22.80 -50.17
N GLY B 235 16.05 -22.20 -50.57
CA GLY B 235 14.91 -22.96 -51.03
C GLY B 235 14.56 -22.61 -52.46
N GLY B 236 13.69 -23.44 -53.06
CA GLY B 236 13.19 -23.25 -54.40
C GLY B 236 13.77 -24.11 -55.50
N ASP B 237 13.22 -23.92 -56.70
CA ASP B 237 13.47 -24.69 -57.94
C ASP B 237 13.09 -26.18 -57.76
N GLY B 276 25.06 -23.67 -61.06
CA GLY B 276 25.87 -22.52 -61.41
C GLY B 276 25.43 -21.25 -60.68
N ARG B 277 24.84 -21.42 -59.51
CA ARG B 277 24.37 -20.26 -58.74
C ARG B 277 25.35 -19.84 -57.65
N GLN B 278 25.38 -18.54 -57.37
CA GLN B 278 26.30 -17.99 -56.39
C GLN B 278 25.60 -17.08 -55.40
N VAL B 279 26.16 -16.97 -54.21
CA VAL B 279 25.70 -15.98 -53.24
C VAL B 279 26.89 -15.13 -52.81
N ARG B 280 26.72 -13.82 -52.85
CA ARG B 280 27.75 -12.94 -52.34
C ARG B 280 27.45 -12.56 -50.88
N ILE B 281 28.47 -12.66 -50.05
CA ILE B 281 28.33 -12.35 -48.64
C ILE B 281 29.24 -11.21 -48.26
N SER B 282 28.63 -10.14 -47.74
CA SER B 282 29.38 -8.95 -47.35
C SER B 282 29.30 -8.73 -45.84
N ILE B 283 30.45 -8.49 -45.22
CA ILE B 283 30.49 -8.18 -43.80
C ILE B 283 30.56 -6.67 -43.61
N LEU B 284 29.55 -6.13 -42.94
CA LEU B 284 29.43 -4.71 -42.66
C LEU B 284 29.74 -4.44 -41.19
N ASP B 285 30.57 -3.44 -40.91
CA ASP B 285 30.86 -3.09 -39.52
C ASP B 285 29.77 -2.18 -38.94
N GLY B 286 29.96 -1.71 -37.72
CA GLY B 286 28.97 -0.89 -37.04
C GLY B 286 28.59 0.39 -37.78
N GLU B 287 29.49 0.85 -38.65
CA GLU B 287 29.30 2.08 -39.41
C GLU B 287 28.75 1.80 -40.81
N GLY B 288 28.55 0.52 -41.12
CA GLY B 288 28.02 0.12 -42.40
C GLY B 288 29.08 -0.06 -43.47
N THR B 289 30.34 0.06 -43.08
CA THR B 289 31.44 -0.09 -44.03
C THR B 289 31.62 -1.57 -44.34
N VAL B 290 31.67 -1.90 -45.62
CA VAL B 290 31.95 -3.29 -46.01
C VAL B 290 33.42 -3.55 -45.76
N VAL B 291 33.72 -4.41 -44.78
CA VAL B 291 35.10 -4.68 -44.39
C VAL B 291 35.59 -6.01 -44.96
N ALA B 292 34.66 -6.78 -45.51
CA ALA B 292 35.00 -8.07 -46.12
C ALA B 292 33.86 -8.53 -47.00
N GLY B 293 34.20 -9.35 -47.98
CA GLY B 293 33.22 -9.84 -48.93
C GLY B 293 33.79 -11.04 -49.66
N VAL B 294 32.92 -12.01 -49.92
CA VAL B 294 33.27 -13.20 -50.68
C VAL B 294 32.07 -13.61 -51.52
N THR B 295 32.35 -14.30 -52.62
CA THR B 295 31.29 -14.90 -53.42
C THR B 295 31.42 -16.42 -53.31
N ALA B 296 30.33 -17.07 -52.92
CA ALA B 296 30.38 -18.50 -52.67
C ALA B 296 29.49 -19.27 -53.64
N ASP B 297 29.88 -20.51 -53.92
CA ASP B 297 29.12 -21.37 -54.81
C ASP B 297 28.00 -22.07 -54.06
N ILE B 298 26.84 -22.19 -54.68
CA ILE B 298 25.73 -22.90 -54.07
C ILE B 298 25.68 -24.34 -54.57
N GLU B 299 25.81 -25.28 -53.64
CA GLU B 299 25.81 -26.70 -53.97
C GLU B 299 24.64 -27.45 -53.37
N ARG B 300 24.16 -28.46 -54.10
CA ARG B 300 23.12 -29.35 -53.59
C ARG B 300 23.72 -30.55 -52.86
N THR B 305 18.36 -29.54 -50.62
CA THR B 305 19.03 -28.73 -49.66
C THR B 305 20.20 -28.02 -50.31
N ALA B 306 19.91 -26.87 -50.91
CA ALA B 306 20.91 -26.05 -51.59
C ALA B 306 21.65 -25.26 -50.51
N LYS B 307 22.97 -25.23 -50.58
CA LYS B 307 23.76 -24.68 -49.50
C LYS B 307 24.99 -23.96 -50.03
N ALA B 308 25.34 -22.87 -49.37
CA ALA B 308 26.62 -22.22 -49.62
C ALA B 308 27.28 -22.08 -48.26
N SER B 309 28.58 -22.39 -48.18
CA SER B 309 29.23 -22.43 -46.89
C SER B 309 30.69 -22.05 -47.02
N GLY B 310 31.24 -21.41 -45.98
CA GLY B 310 32.65 -21.05 -46.04
C GLY B 310 33.13 -20.24 -44.84
N GLU B 311 34.35 -19.73 -44.94
CA GLU B 311 34.95 -18.93 -43.86
C GLU B 311 35.44 -17.57 -44.34
N ILE B 312 35.55 -16.65 -43.38
CA ILE B 312 36.01 -15.29 -43.63
C ILE B 312 36.91 -14.85 -42.48
N ALA B 313 38.08 -14.30 -42.82
CA ALA B 313 38.99 -13.73 -41.84
C ALA B 313 38.74 -12.23 -41.71
N ILE B 314 38.61 -11.77 -40.47
CA ILE B 314 38.36 -10.37 -40.16
C ILE B 314 39.55 -9.85 -39.38
N ARG B 315 40.30 -8.92 -39.97
CA ARG B 315 41.47 -8.36 -39.28
C ARG B 315 41.04 -7.26 -38.32
N ASP B 316 41.69 -7.23 -37.16
CA ASP B 316 41.40 -6.23 -36.13
C ASP B 316 39.91 -6.19 -35.81
N ALA B 317 39.31 -7.39 -35.75
CA ALA B 317 37.88 -7.52 -35.52
C ALA B 317 37.48 -6.92 -34.19
N LYS B 318 36.38 -6.17 -34.18
CA LYS B 318 35.87 -5.63 -32.93
C LYS B 318 34.93 -6.62 -32.28
N LEU B 319 35.29 -7.04 -31.07
CA LEU B 319 34.61 -8.12 -30.39
C LEU B 319 33.37 -7.67 -29.63
N TRP B 320 32.41 -8.60 -29.50
CA TRP B 320 31.22 -8.40 -28.69
C TRP B 320 31.52 -8.81 -27.25
N ASN B 321 31.32 -7.90 -26.31
CA ASN B 321 31.46 -8.22 -24.89
C ASN B 321 30.25 -7.78 -24.09
N PRO B 322 29.99 -8.45 -22.95
CA PRO B 322 29.01 -7.92 -22.01
C PRO B 322 29.40 -6.50 -21.59
N GLY B 323 28.44 -5.57 -21.60
CA GLY B 323 28.73 -4.20 -21.25
C GLY B 323 29.45 -3.41 -22.33
N ALA B 324 29.76 -4.07 -23.45
CA ALA B 324 30.47 -3.43 -24.56
C ALA B 324 30.16 -4.17 -25.85
N ALA B 325 28.92 -4.06 -26.30
CA ALA B 325 28.48 -4.74 -27.50
C ALA B 325 29.13 -4.16 -28.75
N TYR B 326 29.35 -5.01 -29.74
CA TYR B 326 29.68 -4.56 -31.07
C TYR B 326 29.07 -5.54 -32.05
N LEU B 327 28.34 -5.00 -33.04
CA LEU B 327 27.64 -5.85 -33.99
C LEU B 327 28.06 -5.59 -35.43
N TYR B 328 28.26 -6.69 -36.16
CA TYR B 328 28.43 -6.66 -37.60
C TYR B 328 27.14 -7.10 -38.28
N THR B 329 27.04 -6.87 -39.58
CA THR B 329 25.94 -7.40 -40.38
C THR B 329 26.50 -8.25 -41.52
N ALA B 330 25.98 -9.46 -41.65
CA ALA B 330 26.30 -10.32 -42.78
C ALA B 330 25.18 -10.21 -43.80
N VAL B 331 25.49 -9.57 -44.93
CA VAL B 331 24.53 -9.40 -46.00
C VAL B 331 24.69 -10.51 -47.02
N ALA B 332 23.65 -11.32 -47.18
CA ALA B 332 23.67 -12.38 -48.18
C ALA B 332 22.81 -11.98 -49.37
N GLU B 333 23.42 -12.00 -50.55
CA GLU B 333 22.74 -11.63 -51.78
C GLU B 333 22.86 -12.75 -52.80
N LEU B 334 21.73 -13.34 -53.15
CA LEU B 334 21.67 -14.38 -54.15
C LEU B 334 21.86 -13.75 -55.53
N LEU B 335 22.87 -14.20 -56.26
CA LEU B 335 23.20 -13.63 -57.56
C LEU B 335 22.48 -14.34 -58.71
N PRO B 336 22.16 -13.59 -59.78
CA PRO B 336 21.61 -14.20 -61.00
C PRO B 336 22.69 -14.88 -61.81
N SER B 344 24.31 -7.05 -62.71
CA SER B 344 24.32 -6.19 -61.55
C SER B 344 23.10 -6.34 -60.66
N ARG B 345 22.07 -7.02 -61.15
CA ARG B 345 20.84 -7.12 -60.37
C ARG B 345 21.03 -8.12 -59.23
N ILE B 346 20.13 -8.10 -58.26
CA ILE B 346 20.18 -9.02 -57.14
C ILE B 346 18.87 -9.79 -57.07
N ILE B 347 18.94 -11.09 -56.83
CA ILE B 347 17.74 -11.91 -56.88
C ILE B 347 17.04 -11.91 -55.51
N ASP B 348 17.76 -12.32 -54.47
CA ASP B 348 17.27 -12.30 -53.10
C ASP B 348 18.31 -11.69 -52.14
N ALA B 349 17.86 -11.14 -51.00
CA ALA B 349 18.80 -10.61 -50.03
C ALA B 349 18.30 -10.78 -48.59
N TYR B 350 19.24 -10.91 -47.66
CA TYR B 350 18.90 -10.90 -46.23
C TYR B 350 20.07 -10.35 -45.42
N ARG B 351 19.75 -9.54 -44.42
CA ARG B 351 20.76 -8.94 -43.56
C ARG B 351 20.72 -9.56 -42.17
N GLN B 352 21.78 -10.30 -41.83
CA GLN B 352 21.84 -11.02 -40.58
C GLN B 352 22.83 -10.39 -39.61
N THR B 353 22.32 -9.87 -38.50
CA THR B 353 23.19 -9.28 -37.49
C THR B 353 23.96 -10.39 -36.79
N PHE B 354 25.20 -10.11 -36.40
CA PHE B 354 25.95 -11.05 -35.57
C PHE B 354 27.02 -10.32 -34.76
N GLY B 355 27.59 -11.03 -33.80
CA GLY B 355 28.66 -10.46 -33.01
C GLY B 355 29.79 -11.46 -32.92
N ILE B 356 31.02 -10.95 -32.90
CA ILE B 356 32.19 -11.80 -32.88
C ILE B 356 32.64 -12.02 -31.45
N ARG B 357 32.52 -13.26 -30.98
CA ARG B 357 32.91 -13.60 -29.62
C ARG B 357 32.94 -15.11 -29.44
N THR B 358 33.78 -15.58 -28.52
CA THR B 358 33.81 -17.00 -28.21
C THR B 358 33.29 -17.23 -26.80
N VAL B 359 32.75 -18.44 -26.59
CA VAL B 359 32.27 -18.86 -25.28
C VAL B 359 32.90 -20.21 -25.00
N GLU B 360 33.55 -20.36 -23.85
CA GLU B 360 34.18 -21.62 -23.52
C GLU B 360 34.18 -21.88 -22.02
N VAL B 361 33.66 -23.03 -21.62
CA VAL B 361 33.80 -23.46 -20.24
C VAL B 361 35.14 -24.17 -20.08
N SER B 362 35.95 -23.69 -19.15
CA SER B 362 37.26 -24.27 -18.88
C SER B 362 37.43 -24.45 -17.39
N GLY B 363 37.49 -25.70 -16.93
CA GLY B 363 37.56 -25.99 -15.51
C GLY B 363 36.37 -25.39 -14.76
N THR B 364 36.66 -24.53 -13.79
CA THR B 364 35.59 -23.85 -13.05
C THR B 364 35.41 -22.40 -13.51
N THR B 365 35.83 -22.09 -14.73
CA THR B 365 35.63 -20.74 -15.27
C THR B 365 34.74 -20.73 -16.50
N PHE B 366 34.16 -19.57 -16.76
CA PHE B 366 33.28 -19.34 -17.91
C PHE B 366 33.89 -18.22 -18.75
N LEU B 367 34.49 -18.59 -19.87
CA LEU B 367 35.31 -17.64 -20.63
C LEU B 367 34.57 -17.04 -21.80
N ILE B 368 34.47 -15.72 -21.79
CA ILE B 368 34.01 -14.99 -22.96
C ILE B 368 35.20 -14.24 -23.53
N ASN B 369 35.49 -14.50 -24.80
CA ASN B 369 36.69 -13.98 -25.44
C ASN B 369 37.92 -14.22 -24.57
N GLY B 370 38.02 -15.42 -24.02
CA GLY B 370 39.13 -15.81 -23.17
C GLY B 370 39.16 -15.21 -21.78
N LYS B 371 38.14 -14.43 -21.42
CA LYS B 371 38.13 -13.77 -20.11
C LYS B 371 37.11 -14.42 -19.17
N PRO B 372 37.48 -14.58 -17.89
CA PRO B 372 36.63 -15.21 -16.87
C PRO B 372 35.45 -14.31 -16.47
N PHE B 373 34.28 -14.66 -16.98
CA PHE B 373 33.05 -13.89 -16.81
C PHE B 373 32.39 -14.21 -15.48
N TYR B 374 31.69 -13.22 -14.91
CA TYR B 374 30.84 -13.46 -13.74
C TYR B 374 29.43 -12.96 -14.04
N PHE B 375 28.45 -13.86 -13.96
CA PHE B 375 27.05 -13.50 -14.20
C PHE B 375 26.49 -12.63 -13.06
N LYS B 376 25.92 -11.49 -13.43
CA LYS B 376 25.13 -10.67 -12.50
C LYS B 376 23.74 -10.49 -13.10
N GLY B 377 22.71 -10.97 -12.41
CA GLY B 377 21.38 -10.80 -12.93
C GLY B 377 20.28 -11.58 -12.23
N PHE B 378 19.41 -12.15 -13.04
CA PHE B 378 18.12 -12.63 -12.56
C PHE B 378 17.41 -13.47 -13.61
N GLY B 379 16.46 -14.29 -13.19
CA GLY B 379 15.47 -14.78 -14.13
C GLY B 379 14.48 -13.65 -14.38
N LYS B 380 13.94 -13.58 -15.58
CA LYS B 380 12.88 -12.62 -15.89
C LYS B 380 11.58 -13.37 -16.17
N HIS B 381 10.56 -12.62 -16.57
CA HIS B 381 9.38 -13.17 -17.22
C HIS B 381 8.95 -12.18 -18.30
N GLU B 382 8.31 -12.68 -19.34
CA GLU B 382 7.54 -11.78 -20.19
C GLU B 382 6.16 -11.67 -19.55
N ASP B 383 5.99 -10.60 -18.78
CA ASP B 383 4.81 -10.41 -17.97
C ASP B 383 4.61 -8.92 -17.72
N SER B 384 3.39 -8.44 -17.94
CA SER B 384 3.06 -7.05 -17.66
C SER B 384 1.55 -6.88 -17.55
N TYR B 385 1.12 -5.76 -16.97
CA TYR B 385 -0.27 -5.57 -16.55
C TYR B 385 -1.45 -5.80 -17.52
N PHE B 386 -1.33 -5.47 -18.79
CA PHE B 386 -2.51 -5.62 -19.63
C PHE B 386 -2.22 -6.62 -20.75
N HIS B 387 -0.94 -6.69 -21.10
CA HIS B 387 -0.45 -7.54 -22.17
C HIS B 387 -0.35 -8.99 -21.75
N GLY B 388 -0.22 -9.20 -20.44
CA GLY B 388 0.03 -10.53 -19.91
C GLY B 388 1.40 -11.00 -20.39
N ARG B 389 1.41 -12.06 -21.20
CA ARG B 389 2.64 -12.57 -21.82
C ARG B 389 2.88 -11.91 -23.18
N GLY B 390 2.02 -10.97 -23.53
CA GLY B 390 2.12 -10.30 -24.83
C GLY B 390 3.42 -9.52 -24.97
N THR B 391 4.07 -9.65 -26.13
CA THR B 391 5.31 -8.93 -26.36
C THR B 391 5.06 -7.42 -26.40
N ASP B 392 5.96 -6.67 -25.77
CA ASP B 392 5.84 -5.21 -25.64
C ASP B 392 7.25 -4.62 -25.67
N ASP B 393 7.60 -4.00 -26.78
CA ASP B 393 8.98 -3.53 -26.96
C ASP B 393 9.29 -2.26 -26.20
N VAL B 394 8.28 -1.45 -25.88
CA VAL B 394 8.47 -0.33 -24.96
C VAL B 394 8.99 -0.87 -23.63
N LEU B 395 8.35 -1.93 -23.15
CA LEU B 395 8.75 -2.55 -21.89
C LEU B 395 10.11 -3.25 -22.00
N ASN B 396 10.37 -3.90 -23.13
CA ASN B 396 11.68 -4.51 -23.35
C ASN B 396 12.81 -3.47 -23.30
N VAL B 397 12.61 -2.35 -23.99
CA VAL B 397 13.57 -1.25 -24.00
C VAL B 397 13.78 -0.73 -22.56
N LYS B 398 12.67 -0.51 -21.87
CA LYS B 398 12.75 -0.02 -20.49
C LYS B 398 13.52 -1.01 -19.61
N ASP B 399 13.19 -2.29 -19.72
CA ASP B 399 13.79 -3.33 -18.88
C ASP B 399 15.29 -3.42 -19.13
N VAL B 400 15.69 -3.32 -20.40
CA VAL B 400 17.11 -3.35 -20.70
C VAL B 400 17.83 -2.16 -20.03
N SER B 401 17.19 -0.99 -20.08
CA SER B 401 17.76 0.16 -19.38
C SER B 401 17.83 -0.06 -17.86
N LEU B 402 16.84 -0.76 -17.31
CA LEU B 402 16.84 -1.06 -15.88
C LEU B 402 17.96 -2.05 -15.53
N ILE B 403 18.22 -2.97 -16.44
CA ILE B 403 19.31 -3.91 -16.27
C ILE B 403 20.64 -3.15 -16.19
N HIS B 404 20.81 -2.16 -17.07
CA HIS B 404 21.97 -1.27 -16.95
C HIS B 404 21.98 -0.47 -15.64
N TRP B 405 20.82 0.06 -15.25
CA TRP B 405 20.71 0.84 -14.03
C TRP B 405 21.16 0.04 -12.82
N LEU B 406 20.78 -1.23 -12.79
CA LEU B 406 21.15 -2.15 -11.72
C LEU B 406 22.63 -2.58 -11.76
N HIS B 407 23.29 -2.36 -12.91
CA HIS B 407 24.64 -2.86 -13.19
C HIS B 407 24.69 -4.39 -13.24
N ALA B 408 23.55 -4.97 -13.60
CA ALA B 408 23.51 -6.39 -13.96
C ALA B 408 24.06 -6.56 -15.37
N ASN B 409 24.39 -7.78 -15.76
CA ASN B 409 24.93 -8.02 -17.09
C ASN B 409 24.23 -9.17 -17.84
N SER B 410 23.22 -9.76 -17.21
CA SER B 410 22.67 -11.02 -17.73
C SER B 410 21.27 -11.35 -17.22
N PHE B 411 20.57 -12.18 -17.98
CA PHE B 411 19.39 -12.86 -17.45
C PHE B 411 19.12 -14.18 -18.15
N ARG B 412 18.17 -14.94 -17.61
CA ARG B 412 17.73 -16.19 -18.21
C ARG B 412 16.30 -16.02 -18.74
N THR B 413 15.97 -16.64 -19.88
CA THR B 413 14.60 -16.56 -20.41
C THR B 413 13.71 -17.58 -19.71
N SER B 414 13.61 -17.45 -18.40
CA SER B 414 12.68 -18.24 -17.62
C SER B 414 11.25 -17.90 -18.02
N HIS B 415 10.42 -18.90 -18.35
CA HIS B 415 10.80 -20.30 -18.53
C HIS B 415 10.36 -20.77 -19.91
N TYR B 416 10.77 -20.02 -20.93
CA TYR B 416 10.28 -20.20 -22.29
C TYR B 416 11.07 -19.22 -23.14
N PRO B 417 11.28 -19.54 -24.42
CA PRO B 417 11.96 -18.57 -25.28
C PRO B 417 11.17 -17.27 -25.33
N TYR B 418 11.87 -16.14 -25.30
CA TYR B 418 11.23 -14.83 -25.30
C TYR B 418 10.99 -14.37 -26.73
N ALA B 419 10.37 -13.19 -26.88
CA ALA B 419 10.21 -12.60 -28.19
C ALA B 419 11.57 -12.28 -28.81
N GLU B 420 11.68 -12.48 -30.12
CA GLU B 420 12.94 -12.33 -30.85
C GLU B 420 13.56 -10.94 -30.70
N SER B 421 12.68 -9.94 -30.67
CA SER B 421 13.11 -8.56 -30.55
C SER B 421 13.93 -8.31 -29.27
N MET B 422 13.63 -9.04 -28.21
CA MET B 422 14.36 -8.86 -26.95
C MET B 422 15.82 -9.32 -27.12
N TYR B 423 16.01 -10.38 -27.91
CA TYR B 423 17.35 -10.87 -28.17
C TYR B 423 18.11 -9.87 -29.05
N ASP B 424 17.44 -9.29 -30.03
CA ASP B 424 18.11 -8.25 -30.82
C ASP B 424 18.54 -7.08 -29.92
N LEU B 425 17.64 -6.73 -29.01
CA LEU B 425 17.86 -5.65 -28.07
C LEU B 425 19.10 -5.93 -27.21
N CYS B 426 19.20 -7.15 -26.69
CA CYS B 426 20.32 -7.49 -25.82
C CYS B 426 21.62 -7.66 -26.62
N ASP B 427 21.51 -8.05 -27.88
CA ASP B 427 22.64 -8.02 -28.81
C ASP B 427 23.23 -6.61 -28.88
N ARG B 428 22.38 -5.61 -29.10
CA ARG B 428 22.92 -4.26 -29.25
C ARG B 428 23.26 -3.60 -27.91
N GLU B 429 22.72 -4.11 -26.80
CA GLU B 429 22.97 -3.50 -25.49
C GLU B 429 23.97 -4.24 -24.60
N GLY B 430 24.61 -5.27 -25.14
CA GLY B 430 25.65 -5.96 -24.41
C GLY B 430 25.18 -6.68 -23.15
N ILE B 431 24.00 -7.29 -23.22
CA ILE B 431 23.45 -8.06 -22.11
C ILE B 431 23.42 -9.53 -22.47
N VAL B 432 23.99 -10.35 -21.59
CA VAL B 432 24.15 -11.78 -21.83
C VAL B 432 22.88 -12.58 -21.51
N ILE B 433 22.57 -13.58 -22.33
CA ILE B 433 21.35 -14.36 -22.13
C ILE B 433 21.61 -15.87 -22.01
N ILE B 434 20.94 -16.49 -21.04
CA ILE B 434 20.77 -17.94 -20.98
C ILE B 434 19.40 -18.28 -21.58
N ASP B 435 19.38 -18.98 -22.70
CA ASP B 435 18.15 -19.23 -23.47
C ASP B 435 17.50 -20.56 -23.07
N GLU B 436 16.24 -20.51 -22.63
CA GLU B 436 15.59 -21.68 -22.02
C GLU B 436 14.27 -22.08 -22.68
N VAL B 437 14.12 -23.39 -22.90
CA VAL B 437 12.89 -23.96 -23.48
C VAL B 437 11.80 -24.10 -22.42
N PRO B 438 10.54 -24.25 -22.85
CA PRO B 438 9.45 -24.29 -21.86
C PRO B 438 9.30 -25.61 -21.13
N ALA B 439 10.40 -26.32 -20.91
CA ALA B 439 10.35 -27.62 -20.23
C ALA B 439 10.37 -27.40 -18.72
N VAL B 440 9.27 -26.88 -18.20
CA VAL B 440 9.15 -26.62 -16.77
C VAL B 440 7.95 -27.41 -16.23
N GLY B 441 8.08 -27.96 -15.02
CA GLY B 441 7.05 -28.82 -14.44
C GLY B 441 7.20 -30.31 -14.71
N MET B 442 8.36 -30.74 -15.20
CA MET B 442 8.58 -32.14 -15.59
C MET B 442 8.91 -33.06 -14.41
N SER B 443 8.40 -34.29 -14.47
CA SER B 443 8.84 -35.34 -13.56
C SER B 443 8.77 -36.69 -14.29
N TRP B 444 8.85 -37.78 -13.55
CA TRP B 444 8.98 -39.11 -14.13
C TRP B 444 7.79 -39.52 -15.01
N LEU B 445 6.62 -38.98 -14.70
CA LEU B 445 5.46 -39.19 -15.57
C LEU B 445 5.73 -38.73 -17.01
N GLN B 446 6.44 -37.62 -17.15
CA GLN B 446 6.76 -37.11 -18.49
C GLN B 446 7.87 -37.90 -19.20
N TYR B 447 8.89 -38.35 -18.45
CA TYR B 447 10.07 -38.98 -19.05
C TYR B 447 9.70 -40.28 -19.75
N ALA B 448 8.58 -40.86 -19.32
CA ALA B 448 8.11 -42.12 -19.88
C ALA B 448 7.14 -41.89 -21.03
N ASN B 449 6.86 -40.64 -21.33
CA ASN B 449 5.90 -40.31 -22.38
C ASN B 449 6.63 -39.84 -23.65
N PRO B 450 6.62 -40.68 -24.71
CA PRO B 450 7.32 -40.37 -25.95
C PRO B 450 6.86 -39.06 -26.60
N LEU B 451 5.57 -38.73 -26.48
CA LEU B 451 5.08 -37.47 -27.05
C LEU B 451 5.75 -36.27 -26.39
N VAL B 452 5.94 -36.35 -25.08
CA VAL B 452 6.64 -35.29 -24.36
C VAL B 452 8.08 -35.19 -24.86
N ALA B 453 8.74 -36.34 -24.98
CA ALA B 453 10.12 -36.35 -25.47
C ALA B 453 10.22 -35.67 -26.85
N GLU B 454 9.26 -35.96 -27.74
CA GLU B 454 9.29 -35.34 -29.06
C GLU B 454 9.04 -33.84 -29.00
N ARG B 455 8.08 -33.42 -28.18
CA ARG B 455 7.82 -31.99 -28.02
C ARG B 455 9.02 -31.25 -27.41
N HIS B 456 9.76 -31.94 -26.55
CA HIS B 456 10.96 -31.41 -25.92
C HIS B 456 12.07 -31.23 -26.95
N ARG B 457 12.27 -32.26 -27.77
CA ARG B 457 13.25 -32.15 -28.86
C ARG B 457 12.86 -31.03 -29.83
N GLU B 458 11.56 -30.91 -30.12
CA GLU B 458 11.05 -29.83 -30.97
C GLU B 458 11.38 -28.46 -30.35
N ALA B 459 11.19 -28.33 -29.04
CA ALA B 459 11.46 -27.05 -28.41
C ALA B 459 12.94 -26.71 -28.50
N ILE B 460 13.80 -27.67 -28.20
CA ILE B 460 15.25 -27.42 -28.28
C ILE B 460 15.72 -27.06 -29.70
N ARG B 461 15.30 -27.84 -30.69
CA ARG B 461 15.69 -27.58 -32.08
C ARG B 461 15.10 -26.24 -32.55
N GLY B 462 13.86 -25.96 -32.17
CA GLY B 462 13.19 -24.74 -32.57
C GLY B 462 13.85 -23.50 -31.99
N MET B 463 14.16 -23.57 -30.69
CA MET B 463 14.78 -22.45 -30.01
C MET B 463 16.15 -22.17 -30.61
N ILE B 464 16.94 -23.23 -30.77
CA ILE B 464 18.29 -23.02 -31.27
C ILE B 464 18.30 -22.61 -32.74
N ALA B 465 17.43 -23.18 -33.55
CA ALA B 465 17.29 -22.76 -34.94
C ALA B 465 16.91 -21.28 -35.03
N ARG B 466 16.04 -20.85 -34.13
CA ARG B 466 15.59 -19.45 -34.14
C ARG B 466 16.66 -18.48 -33.64
N ASP B 467 17.45 -18.91 -32.66
CA ASP B 467 18.26 -17.99 -31.87
C ASP B 467 19.77 -18.12 -32.01
N LYS B 468 20.22 -19.02 -32.88
CA LYS B 468 21.65 -19.36 -33.00
C LYS B 468 22.59 -18.17 -33.26
N ASN B 469 22.11 -17.17 -34.00
CA ASN B 469 22.98 -16.08 -34.43
C ASN B 469 23.21 -14.98 -33.39
N HIS B 470 22.47 -15.02 -32.28
CA HIS B 470 22.61 -13.97 -31.27
C HIS B 470 23.91 -14.14 -30.48
N PRO B 471 24.79 -13.13 -30.56
CA PRO B 471 26.00 -13.13 -29.74
C PRO B 471 25.67 -13.04 -28.25
N CYS B 472 24.54 -12.42 -27.91
CA CYS B 472 24.20 -12.25 -26.50
C CYS B 472 23.91 -13.58 -25.81
N ILE B 473 23.41 -14.57 -26.55
CA ILE B 473 23.15 -15.89 -25.98
C ILE B 473 24.45 -16.65 -25.77
N VAL B 474 24.75 -17.02 -24.51
CA VAL B 474 26.01 -17.71 -24.22
C VAL B 474 25.82 -19.14 -23.71
N MET B 475 24.58 -19.55 -23.45
CA MET B 475 24.30 -20.86 -22.86
C MET B 475 22.84 -21.26 -23.08
N TRP B 476 22.59 -22.57 -23.24
CA TRP B 476 21.24 -23.10 -23.39
C TRP B 476 20.78 -23.79 -22.09
N SER B 477 19.52 -23.58 -21.73
CA SER B 477 18.92 -24.33 -20.63
C SER B 477 17.84 -25.28 -21.17
N ILE B 478 17.97 -26.57 -20.88
CA ILE B 478 17.06 -27.55 -21.46
C ILE B 478 15.86 -27.87 -20.58
N ALA B 479 15.82 -27.32 -19.37
CA ALA B 479 14.68 -27.49 -18.47
C ALA B 479 14.83 -26.63 -17.21
N ASN B 480 13.70 -26.35 -16.57
CA ASN B 480 13.72 -25.72 -15.25
C ASN B 480 13.07 -26.61 -14.20
N GLU B 481 13.85 -26.92 -13.17
CA GLU B 481 13.41 -27.72 -12.02
C GLU B 481 12.67 -29.02 -12.33
N PRO B 482 13.25 -29.89 -13.19
CA PRO B 482 12.61 -31.20 -13.31
C PRO B 482 12.97 -32.11 -12.14
N GLY B 483 12.19 -33.17 -11.96
CA GLY B 483 12.52 -34.17 -10.95
C GLY B 483 13.78 -34.93 -11.37
N LEU B 484 14.80 -34.89 -10.52
CA LEU B 484 16.09 -35.51 -10.85
C LEU B 484 16.61 -36.49 -9.78
N ASP B 485 16.06 -36.41 -8.57
CA ASP B 485 16.61 -37.12 -7.42
C ASP B 485 15.72 -38.25 -6.94
N GLY B 486 16.06 -38.80 -5.77
CA GLY B 486 15.28 -39.87 -5.18
C GLY B 486 16.06 -41.17 -5.11
N ASP B 487 15.36 -42.28 -4.92
CA ASP B 487 16.02 -43.58 -4.83
C ASP B 487 15.52 -44.54 -5.90
N GLY B 488 15.96 -45.80 -5.81
CA GLY B 488 15.66 -46.79 -6.82
C GLY B 488 16.18 -46.37 -8.19
N GLU B 489 15.34 -46.48 -9.20
CA GLU B 489 15.76 -46.20 -10.56
C GLU B 489 15.51 -44.76 -11.02
N ARG B 490 14.82 -43.99 -10.20
CA ARG B 490 14.41 -42.63 -10.59
C ARG B 490 15.56 -41.70 -11.06
N PRO B 491 16.67 -41.61 -10.31
CA PRO B 491 17.75 -40.75 -10.80
C PRO B 491 18.29 -41.18 -12.17
N ARG B 492 18.43 -42.48 -12.38
CA ARG B 492 18.90 -42.99 -13.66
C ARG B 492 17.89 -42.74 -14.77
N GLN B 493 16.61 -42.87 -14.47
CA GLN B 493 15.57 -42.58 -15.46
C GLN B 493 15.62 -41.10 -15.90
N ALA B 494 15.79 -40.22 -14.92
CA ALA B 494 15.93 -38.79 -15.21
C ALA B 494 17.17 -38.55 -16.08
N TYR B 495 18.29 -39.16 -15.68
CA TYR B 495 19.53 -39.04 -16.45
C TYR B 495 19.37 -39.50 -17.89
N ASP B 496 18.73 -40.66 -18.07
CA ASP B 496 18.54 -41.23 -19.40
C ASP B 496 17.59 -40.37 -20.22
N TYR B 497 16.68 -39.67 -19.55
CA TYR B 497 15.82 -38.74 -20.28
C TYR B 497 16.59 -37.50 -20.75
N PHE B 498 17.39 -36.91 -19.86
CA PHE B 498 18.01 -35.61 -20.14
C PHE B 498 19.34 -35.63 -20.91
N ARG B 499 20.13 -36.69 -20.76
CA ARG B 499 21.42 -36.73 -21.46
C ARG B 499 21.30 -36.60 -22.98
N PRO B 500 20.37 -37.32 -23.63
CA PRO B 500 20.30 -37.10 -25.08
C PRO B 500 19.81 -35.71 -25.47
N LEU B 501 19.09 -35.04 -24.57
CA LEU B 501 18.66 -33.68 -24.85
C LEU B 501 19.85 -32.72 -24.69
N TYR B 502 20.69 -33.00 -23.70
CA TYR B 502 21.96 -32.29 -23.58
C TYR B 502 22.79 -32.42 -24.87
N GLU B 503 22.90 -33.64 -25.36
CA GLU B 503 23.67 -33.90 -26.58
C GLU B 503 23.00 -33.22 -27.77
N LEU B 504 21.67 -33.26 -27.81
CA LEU B 504 20.90 -32.62 -28.88
C LEU B 504 21.14 -31.11 -28.94
N ALA B 505 21.15 -30.46 -27.77
CA ALA B 505 21.42 -29.03 -27.72
C ALA B 505 22.82 -28.71 -28.25
N HIS B 506 23.79 -29.57 -27.91
CA HIS B 506 25.14 -29.38 -28.42
C HIS B 506 25.25 -29.58 -29.94
N ALA B 507 24.57 -30.60 -30.45
CA ALA B 507 24.62 -30.89 -31.89
C ALA B 507 23.91 -29.84 -32.73
N SER B 508 22.88 -29.22 -32.17
CA SER B 508 22.02 -28.31 -32.93
C SER B 508 22.64 -26.92 -33.08
N ASP B 509 23.47 -26.55 -32.13
CA ASP B 509 24.07 -25.23 -32.11
C ASP B 509 25.43 -25.24 -32.82
N PRO B 510 25.52 -24.55 -33.97
CA PRO B 510 26.78 -24.47 -34.71
C PRO B 510 27.89 -23.81 -33.90
N GLN B 511 27.52 -22.98 -32.93
CA GLN B 511 28.51 -22.32 -32.07
C GLN B 511 28.94 -23.24 -30.92
N ASN B 512 28.17 -24.30 -30.70
CA ASN B 512 28.44 -25.27 -29.63
C ASN B 512 28.61 -24.63 -28.23
N ARG B 513 27.67 -23.75 -27.87
CA ARG B 513 27.67 -23.13 -26.54
C ARG B 513 27.43 -24.14 -25.43
N PRO B 514 27.84 -23.80 -24.19
CA PRO B 514 27.58 -24.64 -23.01
C PRO B 514 26.08 -24.90 -22.85
N VAL B 515 25.76 -26.04 -22.24
CA VAL B 515 24.38 -26.45 -22.05
C VAL B 515 24.18 -26.75 -20.58
N THR B 516 23.11 -26.21 -20.01
CA THR B 516 22.83 -26.45 -18.62
C THR B 516 21.40 -26.95 -18.44
N LEU B 517 21.09 -27.33 -17.21
CA LEU B 517 19.74 -27.68 -16.80
C LEU B 517 19.53 -26.98 -15.47
N VAL B 518 18.48 -26.17 -15.34
CA VAL B 518 18.30 -25.41 -14.12
C VAL B 518 17.68 -26.29 -13.04
N CYS B 519 18.42 -26.47 -11.96
CA CYS B 519 18.11 -27.50 -10.98
C CYS B 519 17.32 -27.02 -9.76
N CYS B 520 16.27 -27.77 -9.45
CA CYS B 520 15.42 -27.54 -8.29
C CYS B 520 16.19 -27.79 -6.99
N GLN B 521 15.75 -27.16 -5.91
CA GLN B 521 16.29 -27.46 -4.59
C GLN B 521 15.91 -28.89 -4.20
N ASN B 522 16.84 -29.81 -4.38
CA ASN B 522 16.52 -31.23 -4.21
C ASN B 522 17.54 -31.94 -3.35
N ASP B 523 17.48 -33.27 -3.31
CA ASP B 523 18.53 -34.04 -2.68
C ASP B 523 19.69 -34.13 -3.66
N TYR B 524 20.67 -33.23 -3.49
CA TYR B 524 21.78 -33.17 -4.41
C TYR B 524 22.66 -34.43 -4.36
N THR B 525 22.53 -35.22 -3.30
CA THR B 525 23.34 -36.43 -3.17
C THR B 525 22.80 -37.59 -4.01
N THR B 526 21.51 -37.59 -4.34
CA THR B 526 20.95 -38.66 -5.16
C THR B 526 20.69 -38.21 -6.61
N ASP B 527 20.64 -36.89 -6.81
CA ASP B 527 20.63 -36.31 -8.16
C ASP B 527 21.95 -36.66 -8.86
N ILE B 528 21.89 -37.35 -9.99
CA ILE B 528 23.10 -37.67 -10.73
C ILE B 528 23.15 -37.00 -12.10
N THR B 529 22.18 -36.13 -12.37
CA THR B 529 22.08 -35.50 -13.69
C THR B 529 22.69 -34.10 -13.71
N GLU B 530 22.35 -33.28 -12.71
CA GLU B 530 22.77 -31.89 -12.69
C GLU B 530 24.29 -31.74 -12.75
N ARG B 531 25.01 -32.59 -12.03
CA ARG B 531 26.47 -32.50 -11.98
C ARG B 531 27.15 -32.80 -13.33
N THR B 532 26.40 -33.30 -14.30
CA THR B 532 26.97 -33.64 -15.60
C THR B 532 26.78 -32.52 -16.64
N MET B 533 26.12 -31.45 -16.23
CA MET B 533 25.92 -30.31 -17.12
C MET B 533 27.22 -29.53 -17.28
N ASP B 534 27.30 -28.66 -18.28
CA ASP B 534 28.51 -27.87 -18.53
C ASP B 534 28.69 -26.80 -17.47
N VAL B 535 27.58 -26.19 -17.07
CA VAL B 535 27.56 -25.29 -15.93
C VAL B 535 26.47 -25.77 -14.98
N VAL B 536 26.79 -25.86 -13.69
CA VAL B 536 25.79 -26.22 -12.70
C VAL B 536 24.98 -24.98 -12.33
N CYS B 537 23.69 -25.01 -12.64
CA CYS B 537 22.80 -23.89 -12.36
C CYS B 537 21.79 -24.29 -11.31
N ILE B 538 21.86 -23.67 -10.14
CA ILE B 538 21.00 -24.10 -9.06
C ILE B 538 20.01 -23.03 -8.59
N ASN B 539 18.80 -23.48 -8.29
CA ASN B 539 17.77 -22.66 -7.68
C ASN B 539 17.69 -23.03 -6.20
N ARG B 540 18.01 -22.07 -5.33
CA ARG B 540 18.03 -22.37 -3.90
C ARG B 540 17.31 -21.33 -3.08
N TYR B 541 16.50 -21.80 -2.14
CA TYR B 541 15.66 -20.92 -1.35
C TYR B 541 15.81 -21.22 0.16
N TYR B 542 17.04 -21.57 0.56
CA TYR B 542 17.38 -21.67 1.98
C TYR B 542 17.02 -20.36 2.68
N GLY B 543 16.30 -20.45 3.79
CA GLY B 543 15.86 -19.27 4.51
C GLY B 543 14.50 -18.74 4.10
N TRP B 544 13.99 -19.20 2.96
CA TRP B 544 12.64 -18.83 2.56
C TRP B 544 11.68 -20.02 2.63
N TYR B 545 11.86 -21.01 1.74
CA TYR B 545 10.99 -22.19 1.74
C TYR B 545 11.35 -23.21 2.82
N ASN B 546 12.56 -23.11 3.35
CA ASN B 546 12.96 -23.90 4.52
C ASN B 546 13.84 -23.04 5.40
N LEU B 547 14.10 -23.49 6.63
CA LEU B 547 14.85 -22.69 7.61
C LEU B 547 14.31 -21.25 7.60
N SER B 548 12.98 -21.15 7.57
CA SER B 548 12.30 -19.94 7.15
C SER B 548 12.60 -18.76 8.04
N GLY B 549 13.09 -17.67 7.45
CA GLY B 549 13.39 -16.47 8.20
C GLY B 549 14.66 -16.53 9.05
N ASP B 550 15.34 -17.68 9.07
CA ASP B 550 16.55 -17.86 9.87
C ASP B 550 17.76 -17.81 8.94
N LEU B 551 18.39 -16.63 8.82
CA LEU B 551 19.43 -16.45 7.82
C LEU B 551 20.75 -17.11 8.23
N ASP B 552 21.02 -17.22 9.54
CA ASP B 552 22.18 -17.96 10.01
C ASP B 552 22.11 -19.41 9.58
N ALA B 553 20.98 -20.05 9.88
CA ALA B 553 20.78 -21.45 9.53
C ALA B 553 20.79 -21.62 8.02
N ALA B 554 20.19 -20.66 7.32
CA ALA B 554 20.15 -20.70 5.86
C ALA B 554 21.55 -20.68 5.26
N CYS B 555 22.42 -19.82 5.80
CA CYS B 555 23.78 -19.71 5.29
C CYS B 555 24.58 -20.97 5.65
N HIS B 556 24.30 -21.53 6.83
CA HIS B 556 24.96 -22.77 7.23
C HIS B 556 24.64 -23.91 6.25
N ALA B 557 23.34 -24.10 5.99
CA ALA B 557 22.90 -25.13 5.04
C ALA B 557 23.46 -24.90 3.64
N LEU B 558 23.43 -23.63 3.20
CA LEU B 558 23.98 -23.27 1.91
C LEU B 558 25.44 -23.68 1.85
N ASN B 559 26.20 -23.37 2.89
CA ASN B 559 27.61 -23.70 2.91
C ASN B 559 27.87 -25.21 2.87
N ILE B 560 27.02 -26.00 3.52
CA ILE B 560 27.15 -27.45 3.38
C ILE B 560 26.98 -27.93 1.93
N GLU B 561 25.93 -27.44 1.26
CA GLU B 561 25.77 -27.86 -0.14
C GLU B 561 26.91 -27.30 -1.02
N LEU B 562 27.39 -26.10 -0.69
CA LEU B 562 28.49 -25.51 -1.43
C LEU B 562 29.75 -26.37 -1.30
N ASP B 563 29.96 -26.96 -0.13
CA ASP B 563 31.09 -27.88 0.05
C ASP B 563 30.93 -29.07 -0.90
N PHE B 564 29.70 -29.57 -1.00
CA PHE B 564 29.42 -30.63 -1.98
C PHE B 564 29.83 -30.22 -3.42
N TRP B 565 29.36 -29.05 -3.86
CA TRP B 565 29.63 -28.64 -5.23
C TRP B 565 31.11 -28.31 -5.42
N GLU B 566 31.76 -27.92 -4.34
CA GLU B 566 33.18 -27.64 -4.37
C GLU B 566 33.90 -28.91 -4.76
N ASN B 567 33.47 -30.03 -4.21
CA ASN B 567 34.13 -31.27 -4.56
C ASN B 567 33.76 -31.72 -5.97
N ILE B 568 32.59 -31.33 -6.47
CA ILE B 568 32.23 -31.72 -7.85
C ILE B 568 33.17 -31.15 -8.94
N GLY B 569 33.69 -29.93 -8.73
CA GLY B 569 34.64 -29.35 -9.67
C GLY B 569 34.08 -28.73 -10.95
N LYS B 570 32.77 -28.51 -10.99
CA LYS B 570 32.17 -27.80 -12.12
C LYS B 570 31.99 -26.33 -11.76
N PRO B 571 31.93 -25.44 -12.76
CA PRO B 571 31.51 -24.08 -12.42
C PRO B 571 30.04 -24.07 -11.99
N VAL B 572 29.72 -23.27 -10.97
CA VAL B 572 28.36 -23.26 -10.41
C VAL B 572 27.84 -21.82 -10.30
N MET B 573 26.56 -21.62 -10.59
CA MET B 573 25.94 -20.32 -10.38
C MET B 573 24.51 -20.48 -9.86
N PHE B 574 24.03 -19.43 -9.19
CA PHE B 574 22.62 -19.30 -8.88
C PHE B 574 21.85 -18.93 -10.14
N THR B 575 20.72 -19.59 -10.37
CA THR B 575 19.79 -19.13 -11.38
C THR B 575 18.48 -18.68 -10.72
N GLU B 576 18.31 -19.06 -9.45
CA GLU B 576 17.20 -18.54 -8.63
C GLU B 576 17.56 -18.51 -7.16
N TYR B 577 17.17 -17.42 -6.51
CA TYR B 577 17.11 -17.32 -5.06
C TYR B 577 16.48 -15.97 -4.73
N GLY B 578 15.62 -15.95 -3.71
CA GLY B 578 14.92 -14.74 -3.36
C GLY B 578 13.82 -14.94 -2.33
N ALA B 579 13.02 -13.89 -2.14
CA ALA B 579 12.06 -13.82 -1.05
C ALA B 579 10.91 -12.93 -1.48
N ASP B 580 9.68 -13.40 -1.29
CA ASP B 580 8.52 -12.57 -1.61
C ASP B 580 8.56 -11.33 -0.74
N THR B 581 8.27 -10.20 -1.37
CA THR B 581 8.49 -8.90 -0.74
C THR B 581 7.42 -7.92 -1.18
N ILE B 582 6.63 -7.44 -0.23
CA ILE B 582 5.60 -6.45 -0.55
C ILE B 582 6.19 -5.06 -0.33
N GLU B 583 6.35 -4.28 -1.38
CA GLU B 583 6.91 -2.93 -1.25
C GLU B 583 6.07 -2.14 -0.24
N GLY B 584 6.74 -1.42 0.66
CA GLY B 584 6.06 -0.68 1.70
C GLY B 584 5.92 -1.37 3.04
N ILE B 585 6.12 -2.67 3.08
CA ILE B 585 6.20 -3.38 4.36
C ILE B 585 7.62 -3.23 4.89
N HIS B 586 7.75 -2.64 6.07
CA HIS B 586 9.06 -2.35 6.64
C HIS B 586 9.17 -2.87 8.06
N GLY B 587 10.40 -3.14 8.52
CA GLY B 587 10.64 -3.48 9.91
C GLY B 587 12.06 -3.12 10.28
N THR B 588 12.28 -2.80 11.56
CA THR B 588 13.64 -2.57 12.04
C THR B 588 14.43 -3.88 12.04
N HIS B 589 13.73 -4.97 12.30
CA HIS B 589 14.34 -6.30 12.13
C HIS B 589 13.47 -7.03 11.14
N GLY B 590 13.87 -6.94 9.88
CA GLY B 590 13.04 -7.34 8.76
C GLY B 590 12.57 -8.78 8.83
N GLU B 591 11.24 -8.96 8.81
CA GLU B 591 10.67 -10.29 8.75
C GLU B 591 10.23 -10.62 7.33
N MET B 592 9.97 -11.90 7.07
CA MET B 592 9.56 -12.36 5.74
C MET B 592 8.39 -11.53 5.20
N PHE B 593 8.56 -11.07 3.95
CA PHE B 593 7.69 -10.17 3.19
C PHE B 593 8.07 -8.69 3.33
N SER B 594 8.91 -8.33 4.31
CA SER B 594 9.37 -6.95 4.40
C SER B 594 10.50 -6.68 3.40
N GLU B 595 10.68 -5.41 3.03
CA GLU B 595 11.75 -5.00 2.13
C GLU B 595 13.12 -5.27 2.73
N GLU B 596 13.22 -5.02 4.04
CA GLU B 596 14.46 -5.23 4.77
C GLU B 596 14.85 -6.70 4.74
N PHE B 597 13.89 -7.61 4.91
CA PHE B 597 14.24 -9.03 4.86
C PHE B 597 14.80 -9.43 3.50
N GLN B 598 14.19 -8.96 2.41
CA GLN B 598 14.69 -9.27 1.06
C GLN B 598 16.14 -8.78 0.92
N ARG B 599 16.37 -7.56 1.39
CA ARG B 599 17.70 -6.97 1.36
C ARG B 599 18.74 -7.79 2.16
N ASP B 600 18.38 -8.12 3.41
CA ASP B 600 19.22 -8.92 4.29
C ASP B 600 19.51 -10.28 3.66
N TYR B 601 18.49 -10.83 3.01
CA TYR B 601 18.58 -12.16 2.40
C TYR B 601 19.70 -12.16 1.37
N TYR B 602 19.64 -11.20 0.45
CA TYR B 602 20.69 -11.16 -0.55
C TYR B 602 22.06 -10.81 0.06
N ALA B 603 22.08 -9.93 1.05
CA ALA B 603 23.37 -9.57 1.69
C ALA B 603 24.07 -10.79 2.31
N ARG B 604 23.31 -11.60 3.05
CA ARG B 604 23.88 -12.77 3.70
C ARG B 604 24.30 -13.85 2.68
N ILE B 605 23.39 -14.17 1.75
CA ILE B 605 23.67 -15.24 0.80
C ILE B 605 24.89 -14.89 -0.07
N ASN B 606 24.90 -13.66 -0.58
CA ASN B 606 25.96 -13.21 -1.47
C ASN B 606 27.30 -13.14 -0.75
N ALA B 607 27.27 -12.78 0.55
CA ALA B 607 28.50 -12.82 1.32
C ALA B 607 29.04 -14.25 1.35
N GLU B 608 28.14 -15.24 1.42
CA GLU B 608 28.63 -16.63 1.38
C GLU B 608 29.20 -17.08 0.03
N ILE B 609 28.52 -16.78 -1.08
CA ILE B 609 29.06 -17.27 -2.35
C ILE B 609 30.33 -16.50 -2.79
N ASP B 610 30.53 -15.29 -2.28
CA ASP B 610 31.77 -14.55 -2.58
C ASP B 610 33.03 -15.30 -2.15
N LYS B 611 32.90 -16.22 -1.18
CA LYS B 611 34.05 -16.99 -0.68
C LYS B 611 34.44 -18.17 -1.56
N ARG B 612 33.64 -18.46 -2.59
CA ARG B 612 33.87 -19.62 -3.44
C ARG B 612 34.33 -19.21 -4.84
N PRO B 613 35.60 -19.46 -5.17
CA PRO B 613 36.19 -19.03 -6.45
C PRO B 613 35.55 -19.71 -7.64
N TRP B 614 34.98 -20.89 -7.41
CA TRP B 614 34.33 -21.68 -8.45
C TRP B 614 32.85 -21.29 -8.67
N PHE B 615 32.35 -20.37 -7.85
CA PHE B 615 30.97 -19.90 -8.01
C PHE B 615 31.00 -18.69 -8.95
N ILE B 616 30.53 -18.89 -10.18
CA ILE B 616 30.78 -17.96 -11.28
C ILE B 616 29.60 -17.06 -11.66
N GLY B 617 28.54 -17.05 -10.87
CA GLY B 617 27.41 -16.22 -11.21
C GLY B 617 26.30 -16.18 -10.18
N GLU B 618 25.58 -15.07 -10.16
CA GLU B 618 24.43 -14.90 -9.30
C GLU B 618 23.24 -14.36 -10.09
N GLN B 619 22.33 -15.24 -10.48
CA GLN B 619 21.07 -14.79 -11.05
C GLN B 619 19.97 -15.07 -10.04
N LEU B 620 19.35 -14.01 -9.56
CA LEU B 620 18.31 -14.14 -8.55
C LEU B 620 16.92 -14.36 -9.15
N TRP B 621 15.96 -14.61 -8.28
CA TRP B 621 14.56 -14.69 -8.65
C TRP B 621 13.84 -13.63 -7.84
N ASN B 622 13.18 -12.67 -8.46
CA ASN B 622 13.06 -12.48 -9.91
C ASN B 622 13.39 -11.01 -10.21
N PHE B 623 13.60 -10.67 -11.47
CA PHE B 623 13.74 -9.28 -11.92
C PHE B 623 12.57 -8.41 -11.43
N ALA B 624 11.34 -8.90 -11.64
CA ALA B 624 10.16 -8.11 -11.29
C ALA B 624 8.98 -9.02 -10.91
N ASP B 625 8.17 -8.54 -9.98
CA ASP B 625 6.92 -9.23 -9.62
C ASP B 625 6.10 -9.56 -10.87
N PHE B 626 5.48 -10.74 -10.89
CA PHE B 626 4.77 -11.20 -12.06
C PHE B 626 3.51 -11.99 -11.69
N ALA B 627 2.61 -12.16 -12.65
CA ALA B 627 1.33 -12.82 -12.40
C ALA B 627 1.44 -14.34 -12.32
N THR B 628 0.73 -14.92 -11.35
CA THR B 628 0.61 -16.36 -11.19
C THR B 628 -0.86 -16.78 -11.05
N PHE B 629 -1.11 -18.08 -11.10
CA PHE B 629 -2.38 -18.62 -10.61
C PHE B 629 -2.57 -18.20 -9.16
N GLN B 630 -3.81 -17.94 -8.77
CA GLN B 630 -4.09 -17.47 -7.42
C GLN B 630 -3.87 -18.59 -6.40
N GLY B 631 -3.48 -18.22 -5.19
CA GLY B 631 -3.27 -19.21 -4.14
C GLY B 631 -2.79 -18.56 -2.86
N ILE B 632 -2.71 -19.34 -1.78
CA ILE B 632 -2.43 -18.76 -0.47
C ILE B 632 -1.01 -18.24 -0.27
N ILE B 633 -0.09 -18.57 -1.17
CA ILE B 633 1.26 -18.01 -1.04
C ILE B 633 1.58 -16.97 -2.10
N ARG B 634 0.58 -16.63 -2.90
CA ARG B 634 0.78 -15.68 -4.00
C ARG B 634 -0.03 -14.39 -3.79
N VAL B 635 0.65 -13.36 -3.31
CA VAL B 635 0.01 -12.08 -3.03
C VAL B 635 -0.03 -11.21 -4.27
N GLU B 636 -1.14 -11.26 -5.00
CA GLU B 636 -1.24 -10.61 -6.29
C GLU B 636 -0.11 -11.14 -7.19
N GLY B 637 0.09 -12.45 -7.15
CA GLY B 637 1.13 -13.10 -7.92
C GLY B 637 2.40 -13.38 -7.14
N ASN B 638 3.50 -13.60 -7.85
CA ASN B 638 4.80 -13.83 -7.25
C ASN B 638 5.46 -12.50 -6.92
N ARG B 639 5.86 -12.30 -5.67
CA ARG B 639 6.42 -11.02 -5.23
C ARG B 639 7.90 -11.10 -4.89
N LYS B 640 8.61 -12.05 -5.50
CA LYS B 640 10.06 -12.13 -5.31
C LYS B 640 10.83 -11.17 -6.21
N GLY B 641 10.11 -10.35 -6.97
CA GLY B 641 10.75 -9.30 -7.74
C GLY B 641 11.57 -8.35 -6.88
N ILE B 642 12.75 -7.97 -7.35
CA ILE B 642 13.48 -6.90 -6.70
C ILE B 642 12.91 -5.57 -7.21
N LEU B 643 12.22 -5.64 -8.35
CA LEU B 643 11.37 -4.54 -8.81
C LEU B 643 9.91 -4.94 -8.65
N THR B 644 9.03 -3.95 -8.48
CA THR B 644 7.59 -4.17 -8.53
C THR B 644 7.20 -4.54 -9.96
N ARG B 645 5.95 -5.00 -10.15
CA ARG B 645 5.46 -5.30 -11.49
C ARG B 645 5.51 -4.06 -12.39
N ASP B 646 5.38 -2.88 -11.79
CA ASP B 646 5.46 -1.62 -12.53
C ASP B 646 6.92 -1.15 -12.59
N ARG B 647 7.86 -2.05 -12.31
CA ARG B 647 9.31 -1.81 -12.46
C ARG B 647 9.89 -0.75 -11.51
N GLN B 648 9.31 -0.62 -10.31
CA GLN B 648 9.86 0.28 -9.31
C GLN B 648 10.76 -0.50 -8.34
N PRO B 649 11.90 0.11 -7.94
CA PRO B 649 12.91 -0.59 -7.14
C PRO B 649 12.55 -0.71 -5.66
N LYS B 650 12.51 -1.95 -5.17
CA LYS B 650 12.44 -2.20 -3.74
C LYS B 650 13.83 -1.98 -3.14
N MET B 651 13.90 -1.88 -1.81
CA MET B 651 15.17 -1.68 -1.10
C MET B 651 16.29 -2.63 -1.58
N ALA B 652 15.93 -3.89 -1.78
CA ALA B 652 16.90 -4.88 -2.21
C ALA B 652 17.50 -4.51 -3.57
N ALA B 653 16.70 -3.91 -4.44
CA ALA B 653 17.21 -3.48 -5.75
C ALA B 653 18.28 -2.41 -5.61
N HIS B 654 18.09 -1.46 -4.68
CA HIS B 654 19.12 -0.43 -4.43
C HIS B 654 20.40 -1.08 -3.90
N TRP B 655 20.24 -1.99 -2.94
CA TRP B 655 21.41 -2.67 -2.37
C TRP B 655 22.18 -3.46 -3.46
N LEU B 656 21.43 -4.20 -4.29
CA LEU B 656 22.04 -4.99 -5.35
C LEU B 656 22.70 -4.09 -6.39
N ARG B 657 22.08 -2.95 -6.68
CA ARG B 657 22.68 -2.00 -7.60
C ARG B 657 24.05 -1.58 -7.09
N GLU B 658 24.12 -1.25 -5.79
CA GLU B 658 25.39 -0.87 -5.17
C GLU B 658 26.43 -2.02 -5.21
N ARG B 659 26.00 -3.23 -4.88
CA ARG B 659 26.91 -4.37 -4.93
C ARG B 659 27.45 -4.62 -6.36
N TRP B 660 26.53 -4.62 -7.32
CA TRP B 660 26.86 -4.97 -8.69
C TRP B 660 27.71 -3.90 -9.35
N ALA B 661 27.57 -2.66 -8.88
CA ALA B 661 28.42 -1.58 -9.37
C ALA B 661 29.91 -1.85 -9.10
N GLY B 662 30.20 -2.61 -8.04
CA GLY B 662 31.58 -2.90 -7.69
C GLY B 662 32.11 -4.24 -8.19
N ILE B 663 31.30 -4.94 -8.98
CA ILE B 663 31.71 -6.24 -9.49
C ILE B 663 31.88 -6.17 -11.00
N PRO B 664 33.12 -6.40 -11.48
CA PRO B 664 33.43 -6.34 -12.91
C PRO B 664 32.91 -7.55 -13.67
N ASP B 665 32.55 -7.35 -14.94
CA ASP B 665 32.13 -8.45 -15.80
C ASP B 665 33.20 -9.53 -15.92
N TYR B 666 34.46 -9.11 -15.98
CA TYR B 666 35.60 -10.02 -16.09
C TYR B 666 36.55 -9.93 -14.90
N GLY B 667 37.02 -11.07 -14.40
CA GLY B 667 38.09 -11.08 -13.42
C GLY B 667 37.67 -10.92 -11.97
N TYR B 668 36.37 -10.94 -11.70
CA TYR B 668 35.90 -10.87 -10.32
C TYR B 668 36.48 -12.02 -9.51
N LYS B 669 36.54 -13.19 -10.13
CA LYS B 669 37.13 -14.35 -9.50
C LYS B 669 38.26 -14.96 -10.33
N ASN C 1 2.41 27.16 42.75
CA ASN C 1 3.30 27.08 41.59
C ASN C 1 3.88 25.68 41.37
N GLY C 2 4.25 25.02 42.46
CA GLY C 2 4.81 23.68 42.37
C GLY C 2 3.76 22.68 41.93
N MET C 3 4.16 21.80 41.02
CA MET C 3 3.30 20.71 40.56
C MET C 3 4.09 19.40 40.53
N LEU C 4 4.65 19.02 41.68
CA LEU C 4 5.39 17.75 41.78
C LEU C 4 4.49 16.59 41.41
N TYR C 5 5.00 15.66 40.61
CA TYR C 5 4.19 14.51 40.25
C TYR C 5 3.84 13.73 41.52
N PRO C 6 2.57 13.34 41.66
CA PRO C 6 2.10 12.57 42.81
C PRO C 6 2.96 11.35 43.09
N GLN C 7 3.29 11.18 44.37
CA GLN C 7 4.21 10.16 44.80
C GLN C 7 3.61 9.40 45.97
N SER C 8 3.87 8.11 46.04
CA SER C 8 3.47 7.31 47.19
C SER C 8 4.68 6.95 48.04
N ASN C 9 4.58 7.19 49.34
CA ASN C 9 5.61 6.79 50.29
C ASN C 9 4.98 6.66 51.66
N ASP C 10 5.77 6.73 52.73
CA ASP C 10 5.20 6.50 54.05
C ASP C 10 4.30 7.66 54.50
N SER C 11 4.48 8.83 53.88
CA SER C 11 3.69 10.00 54.24
C SER C 11 2.58 10.30 53.21
N ARG C 12 2.64 9.63 52.07
CA ARG C 12 1.77 9.97 50.94
C ARG C 12 1.23 8.77 50.19
N ILE C 13 -0.02 8.84 49.74
CA ILE C 13 -0.53 7.78 48.87
C ILE C 13 -1.19 8.37 47.62
N VAL C 14 -1.02 7.67 46.50
CA VAL C 14 -1.67 8.02 45.24
C VAL C 14 -2.74 6.98 44.89
N PHE C 15 -3.93 7.47 44.57
CA PHE C 15 -5.06 6.67 44.12
C PHE C 15 -5.43 7.05 42.68
N PRO C 16 -4.92 6.27 41.70
CA PRO C 16 -5.21 6.51 40.27
C PRO C 16 -6.70 6.44 39.98
N LEU C 17 -7.18 7.29 39.07
CA LEU C 17 -8.58 7.30 38.70
C LEU C 17 -8.76 6.98 37.22
N ASP C 18 -7.68 6.47 36.61
CA ASP C 18 -7.73 6.02 35.23
C ASP C 18 -8.71 4.84 35.12
N GLY C 19 -9.12 4.54 33.90
CA GLY C 19 -9.95 3.38 33.64
C GLY C 19 -11.00 3.70 32.60
N VAL C 20 -12.12 2.98 32.63
CA VAL C 20 -13.19 3.25 31.69
C VAL C 20 -14.28 4.10 32.34
N TRP C 21 -14.37 5.36 31.94
CA TRP C 21 -15.35 6.28 32.47
C TRP C 21 -16.65 6.30 31.65
N ASP C 22 -17.66 6.96 32.19
CA ASP C 22 -18.88 7.35 31.47
C ASP C 22 -18.63 8.64 30.71
N PHE C 23 -19.38 8.84 29.63
CA PHE C 23 -19.06 9.89 28.67
C PHE C 23 -20.29 10.28 27.86
N ARG C 24 -20.47 11.57 27.63
CA ARG C 24 -21.50 12.02 26.70
C ARG C 24 -20.96 13.19 25.90
N THR C 25 -21.32 13.28 24.62
CA THR C 25 -21.07 14.53 23.91
C THR C 25 -22.08 15.56 24.36
N ALA C 26 -21.73 16.85 24.27
CA ALA C 26 -22.67 17.90 24.61
C ALA C 26 -22.68 18.97 23.52
N GLY C 27 -23.01 20.20 23.89
CA GLY C 27 -23.27 21.25 22.92
C GLY C 27 -22.05 22.01 22.43
N GLU C 28 -22.28 22.80 21.38
CA GLU C 28 -21.23 23.62 20.80
C GLU C 28 -20.71 24.68 21.78
N ASP C 29 -21.58 25.20 22.64
CA ASP C 29 -21.09 26.18 23.61
C ASP C 29 -21.67 25.98 25.02
N SER C 30 -22.27 24.82 25.26
CA SER C 30 -22.81 24.54 26.57
C SER C 30 -22.91 23.05 26.86
N TYR C 31 -23.18 22.72 28.11
CA TYR C 31 -23.48 21.36 28.52
C TYR C 31 -24.48 21.44 29.67
N PRO C 32 -25.29 20.39 29.86
CA PRO C 32 -26.30 20.39 30.92
C PRO C 32 -25.70 20.32 32.33
N ALA C 33 -25.96 21.35 33.13
CA ALA C 33 -25.39 21.42 34.47
C ALA C 33 -25.80 20.24 35.36
N GLU C 34 -26.98 19.69 35.11
CA GLU C 34 -27.47 18.61 35.95
C GLU C 34 -26.68 17.32 35.70
N TRP C 35 -25.89 17.29 34.63
CA TRP C 35 -25.02 16.16 34.40
C TRP C 35 -23.94 16.08 35.47
N ALA C 36 -23.62 17.20 36.13
CA ALA C 36 -22.67 17.13 37.24
C ALA C 36 -23.30 16.68 38.56
N ASP C 37 -24.64 16.66 38.60
CA ASP C 37 -25.37 16.41 39.85
C ASP C 37 -25.85 14.97 40.06
N ALA C 38 -25.83 14.18 39.00
CA ALA C 38 -26.39 12.83 39.04
C ALA C 38 -25.67 12.06 37.94
N PRO C 39 -25.76 10.71 37.95
CA PRO C 39 -25.12 9.93 36.88
C PRO C 39 -25.53 10.38 35.49
N LEU C 40 -24.58 10.43 34.56
CA LEU C 40 -24.89 10.76 33.17
C LEU C 40 -25.97 9.82 32.66
N PRO C 41 -26.96 10.35 31.94
CA PRO C 41 -27.97 9.51 31.30
C PRO C 41 -27.37 8.82 30.06
N GLU C 42 -27.74 7.56 29.84
CA GLU C 42 -27.33 6.80 28.66
C GLU C 42 -25.86 7.00 28.26
N PRO C 43 -24.93 6.77 29.19
CA PRO C 43 -23.53 7.10 28.93
C PRO C 43 -22.86 6.16 27.94
N LEU C 44 -21.86 6.69 27.24
CA LEU C 44 -20.93 5.90 26.45
C LEU C 44 -19.73 5.56 27.31
N PRO C 45 -19.04 4.45 27.00
CA PRO C 45 -17.76 4.19 27.66
C PRO C 45 -16.66 5.03 27.04
N MET C 46 -15.66 5.41 27.82
CA MET C 46 -14.53 6.18 27.31
C MET C 46 -13.32 5.91 28.18
N ALA C 47 -12.25 5.38 27.60
CA ALA C 47 -11.08 5.04 28.40
C ALA C 47 -10.29 6.28 28.72
N VAL C 48 -9.79 6.35 29.94
CA VAL C 48 -8.90 7.45 30.26
C VAL C 48 -7.64 7.07 31.02
N PRO C 49 -6.52 7.24 30.35
CA PRO C 49 -6.17 8.54 29.76
C PRO C 49 -6.39 8.25 28.25
N GLY C 50 -6.67 9.26 27.43
CA GLY C 50 -6.85 9.01 26.02
C GLY C 50 -7.61 10.17 25.40
N SER C 51 -7.37 10.44 24.11
CA SER C 51 -8.26 11.35 23.38
C SER C 51 -9.59 10.65 23.20
N TYR C 52 -10.68 11.39 23.17
CA TYR C 52 -11.95 10.70 22.95
C TYR C 52 -12.24 10.48 21.46
N ASN C 53 -11.53 11.20 20.59
CA ASN C 53 -11.98 11.31 19.19
C ASN C 53 -11.99 9.99 18.42
N ASP C 54 -11.03 9.11 18.68
CA ASP C 54 -10.96 7.85 17.96
C ASP C 54 -11.45 6.65 18.78
N GLN C 55 -12.18 6.91 19.86
CA GLN C 55 -12.72 5.84 20.70
C GLN C 55 -14.20 5.51 20.43
N ASN C 56 -14.75 6.01 19.32
CA ASN C 56 -16.11 5.64 18.97
C ASN C 56 -16.40 5.80 17.49
N ASP C 57 -16.43 4.68 16.78
CA ASP C 57 -16.65 4.70 15.34
C ASP C 57 -18.13 4.78 14.96
N GLU C 58 -19.03 4.69 15.94
CA GLU C 58 -20.45 4.94 15.64
C GLU C 58 -20.70 6.41 15.44
N LEU C 59 -19.99 7.21 16.23
CA LEU C 59 -20.05 8.66 16.11
C LEU C 59 -18.87 9.16 15.30
N ASN C 60 -18.93 10.42 14.88
CA ASN C 60 -17.79 11.02 14.20
C ASN C 60 -17.20 12.08 15.13
N LEU C 61 -16.50 11.63 16.18
CA LEU C 61 -16.05 12.54 17.23
C LEU C 61 -14.89 13.42 16.77
N ARG C 62 -14.24 13.06 15.65
CA ARG C 62 -13.26 13.97 15.07
C ARG C 62 -13.92 15.25 14.59
N ALA C 63 -15.20 15.16 14.20
CA ALA C 63 -15.93 16.34 13.75
C ALA C 63 -16.55 17.10 14.91
N HIS C 64 -16.44 16.57 16.12
CA HIS C 64 -17.11 17.21 17.24
C HIS C 64 -16.59 18.62 17.52
N TYR C 65 -17.52 19.53 17.77
CA TYR C 65 -17.22 20.91 18.11
C TYR C 65 -17.84 21.29 19.45
N GLY C 66 -17.01 21.66 20.41
CA GLY C 66 -17.51 22.14 21.69
C GLY C 66 -17.20 21.23 22.87
N TRP C 67 -18.23 20.98 23.68
CA TRP C 67 -18.07 20.29 24.96
C TRP C 67 -18.38 18.80 24.92
N VAL C 68 -17.68 18.06 25.78
CA VAL C 68 -18.09 16.70 26.11
C VAL C 68 -18.05 16.63 27.64
N VAL C 69 -18.66 15.60 28.22
CA VAL C 69 -18.67 15.43 29.67
C VAL C 69 -18.28 14.01 30.04
N TYR C 70 -17.22 13.91 30.85
CA TYR C 70 -16.74 12.67 31.44
C TYR C 70 -17.31 12.49 32.84
N GLN C 71 -17.46 11.25 33.28
CA GLN C 71 -17.89 11.04 34.65
C GLN C 71 -17.50 9.68 35.17
N ARG C 72 -17.17 9.61 36.44
CA ARG C 72 -17.03 8.29 37.09
C ARG C 72 -17.29 8.37 38.58
N SER C 73 -17.46 7.22 39.21
CA SER C 73 -17.54 7.16 40.67
C SER C 73 -16.27 6.55 41.24
N PHE C 74 -15.98 6.86 42.49
CA PHE C 74 -14.88 6.22 43.18
C PHE C 74 -15.12 6.27 44.67
N ALA C 75 -14.51 5.33 45.39
CA ALA C 75 -14.60 5.30 46.84
C ALA C 75 -13.23 4.94 47.41
N VAL C 76 -12.86 5.57 48.52
CA VAL C 76 -11.62 5.23 49.21
C VAL C 76 -11.89 5.07 50.70
N PRO C 77 -11.07 4.26 51.40
CA PRO C 77 -11.28 4.05 52.84
C PRO C 77 -11.18 5.34 53.63
N SER C 78 -12.12 5.51 54.57
CA SER C 78 -12.13 6.65 55.48
C SER C 78 -10.81 6.84 56.22
N ARG C 79 -10.17 5.72 56.57
CA ARG C 79 -8.93 5.77 57.35
C ARG C 79 -7.76 6.30 56.54
N LEU C 80 -7.90 6.32 55.22
CA LEU C 80 -6.84 6.81 54.35
C LEU C 80 -6.93 8.33 54.12
N VAL C 81 -8.15 8.86 54.13
CA VAL C 81 -8.32 10.31 53.95
C VAL C 81 -8.19 11.02 55.28
N ALA C 82 -8.37 10.26 56.37
CA ALA C 82 -8.42 10.83 57.72
C ALA C 82 -7.22 11.69 58.07
N GLY C 83 -7.47 12.97 58.30
CA GLY C 83 -6.41 13.89 58.69
C GLY C 83 -5.49 14.29 57.55
N GLN C 84 -5.80 13.86 56.33
CA GLN C 84 -4.92 14.18 55.21
C GLN C 84 -5.46 15.31 54.34
N ARG C 85 -4.54 15.96 53.65
CA ARG C 85 -4.87 16.89 52.58
C ARG C 85 -5.11 16.09 51.30
N MET C 86 -6.30 16.24 50.73
CA MET C 86 -6.72 15.47 49.57
C MET C 86 -6.70 16.32 48.30
N ILE C 87 -5.88 15.91 47.35
CA ILE C 87 -5.69 16.67 46.11
C ILE C 87 -6.10 15.82 44.91
N LEU C 88 -6.94 16.40 44.05
CA LEU C 88 -7.34 15.77 42.81
C LEU C 88 -6.52 16.38 41.67
N ARG C 89 -5.71 15.55 41.02
CA ARG C 89 -4.84 16.05 39.96
C ARG C 89 -5.22 15.55 38.56
N PHE C 90 -5.28 16.49 37.63
CA PHE C 90 -5.45 16.22 36.20
C PHE C 90 -4.15 16.50 35.47
N ASP C 91 -3.49 15.46 34.97
CA ASP C 91 -2.22 15.64 34.25
C ASP C 91 -2.43 16.49 32.99
N ALA C 92 -3.56 16.30 32.33
CA ALA C 92 -3.96 17.11 31.18
C ALA C 92 -5.40 16.88 30.77
N ALA C 93 -6.13 17.98 30.60
CA ALA C 93 -7.46 17.98 30.01
C ALA C 93 -7.45 18.96 28.84
N THR C 94 -7.68 18.48 27.62
CA THR C 94 -7.43 19.27 26.43
C THR C 94 -8.75 19.71 25.79
N HIS C 95 -9.02 21.02 25.68
CA HIS C 95 -8.12 22.12 26.04
C HIS C 95 -8.48 22.83 27.34
N ALA C 96 -9.76 22.80 27.68
CA ALA C 96 -10.26 23.49 28.88
C ALA C 96 -11.22 22.57 29.60
N ALA C 97 -11.31 22.72 30.92
CA ALA C 97 -12.16 21.82 31.71
C ALA C 97 -12.86 22.53 32.85
N ASP C 98 -14.09 22.10 33.13
CA ASP C 98 -14.76 22.41 34.40
C ASP C 98 -14.86 21.13 35.20
N VAL C 99 -14.47 21.16 36.47
CA VAL C 99 -14.47 19.95 37.28
C VAL C 99 -15.45 20.04 38.44
N TYR C 100 -16.27 19.00 38.58
CA TYR C 100 -17.26 18.91 39.65
C TYR C 100 -17.06 17.66 40.48
N LEU C 101 -17.21 17.78 41.80
CA LEU C 101 -17.22 16.62 42.68
C LEU C 101 -18.48 16.67 43.55
N ASN C 102 -19.28 15.62 43.46
CA ASN C 102 -20.52 15.50 44.23
C ASN C 102 -21.43 16.73 44.08
N GLY C 103 -21.54 17.24 42.85
CA GLY C 103 -22.44 18.35 42.58
C GLY C 103 -21.84 19.72 42.85
N GLN C 104 -20.64 19.76 43.42
CA GLN C 104 -19.97 21.02 43.70
C GLN C 104 -18.90 21.35 42.66
N LEU C 105 -18.92 22.58 42.15
CA LEU C 105 -17.87 23.05 41.27
C LEU C 105 -16.54 23.16 42.01
N LEU C 106 -15.53 22.42 41.57
CA LEU C 106 -14.20 22.56 42.16
C LEU C 106 -13.49 23.74 41.53
N GLY C 107 -13.73 23.95 40.24
CA GLY C 107 -13.05 24.99 39.50
C GLY C 107 -12.82 24.61 38.04
N SER C 108 -12.07 25.48 37.36
CA SER C 108 -11.87 25.34 35.92
C SER C 108 -10.41 25.52 35.55
N HIS C 109 -10.05 25.12 34.33
CA HIS C 109 -8.70 25.29 33.82
C HIS C 109 -8.67 25.48 32.31
N PHE C 110 -7.79 26.37 31.84
CA PHE C 110 -7.47 26.42 30.43
C PHE C 110 -6.01 26.07 30.20
N GLY C 111 -5.77 25.30 29.15
CA GLY C 111 -4.42 24.92 28.75
C GLY C 111 -4.41 23.41 28.68
N GLY C 112 -4.35 22.89 27.44
CA GLY C 112 -4.60 21.50 27.21
C GLY C 112 -3.46 20.54 27.45
N PHE C 113 -2.31 21.04 27.89
CA PHE C 113 -1.11 20.20 27.89
C PHE C 113 -0.26 20.31 29.15
N LEU C 114 -0.83 20.90 30.20
CA LEU C 114 -0.13 21.04 31.47
C LEU C 114 -1.09 20.69 32.62
N PRO C 115 -0.54 20.16 33.73
CA PRO C 115 -1.39 19.63 34.80
C PRO C 115 -2.03 20.71 35.66
N PHE C 116 -3.17 20.38 36.27
CA PHE C 116 -3.80 21.26 37.23
C PHE C 116 -4.42 20.38 38.30
N GLU C 117 -4.68 20.95 39.47
CA GLU C 117 -5.19 20.16 40.58
C GLU C 117 -6.10 20.99 41.49
N PHE C 118 -6.91 20.30 42.29
CA PHE C 118 -7.85 20.94 43.20
C PHE C 118 -7.75 20.31 44.58
N ASP C 119 -7.86 21.12 45.62
CA ASP C 119 -7.97 20.57 46.97
C ASP C 119 -9.40 20.08 47.19
N VAL C 120 -9.57 18.76 47.35
CA VAL C 120 -10.91 18.19 47.50
C VAL C 120 -11.17 17.67 48.92
N THR C 121 -10.32 18.08 49.86
CA THR C 121 -10.42 17.65 51.26
C THR C 121 -11.83 17.81 51.85
N SER C 122 -12.46 18.95 51.58
CA SER C 122 -13.79 19.21 52.12
C SER C 122 -14.94 18.71 51.24
N ALA C 123 -14.69 18.52 49.94
CA ALA C 123 -15.75 18.09 49.03
C ALA C 123 -15.94 16.57 49.02
N LEU C 124 -14.89 15.84 49.40
CA LEU C 124 -14.97 14.37 49.48
C LEU C 124 -15.89 13.92 50.59
N HIS C 125 -16.53 12.77 50.40
CA HIS C 125 -17.20 12.13 51.51
C HIS C 125 -17.07 10.61 51.45
N ALA C 126 -17.51 9.95 52.51
CA ALA C 126 -17.41 8.50 52.61
C ALA C 126 -18.29 7.82 51.57
N GLY C 127 -17.95 6.58 51.24
CA GLY C 127 -18.67 5.87 50.20
C GLY C 127 -18.35 6.42 48.83
N GLU C 128 -19.28 6.22 47.90
CA GLU C 128 -19.09 6.61 46.50
C GLU C 128 -19.10 8.12 46.30
N ASN C 129 -18.10 8.63 45.58
CA ASN C 129 -18.09 10.03 45.16
C ASN C 129 -18.34 10.14 43.66
N LEU C 130 -19.01 11.20 43.24
CA LEU C 130 -19.31 11.36 41.82
C LEU C 130 -18.50 12.49 41.19
N LEU C 131 -17.58 12.12 40.31
CA LEU C 131 -16.64 13.05 39.69
C LEU C 131 -17.02 13.31 38.24
N THR C 132 -17.32 14.57 37.94
CA THR C 132 -17.75 14.96 36.61
C THR C 132 -16.79 15.96 36.01
N VAL C 133 -16.35 15.72 34.79
CA VAL C 133 -15.38 16.59 34.14
C VAL C 133 -15.85 16.99 32.76
N ALA C 134 -16.23 18.24 32.61
CA ALA C 134 -16.61 18.76 31.30
C ALA C 134 -15.36 19.25 30.58
N VAL C 135 -15.17 18.80 29.34
CA VAL C 135 -13.98 19.16 28.58
C VAL C 135 -14.34 19.85 27.26
N ASP C 136 -13.71 21.01 27.03
CA ASP C 136 -13.98 21.88 25.87
C ASP C 136 -12.85 21.75 24.84
N ASN C 137 -13.20 21.44 23.59
CA ASN C 137 -12.15 21.25 22.57
C ASN C 137 -11.92 22.47 21.68
N ARG C 138 -12.61 23.56 21.97
CA ARG C 138 -12.64 24.67 21.04
C ARG C 138 -11.33 25.44 21.01
N ILE C 139 -10.91 25.79 19.80
CA ILE C 139 -9.76 26.64 19.56
C ILE C 139 -10.22 27.84 18.74
N GLY C 140 -9.46 28.93 18.83
CA GLY C 140 -9.81 30.15 18.13
C GLY C 140 -8.69 31.15 18.27
N SER C 141 -9.00 32.42 18.00
CA SER C 141 -7.96 33.44 17.90
C SER C 141 -7.31 33.77 19.25
N SER C 142 -7.92 33.35 20.35
CA SER C 142 -7.32 33.62 21.66
C SER C 142 -6.81 32.38 22.40
N THR C 143 -6.84 31.20 21.77
CA THR C 143 -6.30 29.99 22.41
C THR C 143 -4.86 29.70 22.01
N LEU C 144 -4.15 28.99 22.87
CA LEU C 144 -2.89 28.36 22.50
C LEU C 144 -3.07 26.87 22.69
N PRO C 145 -2.94 26.09 21.62
CA PRO C 145 -2.58 26.48 20.25
C PRO C 145 -3.69 27.27 19.56
N VAL C 146 -3.33 27.98 18.50
CA VAL C 146 -4.22 28.98 17.90
C VAL C 146 -5.18 28.40 16.86
N GLY C 147 -6.45 28.74 16.99
CA GLY C 147 -7.42 28.39 15.96
C GLY C 147 -7.81 29.62 15.16
N ASN C 148 -8.42 29.40 14.01
CA ASN C 148 -8.96 30.51 13.22
C ASN C 148 -10.45 30.68 13.53
N ASP C 149 -10.89 31.92 13.68
CA ASP C 149 -12.30 32.19 14.00
C ASP C 149 -13.21 32.01 12.79
N ALA C 150 -12.63 32.16 11.60
CA ALA C 150 -13.36 31.88 10.36
C ALA C 150 -12.42 31.47 9.21
N GLY C 151 -13.00 30.82 8.20
CA GLY C 151 -12.28 30.49 6.98
C GLY C 151 -12.02 29.02 6.69
N THR C 152 -10.75 28.65 6.57
CA THR C 152 -10.36 27.29 6.23
C THR C 152 -9.24 26.90 7.22
N ALA C 153 -8.77 25.66 7.18
CA ALA C 153 -7.71 25.19 8.09
C ALA C 153 -6.28 25.48 7.60
N PHE C 154 -5.31 25.05 8.42
CA PHE C 154 -3.88 25.13 8.11
C PHE C 154 -3.58 24.37 6.82
N MET C 155 -3.08 25.08 5.80
CA MET C 155 -2.80 24.50 4.49
C MET C 155 -4.10 23.92 3.92
N GLY C 156 -5.11 24.78 3.81
CA GLY C 156 -6.41 24.36 3.34
C GLY C 156 -6.66 24.85 1.93
N SER C 157 -7.59 24.21 1.26
CA SER C 157 -7.91 24.53 -0.12
C SER C 157 -9.14 25.43 -0.23
N ASN C 161 -14.49 33.49 -3.20
CA ASN C 161 -15.11 34.59 -3.94
C ASN C 161 -16.40 34.17 -4.63
N VAL C 162 -16.46 32.93 -5.11
CA VAL C 162 -17.65 32.43 -5.79
C VAL C 162 -18.83 32.44 -4.81
N PRO C 163 -19.95 33.07 -5.21
CA PRO C 163 -21.11 33.28 -4.35
C PRO C 163 -21.70 31.99 -3.76
N ALA C 164 -21.65 30.91 -4.54
CA ALA C 164 -22.12 29.62 -4.06
C ALA C 164 -21.28 29.23 -2.85
N VAL C 165 -19.97 29.48 -2.96
CA VAL C 165 -19.02 29.14 -1.90
C VAL C 165 -19.19 30.02 -0.66
N ALA C 166 -19.29 31.33 -0.85
CA ALA C 166 -19.46 32.25 0.28
C ALA C 166 -20.73 31.91 1.06
N GLU C 167 -21.82 31.70 0.32
CA GLU C 167 -23.10 31.40 0.94
C GLU C 167 -23.07 30.04 1.65
N ALA C 168 -22.50 29.02 1.00
CA ALA C 168 -22.41 27.71 1.64
C ALA C 168 -21.56 27.75 2.91
N LYS C 169 -20.46 28.50 2.86
CA LYS C 169 -19.56 28.67 3.99
C LYS C 169 -20.25 29.32 5.19
N LYS C 170 -21.09 30.31 4.92
CA LYS C 170 -21.77 30.99 6.01
C LYS C 170 -22.71 30.05 6.79
N HIS C 171 -23.22 29.01 6.13
CA HIS C 171 -24.16 28.07 6.78
C HIS C 171 -23.57 26.70 7.13
N ALA C 172 -22.27 26.53 6.94
CA ALA C 172 -21.62 25.26 7.22
C ALA C 172 -21.62 24.95 8.73
N ARG C 173 -21.65 23.66 9.06
CA ARG C 173 -21.50 23.22 10.44
C ARG C 173 -20.24 23.82 11.07
N ARG C 174 -20.37 24.37 12.28
CA ARG C 174 -19.22 24.91 13.00
C ARG C 174 -18.19 23.82 13.28
N GLN C 175 -16.94 24.11 12.92
CA GLN C 175 -15.80 23.23 13.16
C GLN C 175 -14.64 24.03 13.73
N ASN C 176 -13.82 23.40 14.55
CA ASN C 176 -12.54 24.00 14.91
C ASN C 176 -11.65 24.16 13.69
N LEU C 177 -11.12 25.36 13.50
CA LEU C 177 -10.26 25.64 12.35
C LEU C 177 -8.83 25.91 12.81
N PRO C 178 -8.00 24.86 12.81
CA PRO C 178 -6.67 24.99 13.40
C PRO C 178 -5.73 25.85 12.56
N ASN C 179 -4.91 26.65 13.23
CA ASN C 179 -3.81 27.31 12.55
C ASN C 179 -2.54 26.48 12.76
N PHE C 180 -2.71 25.16 12.83
CA PHE C 180 -1.59 24.25 13.05
C PHE C 180 -1.84 22.92 12.35
N ASP C 181 -0.75 22.19 12.13
CA ASP C 181 -0.74 20.99 11.30
C ASP C 181 -0.71 19.72 12.10
N PHE C 182 -1.63 19.59 13.06
CA PHE C 182 -1.83 18.31 13.74
C PHE C 182 -3.27 18.24 14.22
N PHE C 183 -3.86 17.05 14.24
CA PHE C 183 -5.28 16.97 14.52
C PHE C 183 -5.59 17.42 15.95
N ASN C 184 -6.72 18.11 16.11
CA ASN C 184 -7.11 18.69 17.40
C ASN C 184 -7.69 17.65 18.37
N PHE C 185 -6.89 16.64 18.68
CA PHE C 185 -7.31 15.60 19.65
C PHE C 185 -7.62 16.19 21.01
N ALA C 186 -8.79 15.85 21.54
CA ALA C 186 -9.26 16.47 22.78
C ALA C 186 -9.65 15.43 23.83
N GLY C 187 -9.92 15.89 25.05
CA GLY C 187 -10.36 15.03 26.13
C GLY C 187 -9.33 14.89 27.24
N LEU C 188 -9.50 13.85 28.05
CA LEU C 188 -8.62 13.57 29.17
C LEU C 188 -7.38 12.83 28.67
N ASN C 189 -6.50 13.56 27.99
CA ASN C 189 -5.36 12.96 27.30
C ASN C 189 -4.33 12.33 28.23
N ARG C 190 -4.32 12.75 29.49
CA ARG C 190 -3.34 12.19 30.43
C ARG C 190 -4.00 11.78 31.74
N HIS C 191 -3.22 11.19 32.63
CA HIS C 191 -3.75 10.52 33.82
C HIS C 191 -4.53 11.44 34.75
N VAL C 192 -5.46 10.84 35.50
CA VAL C 192 -6.20 11.52 36.55
C VAL C 192 -5.93 10.75 37.83
N GLU C 193 -5.60 11.45 38.92
CA GLU C 193 -5.38 10.72 40.16
C GLU C 193 -5.69 11.57 41.40
N LEU C 194 -6.20 10.91 42.42
CA LEU C 194 -6.35 11.49 43.75
C LEU C 194 -5.07 11.20 44.52
N TYR C 195 -4.57 12.14 45.30
CA TYR C 195 -3.43 11.84 46.16
C TYR C 195 -3.52 12.57 47.49
N THR C 196 -2.70 12.13 48.44
CA THR C 196 -2.74 12.69 49.79
C THR C 196 -1.39 13.28 50.16
N THR C 197 -1.43 14.35 50.96
CA THR C 197 -0.23 14.81 51.66
C THR C 197 -0.62 15.07 53.12
N PRO C 198 0.38 15.23 54.00
CA PRO C 198 0.04 15.75 55.33
C PRO C 198 -0.62 17.12 55.22
N ALA C 199 -1.53 17.43 56.14
CA ALA C 199 -2.32 18.67 56.06
C ALA C 199 -1.66 19.88 56.73
N ASP C 200 -1.01 19.68 57.87
CA ASP C 200 -0.46 20.77 58.66
C ASP C 200 0.74 21.45 57.99
N ALA C 201 1.65 20.65 57.44
CA ALA C 201 2.80 21.15 56.71
C ALA C 201 3.22 20.11 55.69
N TYR C 202 3.57 20.54 54.48
CA TYR C 202 3.88 19.56 53.44
C TYR C 202 4.81 20.14 52.38
N ILE C 203 5.56 19.27 51.71
CA ILE C 203 6.41 19.71 50.61
C ILE C 203 5.56 20.05 49.39
N ALA C 204 5.67 21.29 48.94
CA ALA C 204 4.88 21.80 47.81
C ALA C 204 5.70 21.88 46.53
N ASP C 205 7.01 22.12 46.65
CA ASP C 205 7.86 22.23 45.47
C ASP C 205 9.31 21.97 45.79
N ILE C 206 10.03 21.44 44.81
CA ILE C 206 11.47 21.21 44.90
C ILE C 206 12.14 21.63 43.60
N ALA C 207 13.25 22.35 43.72
CA ALA C 207 14.07 22.68 42.56
C ALA C 207 15.53 22.33 42.87
N ILE C 208 16.12 21.54 41.98
CA ILE C 208 17.53 21.20 42.07
C ILE C 208 18.25 21.81 40.87
N THR C 209 19.38 22.46 41.10
CA THR C 209 20.15 23.01 39.99
C THR C 209 21.62 22.61 40.05
N THR C 210 22.24 22.47 38.88
CA THR C 210 23.69 22.28 38.85
C THR C 210 24.32 23.65 38.74
N GLU C 211 24.89 24.12 39.84
CA GLU C 211 25.43 25.47 39.90
C GLU C 211 26.82 25.57 39.29
N ARG C 212 27.69 24.63 39.64
CA ARG C 212 29.05 24.71 39.10
C ARG C 212 29.71 23.35 39.03
N LEU C 213 30.56 23.16 38.02
CA LEU C 213 31.37 21.96 37.92
C LEU C 213 32.83 22.38 37.93
N ASP C 214 33.62 21.78 38.81
CA ASP C 214 35.05 22.05 38.86
C ASP C 214 35.78 20.86 38.28
N HIS C 215 36.64 21.13 37.30
CA HIS C 215 37.51 20.10 36.71
C HIS C 215 36.74 18.86 36.26
N ILE C 216 36.00 19.05 35.17
CA ILE C 216 35.29 17.97 34.51
C ILE C 216 36.33 17.03 33.89
N ALA C 217 36.13 15.73 34.04
CA ALA C 217 37.03 14.73 33.44
C ALA C 217 37.07 14.86 31.91
N GLY C 218 38.13 14.32 31.30
CA GLY C 218 38.28 14.36 29.86
C GLY C 218 37.12 13.71 29.12
N ASP C 219 36.58 12.65 29.71
CA ASP C 219 35.47 11.92 29.09
C ASP C 219 34.11 12.41 29.59
N ALA C 220 34.12 13.45 30.44
CA ALA C 220 32.91 14.04 31.00
C ALA C 220 32.07 13.08 31.85
N CYS C 221 32.63 11.93 32.25
CA CYS C 221 31.90 10.98 33.09
C CYS C 221 31.77 11.50 34.53
N THR C 222 32.77 12.24 34.97
CA THR C 222 32.77 12.79 36.33
C THR C 222 33.31 14.22 36.34
N ALA C 223 33.11 14.89 37.46
CA ALA C 223 33.81 16.14 37.76
C ALA C 223 34.39 16.01 39.16
N ALA C 224 35.54 16.63 39.40
CA ALA C 224 36.18 16.57 40.72
C ALA C 224 35.22 17.05 41.80
N ASN C 225 34.48 18.11 41.48
CA ASN C 225 33.45 18.61 42.37
C ASN C 225 32.25 19.18 41.63
N ALA C 226 31.05 18.94 42.15
CA ALA C 226 29.85 19.54 41.60
C ALA C 226 29.14 20.31 42.69
N LEU C 227 28.85 21.57 42.44
CA LEU C 227 28.06 22.37 43.36
C LEU C 227 26.64 22.40 42.84
N ILE C 228 25.73 21.81 43.63
CA ILE C 228 24.33 21.81 43.30
C ILE C 228 23.58 22.64 44.33
N ALA C 229 22.45 23.21 43.92
CA ALA C 229 21.65 24.00 44.83
C ALA C 229 20.28 23.37 44.94
N TYR C 230 19.69 23.48 46.13
CA TYR C 230 18.34 23.01 46.34
C TYR C 230 17.47 24.16 46.84
N ASP C 231 16.19 24.05 46.50
CA ASP C 231 15.18 25.01 46.85
C ASP C 231 13.88 24.25 47.09
N VAL C 232 13.49 24.14 48.35
CA VAL C 232 12.29 23.42 48.74
C VAL C 232 11.25 24.37 49.29
N THR C 233 10.04 24.28 48.75
CA THR C 233 8.95 25.16 49.16
C THR C 233 7.93 24.31 49.93
N PHE C 234 7.31 24.90 50.94
CA PHE C 234 6.36 24.17 51.76
C PHE C 234 5.00 24.85 51.78
N GLY C 235 3.96 24.06 51.97
CA GLY C 235 2.63 24.60 52.16
C GLY C 235 2.15 24.17 53.53
N GLY C 236 1.01 24.71 53.95
CA GLY C 236 0.46 24.35 55.24
C GLY C 236 0.65 25.43 56.30
N ASP C 237 0.21 25.11 57.52
CA ASP C 237 0.10 26.06 58.64
C ASP C 237 -0.97 27.10 58.35
N GLY C 276 11.02 27.22 63.80
CA GLY C 276 11.98 26.20 64.22
C GLY C 276 11.83 24.89 63.48
N ARG C 277 11.31 24.93 62.26
CA ARG C 277 11.13 23.71 61.48
C ARG C 277 12.29 23.46 60.53
N GLN C 278 12.57 22.19 60.28
CA GLN C 278 13.69 21.79 59.44
C GLN C 278 13.34 20.75 58.39
N VAL C 279 14.10 20.75 57.31
CA VAL C 279 14.03 19.69 56.32
C VAL C 279 15.40 19.05 56.17
N ARG C 280 15.43 17.73 56.15
CA ARG C 280 16.65 17.01 55.84
C ARG C 280 16.67 16.65 54.37
N ILE C 281 17.79 16.92 53.73
CA ILE C 281 17.97 16.62 52.33
C ILE C 281 19.10 15.63 52.16
N SER C 282 18.77 14.48 51.61
CA SER C 282 19.78 13.45 51.40
C SER C 282 19.97 13.26 49.92
N ILE C 283 21.21 13.25 49.47
CA ILE C 283 21.50 12.99 48.08
C ILE C 283 21.92 11.53 47.91
N LEU C 284 21.14 10.81 47.10
CA LEU C 284 21.35 9.40 46.81
C LEU C 284 21.93 9.23 45.42
N ASP C 285 22.96 8.40 45.28
CA ASP C 285 23.52 8.13 43.96
C ASP C 285 22.69 7.06 43.27
N GLY C 286 23.16 6.61 42.10
CA GLY C 286 22.44 5.62 41.32
C GLY C 286 22.16 4.30 42.00
N GLU C 287 22.96 3.96 43.01
CA GLU C 287 22.79 2.70 43.73
C GLU C 287 21.98 2.90 45.01
N GLY C 288 21.56 4.15 45.25
CA GLY C 288 20.78 4.46 46.43
C GLY C 288 21.63 4.79 47.65
N THR C 289 22.94 4.90 47.43
CA THR C 289 23.85 5.25 48.51
C THR C 289 23.77 6.74 48.84
N VAL C 290 23.66 7.07 50.12
CA VAL C 290 23.70 8.48 50.52
C VAL C 290 25.13 9.00 50.40
N VAL C 291 25.35 9.93 49.48
CA VAL C 291 26.69 10.48 49.23
C VAL C 291 26.81 11.87 49.80
N ALA C 292 25.68 12.45 50.19
CA ALA C 292 25.67 13.78 50.78
C ALA C 292 24.34 14.03 51.47
N GLY C 293 24.37 14.92 52.46
CA GLY C 293 23.18 15.20 53.24
C GLY C 293 23.34 16.47 54.05
N VAL C 294 22.26 17.22 54.18
CA VAL C 294 22.25 18.42 55.00
C VAL C 294 20.88 18.56 55.65
N THR C 295 20.85 19.24 56.79
CA THR C 295 19.60 19.60 57.44
C THR C 295 19.50 21.10 57.34
N ALA C 296 18.40 21.59 56.77
CA ALA C 296 18.25 23.02 56.50
C ALA C 296 17.09 23.60 57.28
N ASP C 297 17.18 24.89 57.59
CA ASP C 297 16.12 25.60 58.30
C ASP C 297 15.05 26.06 57.35
N ILE C 298 13.80 25.99 57.80
CA ILE C 298 12.67 26.48 57.01
C ILE C 298 12.30 27.91 57.44
N GLU C 299 12.34 28.85 56.50
CA GLU C 299 12.01 30.25 56.78
C GLU C 299 10.77 30.71 56.02
N ARG C 300 10.00 31.62 56.61
CA ARG C 300 8.88 32.24 55.92
C ARG C 300 9.31 33.51 55.19
N THR C 305 5.48 32.56 52.84
CA THR C 305 5.99 31.56 51.90
C THR C 305 7.15 30.78 52.52
N ALA C 306 6.85 29.58 53.03
CA ALA C 306 7.85 28.77 53.73
C ALA C 306 8.81 28.12 52.76
N LYS C 307 10.11 28.27 53.02
CA LYS C 307 11.13 27.87 52.08
C LYS C 307 12.43 27.49 52.79
N ALA C 308 13.11 26.48 52.25
CA ALA C 308 14.45 26.11 52.66
C ALA C 308 15.31 26.08 51.41
N SER C 309 16.52 26.61 51.50
CA SER C 309 17.38 26.76 50.33
C SER C 309 18.82 26.60 50.72
N GLY C 310 19.64 26.08 49.80
CA GLY C 310 21.05 25.95 50.12
C GLY C 310 21.85 25.30 49.02
N GLU C 311 23.10 24.99 49.34
CA GLU C 311 24.00 24.37 48.40
C GLU C 311 24.61 23.10 48.98
N ILE C 312 25.02 22.20 48.10
CA ILE C 312 25.61 20.93 48.48
C ILE C 312 26.72 20.63 47.49
N ALA C 313 27.90 20.31 48.02
CA ALA C 313 29.03 19.90 47.20
C ALA C 313 29.04 18.39 47.08
N ILE C 314 29.17 17.92 45.85
CA ILE C 314 29.23 16.49 45.57
C ILE C 314 30.59 16.21 45.00
N ARG C 315 31.38 15.45 45.75
CA ARG C 315 32.73 15.09 45.38
C ARG C 315 32.72 13.97 44.36
N ASP C 316 33.58 14.07 43.36
CA ASP C 316 33.68 13.03 42.34
C ASP C 316 32.30 12.76 41.73
N ALA C 317 31.55 13.83 41.46
CA ALA C 317 30.19 13.71 40.96
C ALA C 317 30.13 12.99 39.63
N LYS C 318 29.17 12.10 39.50
CA LYS C 318 28.95 11.39 38.25
C LYS C 318 27.99 12.20 37.39
N LEU C 319 28.45 12.62 36.21
CA LEU C 319 27.68 13.54 35.37
C LEU C 319 26.65 12.86 34.45
N TRP C 320 25.59 13.60 34.14
CA TRP C 320 24.58 13.19 33.17
C TRP C 320 25.01 13.63 31.78
N ASN C 321 25.10 12.70 30.84
CA ASN C 321 25.42 13.05 29.45
C ASN C 321 24.44 12.42 28.47
N PRO C 322 24.28 13.04 27.30
CA PRO C 322 23.56 12.36 26.22
C PRO C 322 24.24 11.02 25.93
N GLY C 323 23.46 9.95 25.80
CA GLY C 323 24.03 8.64 25.55
C GLY C 323 24.67 7.98 26.76
N ALA C 324 24.66 8.67 27.89
CA ALA C 324 25.28 8.12 29.11
C ALA C 324 24.66 8.79 30.32
N ALA C 325 23.39 8.48 30.56
CA ALA C 325 22.66 9.08 31.67
C ALA C 325 23.20 8.63 33.03
N TYR C 326 23.12 9.52 34.00
CA TYR C 326 23.33 9.15 35.39
C TYR C 326 22.43 10.02 36.24
N LEU C 327 21.68 9.38 37.14
CA LEU C 327 20.69 10.07 37.94
C LEU C 327 20.92 9.92 39.45
N TYR C 328 20.79 11.04 40.15
CA TYR C 328 20.75 11.07 41.60
C TYR C 328 19.31 11.28 42.05
N THR C 329 19.08 11.05 43.35
CA THR C 329 17.81 11.36 43.97
C THR C 329 18.02 12.32 45.13
N ALA C 330 17.24 13.39 45.17
CA ALA C 330 17.23 14.29 46.31
C ALA C 330 16.02 13.93 47.16
N VAL C 331 16.27 13.37 48.34
CA VAL C 331 15.19 13.02 49.24
C VAL C 331 14.99 14.16 50.22
N ALA C 332 13.81 14.78 50.18
CA ALA C 332 13.46 15.83 51.11
C ALA C 332 12.52 15.29 52.16
N GLU C 333 12.92 15.42 53.42
CA GLU C 333 12.13 14.94 54.55
C GLU C 333 11.88 16.09 55.51
N LEU C 334 10.62 16.47 55.66
CA LEU C 334 10.23 17.50 56.61
C LEU C 334 10.36 16.93 58.02
N LEU C 335 11.13 17.55 58.90
CA LEU C 335 11.28 16.97 60.24
C LEU C 335 10.26 17.52 61.24
N PRO C 336 9.89 16.72 62.26
CA PRO C 336 9.02 17.26 63.30
C PRO C 336 9.76 18.20 64.25
N SER C 344 5.40 4.68 65.65
CA SER C 344 4.93 4.85 64.29
C SER C 344 4.72 6.34 63.97
N ARG C 345 4.13 6.60 62.80
CA ARG C 345 3.88 7.93 62.20
C ARG C 345 5.07 8.91 62.22
N ILE C 346 5.39 9.42 61.03
CA ILE C 346 6.44 10.41 60.91
C ILE C 346 5.80 11.68 60.28
N ILE C 347 6.32 12.24 59.19
CA ILE C 347 5.89 13.58 58.80
C ILE C 347 5.68 13.84 57.28
N ASP C 348 6.67 14.28 56.51
CA ASP C 348 6.48 14.33 55.04
C ASP C 348 7.79 14.04 54.29
N ALA C 349 7.66 13.47 53.09
CA ALA C 349 8.82 13.18 52.27
C ALA C 349 8.51 13.25 50.77
N TYR C 350 9.53 13.55 49.98
CA TYR C 350 9.42 13.47 48.51
C TYR C 350 10.78 13.15 47.94
N ARG C 351 10.80 12.28 46.94
CA ARG C 351 12.03 11.90 46.26
C ARG C 351 12.10 12.52 44.86
N GLN C 352 13.05 13.44 44.68
CA GLN C 352 13.16 14.17 43.42
C GLN C 352 14.37 13.72 42.61
N THR C 353 14.12 13.13 41.45
CA THR C 353 15.22 12.69 40.59
C THR C 353 15.91 13.93 39.99
N PHE C 354 17.22 13.86 39.81
CA PHE C 354 17.93 14.91 39.09
C PHE C 354 19.21 14.35 38.47
N GLY C 355 19.82 15.13 37.59
CA GLY C 355 21.07 14.74 36.99
C GLY C 355 22.01 15.93 37.03
N ILE C 356 23.30 15.65 37.22
CA ILE C 356 24.28 16.73 37.35
C ILE C 356 24.91 17.03 36.00
N ARG C 357 24.64 18.22 35.47
CA ARG C 357 25.20 18.61 34.19
C ARG C 357 25.00 20.10 33.98
N THR C 358 25.89 20.71 33.21
CA THR C 358 25.73 22.12 32.84
C THR C 358 25.43 22.26 31.35
N VAL C 359 24.76 23.35 31.03
CA VAL C 359 24.43 23.72 29.66
C VAL C 359 24.88 25.15 29.46
N GLU C 360 25.63 25.42 28.41
CA GLU C 360 26.09 26.77 28.18
C GLU C 360 26.24 27.03 26.70
N VAL C 361 25.62 28.09 26.20
CA VAL C 361 25.91 28.53 24.85
C VAL C 361 27.15 29.40 24.88
N SER C 362 28.15 29.06 24.07
CA SER C 362 29.37 29.85 24.00
C SER C 362 29.74 30.10 22.55
N GLY C 363 29.62 31.36 22.12
CA GLY C 363 29.82 31.71 20.73
C GLY C 363 28.85 30.94 19.86
N THR C 364 29.39 30.14 18.94
CA THR C 364 28.54 29.30 18.09
C THR C 364 28.55 27.83 18.52
N THR C 365 28.86 27.58 19.80
CA THR C 365 28.84 26.21 20.31
C THR C 365 27.78 26.05 21.39
N PHE C 366 27.37 24.80 21.56
CA PHE C 366 26.38 24.39 22.55
C PHE C 366 27.06 23.39 23.47
N LEU C 367 27.42 23.84 24.66
CA LEU C 367 28.27 23.05 25.53
C LEU C 367 27.46 22.33 26.59
N ILE C 368 27.57 21.00 26.61
CA ILE C 368 27.04 20.22 27.70
C ILE C 368 28.24 19.66 28.45
N ASN C 369 28.29 19.96 29.75
CA ASN C 369 29.45 19.63 30.56
C ASN C 369 30.73 20.10 29.89
N GLY C 370 30.69 21.31 29.34
CA GLY C 370 31.84 21.89 28.68
C GLY C 370 32.21 21.29 27.32
N LYS C 371 31.42 20.34 26.83
CA LYS C 371 31.76 19.68 25.57
C LYS C 371 30.81 20.15 24.46
N PRO C 372 31.35 20.37 23.25
CA PRO C 372 30.55 20.88 22.12
C PRO C 372 29.59 19.82 21.57
N PHE C 373 28.32 19.96 21.90
CA PHE C 373 27.27 19.00 21.56
C PHE C 373 26.76 19.20 20.14
N TYR C 374 26.35 18.11 19.49
CA TYR C 374 25.67 18.20 18.21
C TYR C 374 24.32 17.46 18.29
N PHE C 375 23.23 18.17 18.04
CA PHE C 375 21.90 17.56 18.07
C PHE C 375 21.68 16.64 16.88
N LYS C 376 21.26 15.41 17.17
CA LYS C 376 20.77 14.47 16.15
C LYS C 376 19.37 14.05 16.55
N GLY C 377 18.39 14.34 15.70
CA GLY C 377 17.04 13.93 16.02
C GLY C 377 15.95 14.53 15.15
N PHE C 378 14.87 14.94 15.79
CA PHE C 378 13.61 15.21 15.09
C PHE C 378 12.64 15.91 16.00
N GLY C 379 11.65 16.56 15.43
CA GLY C 379 10.47 16.88 16.20
C GLY C 379 9.66 15.61 16.29
N LYS C 380 8.96 15.45 17.40
CA LYS C 380 8.04 14.32 17.56
C LYS C 380 6.60 14.84 17.59
N HIS C 381 5.67 13.93 17.84
CA HIS C 381 4.33 14.26 18.31
C HIS C 381 3.92 13.21 19.31
N GLU C 382 3.05 13.57 20.24
CA GLU C 382 2.30 12.55 20.96
C GLU C 382 1.08 12.24 20.11
N ASP C 383 1.19 11.16 19.34
CA ASP C 383 0.21 10.79 18.34
C ASP C 383 0.31 9.30 18.11
N SER C 384 -0.84 8.62 18.12
CA SER C 384 -0.87 7.20 17.79
C SER C 384 -2.29 6.80 17.44
N TYR C 385 -2.41 5.65 16.78
CA TYR C 385 -3.66 5.22 16.14
C TYR C 385 -5.00 5.19 16.90
N PHE C 386 -5.02 4.88 18.18
CA PHE C 386 -6.33 4.79 18.85
C PHE C 386 -6.40 5.80 20.00
N HIS C 387 -5.23 6.06 20.57
CA HIS C 387 -5.05 6.96 21.70
C HIS C 387 -5.12 8.42 21.29
N GLY C 388 -4.83 8.70 20.03
CA GLY C 388 -4.71 10.07 19.56
C GLY C 388 -3.55 10.77 20.23
N ARG C 389 -3.85 11.80 21.02
CA ARG C 389 -2.83 12.52 21.79
C ARG C 389 -2.71 11.89 23.18
N GLY C 390 -3.43 10.80 23.40
CA GLY C 390 -3.40 10.13 24.70
C GLY C 390 -2.02 9.57 25.04
N THR C 391 -1.56 9.81 26.27
CA THR C 391 -0.28 9.30 26.69
C THR C 391 -0.31 7.76 26.72
N ASP C 392 0.79 7.16 26.29
CA ASP C 392 0.91 5.71 26.17
C ASP C 392 2.37 5.35 26.46
N ASP C 393 2.63 4.80 27.64
CA ASP C 393 4.01 4.57 28.03
C ASP C 393 4.65 3.37 27.32
N VAL C 394 3.84 2.42 26.86
CA VAL C 394 4.34 1.37 25.97
C VAL C 394 4.96 2.02 24.73
N LEU C 395 4.24 2.99 24.17
CA LEU C 395 4.72 3.68 22.98
C LEU C 395 5.91 4.58 23.31
N ASN C 396 5.90 5.24 24.47
CA ASN C 396 7.06 6.06 24.85
C ASN C 396 8.34 5.22 24.96
N VAL C 397 8.22 4.08 25.63
CA VAL C 397 9.34 3.15 25.78
C VAL C 397 9.83 2.69 24.39
N LYS C 398 8.90 2.29 23.53
CA LYS C 398 9.30 1.85 22.19
C LYS C 398 10.00 2.97 21.43
N ASP C 399 9.42 4.17 21.48
CA ASP C 399 9.96 5.31 20.73
C ASP C 399 11.37 5.65 21.16
N VAL C 400 11.59 5.61 22.48
CA VAL C 400 12.92 5.86 23.01
C VAL C 400 13.91 4.79 22.49
N SER C 401 13.47 3.53 22.45
CA SER C 401 14.35 2.49 21.88
C SER C 401 14.64 2.77 20.41
N LEU C 402 13.65 3.30 19.70
CA LEU C 402 13.85 3.64 18.28
C LEU C 402 14.81 4.80 18.10
N ILE C 403 14.75 5.74 19.04
CA ILE C 403 15.69 6.86 19.04
C ILE C 403 17.11 6.31 19.18
N HIS C 404 17.31 5.35 20.09
CA HIS C 404 18.61 4.66 20.18
C HIS C 404 18.99 3.89 18.90
N TRP C 405 18.02 3.17 18.33
CA TRP C 405 18.22 2.38 17.11
C TRP C 405 18.73 3.25 15.96
N LEU C 406 18.15 4.45 15.86
CA LEU C 406 18.51 5.45 14.85
C LEU C 406 19.85 6.10 15.10
N HIS C 407 20.36 5.95 16.33
CA HIS C 407 21.56 6.67 16.80
C HIS C 407 21.32 8.18 16.85
N ALA C 408 20.06 8.56 17.04
CA ALA C 408 19.71 9.94 17.37
C ALA C 408 19.99 10.20 18.85
N ASN C 409 20.02 11.47 19.25
CA ASN C 409 20.29 11.77 20.66
C ASN C 409 19.33 12.78 21.29
N SER C 410 18.32 13.21 20.52
CA SER C 410 17.50 14.35 20.94
C SER C 410 16.17 14.44 20.21
N PHE C 411 15.22 15.15 20.81
CA PHE C 411 14.04 15.61 20.08
C PHE C 411 13.49 16.88 20.72
N ARG C 412 12.53 17.51 20.05
CA ARG C 412 11.79 18.66 20.57
C ARG C 412 10.35 18.24 20.84
N THR C 413 9.75 18.77 21.91
CA THR C 413 8.34 18.46 22.20
C THR C 413 7.40 19.32 21.34
N SER C 414 7.55 19.21 20.03
CA SER C 414 6.64 19.87 19.11
C SER C 414 5.24 19.27 19.26
N HIS C 415 4.20 20.09 19.45
CA HIS C 415 4.30 21.54 19.67
C HIS C 415 3.56 21.88 20.97
N TYR C 416 3.93 21.23 22.06
CA TYR C 416 3.21 21.29 23.33
C TYR C 416 4.02 20.45 24.32
N PRO C 417 3.96 20.79 25.61
CA PRO C 417 4.65 19.93 26.57
C PRO C 417 4.11 18.50 26.54
N TYR C 418 4.99 17.52 26.61
CA TYR C 418 4.58 16.12 26.53
C TYR C 418 4.19 15.62 27.92
N ALA C 419 3.72 14.36 28.01
CA ALA C 419 3.43 13.74 29.29
C ALA C 419 4.71 13.63 30.12
N GLU C 420 4.59 13.83 31.43
CA GLU C 420 5.74 13.87 32.35
C GLU C 420 6.62 12.61 32.31
N SER C 421 5.96 11.46 32.17
CA SER C 421 6.66 10.17 32.12
C SER C 421 7.67 10.10 31.00
N MET C 422 7.41 10.80 29.89
CA MET C 422 8.37 10.75 28.77
C MET C 422 9.68 11.45 29.15
N TYR C 423 9.58 12.53 29.93
CA TYR C 423 10.78 13.23 30.40
C TYR C 423 11.54 12.36 31.42
N ASP C 424 10.81 11.65 32.29
CA ASP C 424 11.51 10.73 33.19
C ASP C 424 12.27 9.65 32.39
N LEU C 425 11.59 9.15 31.36
CA LEU C 425 12.18 8.15 30.48
C LEU C 425 13.45 8.67 29.82
N CYS C 426 13.41 9.89 29.32
CA CYS C 426 14.58 10.43 28.65
C CYS C 426 15.71 10.80 29.63
N ASP C 427 15.34 11.18 30.85
CA ASP C 427 16.32 11.34 31.92
C ASP C 427 17.10 10.05 32.10
N ARG C 428 16.40 8.92 32.19
CA ARG C 428 17.12 7.68 32.44
C ARG C 428 17.77 7.09 31.18
N GLU C 429 17.34 7.53 30.00
CA GLU C 429 17.88 6.97 28.75
C GLU C 429 18.87 7.88 28.00
N GLY C 430 19.20 9.04 28.59
CA GLY C 430 20.20 9.90 27.99
C GLY C 430 19.81 10.51 26.66
N ILE C 431 18.55 10.91 26.54
CA ILE C 431 18.07 11.57 25.35
C ILE C 431 17.77 13.03 25.70
N VAL C 432 18.33 13.94 24.92
CA VAL C 432 18.20 15.37 25.17
C VAL C 432 16.88 15.94 24.63
N ILE C 433 16.27 16.86 25.36
CA ILE C 433 14.97 17.41 24.95
C ILE C 433 14.97 18.95 24.89
N ILE C 434 14.37 19.46 23.82
CA ILE C 434 13.95 20.86 23.71
C ILE C 434 12.46 20.92 24.06
N ASP C 435 12.14 21.62 25.14
CA ASP C 435 10.79 21.65 25.72
C ASP C 435 10.01 22.85 25.18
N GLU C 436 8.86 22.60 24.55
CA GLU C 436 8.14 23.67 23.83
C GLU C 436 6.69 23.85 24.30
N VAL C 437 6.27 25.11 24.48
CA VAL C 437 4.90 25.45 24.86
C VAL C 437 3.96 25.41 23.64
N PRO C 438 2.64 25.35 23.86
CA PRO C 438 1.73 25.20 22.71
C PRO C 438 1.48 26.50 21.93
N ALA C 439 2.48 27.39 21.86
CA ALA C 439 2.33 28.65 21.15
C ALA C 439 2.62 28.45 19.67
N VAL C 440 1.72 27.75 19.01
CA VAL C 440 1.86 27.46 17.59
C VAL C 440 0.65 28.04 16.85
N GLY C 441 0.89 28.61 15.68
CA GLY C 441 -0.15 29.26 14.90
C GLY C 441 -0.30 30.75 15.17
N MET C 442 0.67 31.34 15.86
CA MET C 442 0.57 32.74 16.27
C MET C 442 0.93 33.74 15.18
N SER C 443 0.17 34.84 15.13
CA SER C 443 0.54 35.98 14.29
C SER C 443 0.13 37.26 14.97
N TRP C 444 0.13 38.36 14.22
CA TRP C 444 -0.06 39.68 14.78
C TRP C 444 -1.42 39.87 15.44
N LEU C 445 -2.44 39.15 14.98
CA LEU C 445 -3.73 39.18 15.65
C LEU C 445 -3.59 38.77 17.12
N GLN C 446 -2.72 37.81 17.40
CA GLN C 446 -2.48 37.34 18.77
C GLN C 446 -1.65 38.33 19.62
N TYR C 447 -0.66 38.99 19.04
CA TYR C 447 0.26 39.81 19.85
C TYR C 447 -0.46 40.99 20.52
N ALA C 448 -1.57 41.43 19.93
CA ALA C 448 -2.35 42.57 20.43
C ALA C 448 -3.45 42.13 21.37
N ASN C 449 -3.52 40.82 21.64
CA ASN C 449 -4.55 40.26 22.49
C ASN C 449 -4.01 39.93 23.88
N PRO C 450 -4.45 40.68 24.91
CA PRO C 450 -3.97 40.51 26.29
C PRO C 450 -4.21 39.11 26.87
N LEU C 451 -5.34 38.51 26.51
CA LEU C 451 -5.65 37.17 26.99
C LEU C 451 -4.66 36.14 26.43
N VAL C 452 -4.27 36.31 25.16
CA VAL C 452 -3.28 35.45 24.54
C VAL C 452 -1.94 35.59 25.25
N ALA C 453 -1.51 36.83 25.46
CA ALA C 453 -0.26 37.10 26.15
C ALA C 453 -0.22 36.45 27.54
N GLU C 454 -1.34 36.57 28.26
CA GLU C 454 -1.39 35.97 29.59
C GLU C 454 -1.36 34.44 29.54
N ARG C 455 -2.06 33.85 28.58
CA ARG C 455 -2.04 32.40 28.43
C ARG C 455 -0.65 31.90 28.03
N HIS C 456 0.06 32.71 27.25
CA HIS C 456 1.40 32.37 26.81
C HIS C 456 2.35 32.38 28.00
N ARG C 457 2.26 33.43 28.81
CA ARG C 457 3.06 33.48 30.04
C ARG C 457 2.73 32.30 30.97
N GLU C 458 1.45 31.97 31.07
CA GLU C 458 1.02 30.81 31.86
C GLU C 458 1.65 29.52 31.36
N ALA C 459 1.66 29.34 30.04
CA ALA C 459 2.22 28.12 29.46
C ALA C 459 3.72 28.04 29.75
N ILE C 460 4.43 29.15 29.57
CA ILE C 460 5.88 29.16 29.86
C ILE C 460 6.19 28.87 31.35
N ARG C 461 5.51 29.59 32.24
CA ARG C 461 5.71 29.39 33.68
C ARG C 461 5.32 27.98 34.10
N GLY C 462 4.20 27.49 33.57
CA GLY C 462 3.69 26.17 33.90
C GLY C 462 4.62 25.08 33.41
N MET C 463 5.11 25.22 32.19
CA MET C 463 6.02 24.23 31.62
C MET C 463 7.30 24.17 32.42
N ILE C 464 7.89 25.33 32.69
CA ILE C 464 9.16 25.34 33.38
C ILE C 464 9.00 24.89 34.84
N ALA C 465 7.92 25.31 35.50
CA ALA C 465 7.64 24.86 36.87
C ALA C 465 7.49 23.35 36.93
N ARG C 466 6.85 22.78 35.92
CA ARG C 466 6.64 21.34 35.88
C ARG C 466 7.93 20.57 35.58
N ASP C 467 8.77 21.15 34.72
CA ASP C 467 9.83 20.37 34.07
C ASP C 467 11.28 20.75 34.45
N LYS C 468 11.43 21.74 35.32
CA LYS C 468 12.74 22.33 35.65
C LYS C 468 13.81 21.32 36.10
N ASN C 469 13.38 20.26 36.79
CA ASN C 469 14.34 19.31 37.37
C ASN C 469 14.91 18.24 36.43
N HIS C 470 14.37 18.15 35.21
CA HIS C 470 14.86 17.16 34.26
C HIS C 470 16.21 17.56 33.67
N PRO C 471 17.23 16.72 33.89
CA PRO C 471 18.54 16.96 33.26
C PRO C 471 18.48 16.84 31.72
N CYS C 472 17.55 16.03 31.20
CA CYS C 472 17.46 15.81 29.76
C CYS C 472 17.07 17.08 29.00
N ILE C 473 16.33 17.96 29.65
CA ILE C 473 15.95 19.22 29.03
C ILE C 473 17.13 20.19 28.98
N VAL C 474 17.52 20.61 27.78
CA VAL C 474 18.66 21.53 27.67
C VAL C 474 18.28 22.89 27.12
N MET C 475 17.03 23.03 26.67
CA MET C 475 16.60 24.27 26.05
C MET C 475 15.06 24.41 26.04
N TRP C 476 14.59 25.64 26.14
CA TRP C 476 13.16 25.96 26.07
C TRP C 476 12.86 26.58 24.70
N SER C 477 11.71 26.20 24.13
CA SER C 477 11.19 26.87 22.93
C SER C 477 9.90 27.60 23.30
N ILE C 478 9.83 28.91 23.04
CA ILE C 478 8.68 29.70 23.46
C ILE C 478 7.59 29.81 22.40
N ALA C 479 7.85 29.29 21.20
CA ALA C 479 6.83 29.27 20.14
C ALA C 479 7.30 28.47 18.93
N ASN C 480 6.34 28.00 18.13
CA ASN C 480 6.67 27.39 16.84
C ASN C 480 6.07 28.15 15.68
N GLU C 481 6.94 28.60 14.78
CA GLU C 481 6.55 29.32 13.56
C GLU C 481 5.54 30.46 13.72
N PRO C 482 5.80 31.40 14.64
CA PRO C 482 4.94 32.58 14.67
C PRO C 482 5.32 33.57 13.55
N GLY C 483 4.41 34.49 13.20
CA GLY C 483 4.75 35.55 12.27
C GLY C 483 5.75 36.53 12.86
N LEU C 484 6.90 36.70 12.21
CA LEU C 484 7.97 37.55 12.74
C LEU C 484 8.49 38.59 11.75
N ASP C 485 8.18 38.42 10.47
CA ASP C 485 8.78 39.22 9.40
C ASP C 485 7.77 40.16 8.77
N GLY C 486 8.17 40.78 7.66
CA GLY C 486 7.29 41.69 6.95
C GLY C 486 7.81 43.11 6.97
N ASP C 487 6.95 44.07 6.67
CA ASP C 487 7.36 45.46 6.66
C ASP C 487 6.57 46.29 7.65
N GLY C 488 6.78 47.60 7.60
CA GLY C 488 6.19 48.50 8.58
C GLY C 488 6.62 48.14 9.98
N GLU C 489 5.63 48.09 10.88
CA GLU C 489 5.91 47.83 12.29
C GLU C 489 5.81 46.36 12.68
N ARG C 490 5.39 45.50 11.74
CA ARG C 490 5.15 44.08 12.05
C ARG C 490 6.35 43.39 12.72
N PRO C 491 7.58 43.52 12.14
CA PRO C 491 8.71 42.90 12.84
C PRO C 491 8.93 43.45 14.24
N ARG C 492 8.77 44.75 14.42
CA ARG C 492 8.95 45.35 15.75
C ARG C 492 7.86 44.89 16.71
N GLN C 493 6.63 44.78 16.21
CA GLN C 493 5.53 44.29 17.04
C GLN C 493 5.79 42.86 17.50
N ALA C 494 6.28 42.02 16.58
CA ALA C 494 6.60 40.65 16.94
C ALA C 494 7.73 40.63 17.99
N TYR C 495 8.78 41.41 17.77
CA TYR C 495 9.88 41.48 18.73
C TYR C 495 9.41 41.91 20.12
N ASP C 496 8.59 42.95 20.17
CA ASP C 496 8.09 43.45 21.44
C ASP C 496 7.18 42.44 22.11
N TYR C 497 6.52 41.60 21.33
CA TYR C 497 5.72 40.54 21.94
C TYR C 497 6.61 39.45 22.54
N PHE C 498 7.61 39.00 21.78
CA PHE C 498 8.39 37.82 22.19
C PHE C 498 9.55 38.06 23.15
N ARG C 499 10.17 39.22 23.08
CA ARG C 499 11.33 39.50 23.95
C ARG C 499 11.01 39.32 25.45
N PRO C 500 9.87 39.86 25.95
CA PRO C 500 9.61 39.60 27.38
C PRO C 500 9.31 38.14 27.71
N LEU C 501 8.87 37.37 26.72
CA LEU C 501 8.64 35.95 26.95
C LEU C 501 9.98 35.21 26.99
N TYR C 502 10.91 35.63 26.13
CA TYR C 502 12.28 35.16 26.21
C TYR C 502 12.83 35.42 27.62
N GLU C 503 12.62 36.64 28.10
CA GLU C 503 13.10 37.03 29.42
C GLU C 503 12.42 36.22 30.51
N LEU C 504 11.12 36.00 30.37
CA LEU C 504 10.35 35.23 31.35
C LEU C 504 10.87 33.81 31.46
N ALA C 505 11.18 33.20 30.30
CA ALA C 505 11.71 31.83 30.30
C ALA C 505 13.05 31.75 31.05
N HIS C 506 13.89 32.77 30.86
CA HIS C 506 15.17 32.82 31.58
C HIS C 506 14.98 33.01 33.08
N ALA C 507 14.05 33.88 33.46
CA ALA C 507 13.78 34.16 34.88
C ALA C 507 13.13 32.98 35.59
N SER C 508 12.35 32.19 34.86
CA SER C 508 11.57 31.13 35.51
C SER C 508 12.40 29.89 35.78
N ASP C 509 13.43 29.69 34.96
CA ASP C 509 14.25 28.50 35.05
C ASP C 509 15.46 28.73 35.96
N PRO C 510 15.47 28.06 37.13
CA PRO C 510 16.58 28.20 38.06
C PRO C 510 17.90 27.72 37.44
N GLN C 511 17.83 26.85 36.44
CA GLN C 511 19.04 26.41 35.75
C GLN C 511 19.46 27.40 34.66
N ASN C 512 18.56 28.33 34.32
CA ASN C 512 18.83 29.33 33.28
C ASN C 512 19.31 28.73 31.96
N ARG C 513 18.59 27.72 31.46
CA ARG C 513 18.92 27.13 30.16
C ARG C 513 18.71 28.10 29.01
N PRO C 514 19.39 27.85 27.89
CA PRO C 514 19.16 28.65 26.68
C PRO C 514 17.69 28.63 26.28
N VAL C 515 17.27 29.68 25.59
CA VAL C 515 15.88 29.83 25.16
C VAL C 515 15.88 30.08 23.66
N THR C 516 15.01 29.37 22.94
CA THR C 516 14.91 29.59 21.52
C THR C 516 13.45 29.84 21.13
N LEU C 517 13.27 30.17 19.86
CA LEU C 517 11.96 30.31 19.25
C LEU C 517 12.08 29.59 17.91
N VAL C 518 11.24 28.59 17.65
CA VAL C 518 11.41 27.83 16.41
C VAL C 518 10.80 28.61 15.25
N CYS C 519 11.65 28.94 14.27
CA CYS C 519 11.30 29.92 13.25
C CYS C 519 10.79 29.35 11.92
N CYS C 520 9.70 29.95 11.45
CA CYS C 520 9.13 29.58 10.17
C CYS C 520 10.05 29.96 9.01
N GLN C 521 9.93 29.26 7.88
CA GLN C 521 10.62 29.66 6.67
C GLN C 521 10.06 31.00 6.21
N ASN C 522 10.76 32.08 6.54
CA ASN C 522 10.23 33.41 6.32
C ASN C 522 11.26 34.31 5.63
N ASP C 523 10.99 35.61 5.57
CA ASP C 523 11.97 36.56 5.09
C ASP C 523 12.95 36.84 6.21
N TYR C 524 14.07 36.13 6.20
CA TYR C 524 15.05 36.25 7.28
C TYR C 524 15.70 37.63 7.33
N THR C 525 15.55 38.42 6.27
CA THR C 525 16.14 39.76 6.24
C THR C 525 15.30 40.80 7.00
N THR C 526 14.00 40.55 7.17
CA THR C 526 13.16 41.50 7.91
C THR C 526 12.76 40.98 9.29
N ASP C 527 12.88 39.67 9.49
CA ASP C 527 12.73 39.08 10.82
C ASP C 527 13.81 39.64 11.73
N ILE C 528 13.42 40.32 12.80
CA ILE C 528 14.43 40.85 13.73
C ILE C 528 14.38 40.16 15.09
N THR C 529 13.59 39.10 15.17
CA THR C 529 13.42 38.41 16.45
C THR C 529 14.27 37.13 16.58
N GLU C 530 14.23 36.27 15.56
CA GLU C 530 14.88 34.96 15.64
C GLU C 530 16.37 35.07 15.96
N ARG C 531 17.02 36.05 15.34
CA ARG C 531 18.46 36.27 15.53
C ARG C 531 18.84 36.71 16.95
N THR C 532 17.86 37.03 17.78
CA THR C 532 18.18 37.44 19.15
C THR C 532 18.01 36.28 20.14
N MET C 533 17.61 35.11 19.65
CA MET C 533 17.49 33.95 20.52
C MET C 533 18.87 33.38 20.89
N ASP C 534 18.93 32.54 21.92
CA ASP C 534 20.20 31.97 22.37
C ASP C 534 20.71 30.95 21.37
N VAL C 535 19.79 30.17 20.82
CA VAL C 535 20.09 29.29 19.70
C VAL C 535 19.11 29.58 18.59
N VAL C 536 19.61 29.72 17.37
CA VAL C 536 18.76 29.92 16.22
C VAL C 536 18.23 28.57 15.74
N CYS C 537 16.91 28.37 15.82
CA CYS C 537 16.29 27.12 15.39
C CYS C 537 15.40 27.35 14.18
N ILE C 538 15.77 26.77 13.05
CA ILE C 538 15.04 27.05 11.83
C ILE C 538 14.35 25.83 11.23
N ASN C 539 13.14 26.08 10.72
CA ASN C 539 12.36 25.11 9.99
C ASN C 539 12.42 25.48 8.51
N ARG C 540 13.03 24.62 7.69
CA ARG C 540 13.24 24.95 6.28
C ARG C 540 12.83 23.79 5.38
N TYR C 541 12.11 24.11 4.31
CA TYR C 541 11.60 23.10 3.41
C TYR C 541 11.93 23.40 1.96
N TYR C 542 13.12 23.96 1.73
CA TYR C 542 13.65 24.12 0.38
C TYR C 542 13.60 22.78 -0.35
N GLY C 543 13.04 22.78 -1.55
CA GLY C 543 12.91 21.55 -2.32
C GLY C 543 11.62 20.78 -2.08
N TRP C 544 10.89 21.15 -1.03
CA TRP C 544 9.57 20.55 -0.81
C TRP C 544 8.47 21.57 -1.05
N TYR C 545 8.34 22.55 -0.15
CA TYR C 545 7.30 23.58 -0.32
C TYR C 545 7.68 24.67 -1.33
N ASN C 546 8.96 24.78 -1.67
CA ASN C 546 9.36 25.62 -2.79
C ASN C 546 10.51 24.94 -3.51
N LEU C 547 10.88 25.45 -4.68
CA LEU C 547 11.88 24.80 -5.53
C LEU C 547 11.57 23.32 -5.60
N SER C 548 10.29 22.99 -5.79
CA SER C 548 9.78 21.67 -5.48
C SER C 548 10.42 20.59 -6.34
N GLY C 549 10.99 19.59 -5.67
CA GLY C 549 11.62 18.47 -6.35
C GLY C 549 12.98 18.74 -6.97
N ASP C 550 13.46 19.98 -6.88
CA ASP C 550 14.76 20.36 -7.46
C ASP C 550 15.79 20.51 -6.34
N LEU C 551 16.55 19.46 -6.09
CA LEU C 551 17.44 19.43 -4.94
C LEU C 551 18.70 20.29 -5.15
N ASP C 552 19.12 20.45 -6.40
CA ASP C 552 20.21 21.38 -6.71
C ASP C 552 19.82 22.82 -6.32
N ALA C 553 18.67 23.25 -6.79
CA ALA C 553 18.17 24.59 -6.49
C ALA C 553 17.90 24.74 -4.99
N ALA C 554 17.34 23.70 -4.39
CA ALA C 554 17.06 23.73 -2.96
C ALA C 554 18.35 23.93 -2.16
N CYS C 555 19.40 23.21 -2.55
CA CYS C 555 20.68 23.32 -1.85
C CYS C 555 21.31 24.69 -2.09
N HIS C 556 21.14 25.24 -3.29
CA HIS C 556 21.62 26.59 -3.60
C HIS C 556 20.96 27.65 -2.71
N ALA C 557 19.62 27.61 -2.65
CA ALA C 557 18.87 28.55 -1.81
C ALA C 557 19.26 28.39 -0.34
N LEU C 558 19.35 27.13 0.09
CA LEU C 558 19.77 26.85 1.46
C LEU C 558 21.12 27.49 1.73
N ASN C 559 22.08 27.31 0.83
CA ASN C 559 23.42 27.85 1.06
C ASN C 559 23.44 29.36 1.10
N ILE C 560 22.58 30.01 0.32
CA ILE C 560 22.44 31.47 0.42
C ILE C 560 21.93 31.88 1.82
N GLU C 561 20.88 31.21 2.31
CA GLU C 561 20.43 31.60 3.64
C GLU C 561 21.47 31.23 4.71
N LEU C 562 22.19 30.14 4.51
CA LEU C 562 23.25 29.75 5.43
C LEU C 562 24.35 30.81 5.44
N ASP C 563 24.62 31.41 4.29
CA ASP C 563 25.58 32.50 4.23
C ASP C 563 25.09 33.63 5.10
N PHE C 564 23.78 33.88 5.08
CA PHE C 564 23.21 34.86 6.01
C PHE C 564 23.46 34.50 7.49
N TRP C 565 23.12 33.28 7.89
CA TRP C 565 23.23 32.91 9.32
C TRP C 565 24.68 32.78 9.80
N GLU C 566 25.60 32.52 8.88
CA GLU C 566 27.03 32.43 9.19
C GLU C 566 27.54 33.71 9.86
N ASN C 567 27.05 34.84 9.36
CA ASN C 567 27.43 36.15 9.89
C ASN C 567 26.72 36.60 11.18
N ILE C 568 25.57 35.99 11.48
CA ILE C 568 24.84 36.32 12.69
C ILE C 568 25.63 36.00 13.96
N GLY C 569 26.43 34.94 13.90
CA GLY C 569 27.29 34.56 15.02
C GLY C 569 26.59 33.81 16.13
N LYS C 570 25.38 33.33 15.87
CA LYS C 570 24.69 32.48 16.83
C LYS C 570 24.87 31.02 16.43
N PRO C 571 24.77 30.09 17.40
CA PRO C 571 24.68 28.70 16.93
C PRO C 571 23.34 28.47 16.25
N VAL C 572 23.34 27.69 15.17
CA VAL C 572 22.14 27.47 14.37
C VAL C 572 21.90 25.98 14.21
N MET C 573 20.64 25.55 14.26
CA MET C 573 20.29 24.15 14.00
C MET C 573 18.97 24.07 13.25
N PHE C 574 18.77 22.97 12.53
CA PHE C 574 17.46 22.61 12.01
C PHE C 574 16.58 22.11 13.14
N THR C 575 15.33 22.57 13.18
CA THR C 575 14.33 21.93 14.03
C THR C 575 13.23 21.28 13.19
N GLU C 576 13.19 21.62 11.89
CA GLU C 576 12.34 20.93 10.91
C GLU C 576 12.93 21.00 9.50
N TYR C 577 12.83 19.86 8.80
CA TYR C 577 13.01 19.79 7.35
C TYR C 577 12.66 18.37 6.94
N GLY C 578 11.99 18.23 5.80
CA GLY C 578 11.56 16.91 5.37
C GLY C 578 10.62 16.91 4.19
N ALA C 579 10.07 15.74 3.91
CA ALA C 579 9.32 15.50 2.69
C ALA C 579 8.30 14.43 2.96
N ASP C 580 7.05 14.69 2.58
CA ASP C 580 6.00 13.69 2.74
C ASP C 580 6.36 12.48 1.90
N THR C 581 6.17 11.32 2.49
CA THR C 581 6.69 10.10 1.90
C THR C 581 5.76 8.94 2.19
N ILE C 582 5.19 8.36 1.14
CA ILE C 582 4.32 7.22 1.30
C ILE C 582 5.14 5.94 1.18
N GLU C 583 5.22 5.19 2.27
CA GLU C 583 6.01 3.96 2.25
C GLU C 583 5.50 3.04 1.16
N GLY C 584 6.42 2.47 0.40
CA GLY C 584 6.07 1.61 -0.72
C GLY C 584 6.04 2.29 -2.07
N ILE C 585 6.02 3.62 -2.08
CA ILE C 585 6.17 4.36 -3.33
C ILE C 585 7.66 4.45 -3.66
N HIS C 586 8.03 3.93 -4.82
CA HIS C 586 9.44 3.85 -5.21
C HIS C 586 9.69 4.38 -6.62
N GLY C 587 10.91 4.83 -6.87
CA GLY C 587 11.33 5.21 -8.22
C GLY C 587 12.83 5.10 -8.34
N THR C 588 13.33 4.82 -9.55
CA THR C 588 14.76 4.83 -9.80
C THR C 588 15.31 6.25 -9.69
N HIS C 589 14.50 7.22 -10.10
CA HIS C 589 14.80 8.63 -9.87
C HIS C 589 13.68 9.20 -9.02
N GLY C 590 13.90 9.22 -7.71
CA GLY C 590 12.86 9.49 -6.74
C GLY C 590 12.18 10.83 -6.88
N GLU C 591 10.86 10.79 -7.08
CA GLU C 591 10.06 12.01 -7.14
C GLU C 591 9.37 12.21 -5.79
N MET C 592 8.84 13.42 -5.58
CA MET C 592 8.15 13.76 -4.35
C MET C 592 7.08 12.73 -3.99
N PHE C 593 7.13 12.27 -2.73
CA PHE C 593 6.31 11.21 -2.10
C PHE C 593 6.95 9.82 -2.16
N SER C 594 7.98 9.63 -2.98
CA SER C 594 8.68 8.34 -3.00
C SER C 594 9.65 8.21 -1.83
N GLU C 595 9.98 6.98 -1.44
CA GLU C 595 10.95 6.75 -0.37
C GLU C 595 12.34 7.29 -0.76
N GLU C 596 12.69 7.10 -2.03
CA GLU C 596 13.97 7.56 -2.55
C GLU C 596 14.10 9.08 -2.46
N PHE C 597 13.04 9.81 -2.78
CA PHE C 597 13.13 11.27 -2.70
C PHE C 597 13.40 11.72 -1.26
N GLN C 598 12.72 11.12 -0.28
CA GLN C 598 12.97 11.49 1.12
C GLN C 598 14.43 11.26 1.49
N ARG C 599 14.93 10.09 1.07
CA ARG C 599 16.32 9.75 1.31
C ARG C 599 17.29 10.75 0.66
N ASP C 600 17.09 11.02 -0.62
CA ASP C 600 17.91 11.97 -1.38
C ASP C 600 17.86 13.35 -0.74
N TYR C 601 16.68 13.70 -0.25
CA TYR C 601 16.44 15.00 0.35
C TYR C 601 17.39 15.18 1.53
N TYR C 602 17.38 14.21 2.44
CA TYR C 602 18.28 14.34 3.59
C TYR C 602 19.76 14.23 3.22
N ALA C 603 20.07 13.36 2.25
CA ALA C 603 21.47 13.23 1.84
C ALA C 603 22.06 14.56 1.32
N ARG C 604 21.31 15.22 0.45
CA ARG C 604 21.77 16.50 -0.11
C ARG C 604 21.83 17.63 0.94
N ILE C 605 20.74 17.77 1.69
CA ILE C 605 20.68 18.87 2.67
C ILE C 605 21.78 18.70 3.72
N ASN C 606 21.91 17.49 4.24
CA ASN C 606 22.88 17.22 5.29
C ASN C 606 24.31 17.39 4.78
N ALA C 607 24.54 17.05 3.51
CA ALA C 607 25.86 17.30 2.94
C ALA C 607 26.15 18.80 2.97
N GLU C 608 25.14 19.64 2.74
CA GLU C 608 25.42 21.08 2.84
C GLU C 608 25.69 21.59 4.26
N ILE C 609 24.87 21.18 5.24
CA ILE C 609 25.11 21.74 6.58
C ILE C 609 26.39 21.19 7.22
N ASP C 610 26.87 20.04 6.76
CA ASP C 610 28.15 19.51 7.25
C ASP C 610 29.34 20.46 6.99
N LYS C 611 29.20 21.36 6.02
CA LYS C 611 30.27 22.31 5.71
C LYS C 611 30.30 23.52 6.64
N ARG C 612 29.31 23.63 7.52
CA ARG C 612 29.22 24.81 8.40
C ARG C 612 29.52 24.47 9.86
N PRO C 613 30.65 24.97 10.38
CA PRO C 613 31.09 24.66 11.75
C PRO C 613 30.15 25.20 12.81
N TRP C 614 29.43 26.25 12.47
CA TRP C 614 28.50 26.91 13.40
C TRP C 614 27.11 26.28 13.40
N PHE C 615 26.90 25.28 12.54
CA PHE C 615 25.62 24.57 12.49
C PHE C 615 25.71 23.36 13.44
N ILE C 616 25.03 23.47 14.58
CA ILE C 616 25.25 22.60 15.73
C ILE C 616 24.20 21.50 15.93
N GLY C 617 23.30 21.32 14.97
CA GLY C 617 22.29 20.30 15.14
C GLY C 617 21.37 20.08 13.95
N GLU C 618 20.85 18.86 13.84
CA GLU C 618 19.91 18.55 12.78
C GLU C 618 18.70 17.79 13.37
N GLN C 619 17.60 18.51 13.59
CA GLN C 619 16.37 17.86 13.97
C GLN C 619 15.40 17.98 12.80
N LEU C 620 15.06 16.84 12.22
CA LEU C 620 14.19 16.82 11.06
C LEU C 620 12.72 16.78 11.45
N TRP C 621 11.86 16.90 10.45
CA TRP C 621 10.43 16.70 10.61
C TRP C 621 10.03 15.55 9.71
N ASN C 622 9.45 14.46 10.24
CA ASN C 622 9.13 14.24 11.65
C ASN C 622 9.65 12.85 12.03
N PHE C 623 9.72 12.55 13.32
CA PHE C 623 10.02 11.20 13.80
C PHE C 623 9.10 10.15 13.15
N ALA C 624 7.80 10.42 13.15
CA ALA C 624 6.82 9.44 12.66
C ALA C 624 5.59 10.14 12.06
N ASP C 625 5.01 9.54 11.02
CA ASP C 625 3.75 10.02 10.45
C ASP C 625 2.70 10.22 11.54
N PHE C 626 1.90 11.28 11.43
CA PHE C 626 0.93 11.61 12.47
C PHE C 626 -0.36 12.19 11.89
N ALA C 627 -1.43 12.19 12.71
CA ALA C 627 -2.75 12.62 12.25
C ALA C 627 -2.88 14.13 12.15
N THR C 628 -3.52 14.58 11.07
CA THR C 628 -3.84 15.99 10.89
C THR C 628 -5.30 16.17 10.53
N PHE C 629 -5.74 17.41 10.53
CA PHE C 629 -6.98 17.78 9.87
C PHE C 629 -6.90 17.35 8.41
N GLN C 630 -8.01 16.91 7.82
CA GLN C 630 -8.00 16.40 6.45
C GLN C 630 -7.79 17.55 5.47
N GLY C 631 -7.17 17.25 4.34
CA GLY C 631 -6.95 18.27 3.32
C GLY C 631 -6.18 17.72 2.14
N ILE C 632 -6.07 18.52 1.08
CA ILE C 632 -5.51 18.04 -0.18
C ILE C 632 -4.01 17.77 -0.14
N ILE C 633 -3.31 18.24 0.89
CA ILE C 633 -1.88 17.90 0.98
C ILE C 633 -1.58 16.90 2.09
N ARG C 634 -2.63 16.37 2.72
CA ARG C 634 -2.45 15.46 3.83
C ARG C 634 -3.00 14.06 3.51
N VAL C 635 -2.10 13.15 3.15
CA VAL C 635 -2.48 11.79 2.77
C VAL C 635 -2.56 10.92 4.02
N GLU C 636 -3.75 10.81 4.59
CA GLU C 636 -3.96 10.17 5.87
C GLU C 636 -3.07 10.86 6.92
N GLY C 637 -3.06 12.19 6.88
CA GLY C 637 -2.27 12.99 7.82
C GLY C 637 -0.94 13.46 7.27
N ASN C 638 -0.04 13.82 8.17
CA ASN C 638 1.28 14.27 7.76
C ASN C 638 2.20 13.07 7.56
N ARG C 639 2.80 12.96 6.37
CA ARG C 639 3.60 11.79 6.05
C ARG C 639 5.10 12.11 5.92
N LYS C 640 5.55 13.16 6.60
CA LYS C 640 6.97 13.48 6.62
C LYS C 640 7.76 12.66 7.66
N GLY C 641 7.08 11.74 8.32
CA GLY C 641 7.76 10.81 9.21
C GLY C 641 8.84 10.00 8.49
N ILE C 642 9.99 9.82 9.14
CA ILE C 642 10.99 8.90 8.61
C ILE C 642 10.58 7.48 9.03
N LEU C 643 9.72 7.42 10.05
CA LEU C 643 9.00 6.18 10.40
C LEU C 643 7.53 6.33 10.03
N THR C 644 6.87 5.21 9.70
CA THR C 644 5.41 5.18 9.54
C THR C 644 4.72 5.44 10.87
N ARG C 645 3.41 5.64 10.84
CA ARG C 645 2.66 5.85 12.08
C ARG C 645 2.79 4.65 13.02
N ASP C 646 2.98 3.47 12.43
CA ASP C 646 3.19 2.25 13.20
C ASP C 646 4.67 2.03 13.52
N ARG C 647 5.48 3.09 13.37
CA ARG C 647 6.91 3.11 13.77
C ARG C 647 7.81 2.17 12.95
N GLN C 648 7.47 1.96 11.69
CA GLN C 648 8.30 1.15 10.79
C GLN C 648 9.20 2.09 9.96
N PRO C 649 10.45 1.69 9.73
CA PRO C 649 11.44 2.57 9.08
C PRO C 649 11.27 2.67 7.57
N LYS C 650 11.10 3.88 7.06
CA LYS C 650 11.19 4.12 5.62
C LYS C 650 12.67 4.11 5.22
N MET C 651 12.95 4.03 3.93
CA MET C 651 14.34 4.04 3.42
C MET C 651 15.20 5.14 4.05
N ALA C 652 14.63 6.33 4.16
CA ALA C 652 15.35 7.47 4.73
C ALA C 652 15.78 7.19 6.16
N ALA C 653 14.97 6.46 6.91
CA ALA C 653 15.34 6.11 8.29
C ALA C 653 16.61 5.25 8.32
N HIS C 654 16.72 4.29 7.40
CA HIS C 654 17.93 3.46 7.34
C HIS C 654 19.15 4.32 6.99
N TRP C 655 18.96 5.22 6.01
CA TRP C 655 20.07 6.08 5.61
C TRP C 655 20.54 6.96 6.78
N LEU C 656 19.58 7.56 7.47
CA LEU C 656 19.82 8.43 8.60
C LEU C 656 20.47 7.68 9.75
N ARG C 657 20.02 6.45 9.98
CA ARG C 657 20.61 5.59 11.01
C ARG C 657 22.10 5.42 10.71
N GLU C 658 22.41 5.13 9.46
CA GLU C 658 23.81 4.96 9.04
C GLU C 658 24.63 6.25 9.24
N ARG C 659 24.08 7.39 8.82
CA ARG C 659 24.78 8.66 9.03
C ARG C 659 25.02 8.96 10.52
N TRP C 660 23.97 8.81 11.31
CA TRP C 660 24.01 9.18 12.72
C TRP C 660 24.90 8.26 13.53
N ALA C 661 25.03 7.01 13.09
CA ALA C 661 25.98 6.09 13.75
C ALA C 661 27.42 6.61 13.69
N GLY C 662 27.74 7.39 12.67
CA GLY C 662 29.09 7.90 12.49
C GLY C 662 29.30 9.32 13.03
N ILE C 663 28.28 9.86 13.70
CA ILE C 663 28.39 11.21 14.26
C ILE C 663 28.33 11.15 15.77
N PRO C 664 29.41 11.59 16.42
CA PRO C 664 29.52 11.57 17.89
C PRO C 664 28.67 12.67 18.53
N ASP C 665 28.18 12.43 19.74
CA ASP C 665 27.44 13.44 20.48
C ASP C 665 28.28 14.70 20.74
N TYR C 666 29.57 14.48 21.02
CA TYR C 666 30.50 15.56 21.31
C TYR C 666 31.64 15.62 20.29
N GLY C 667 32.00 16.84 19.90
CA GLY C 667 33.20 17.03 19.09
C GLY C 667 33.04 16.85 17.59
N TYR C 668 31.81 16.66 17.12
CA TYR C 668 31.59 16.55 15.67
C TYR C 668 32.08 17.79 14.94
N LYS C 669 31.81 18.95 15.52
CA LYS C 669 32.30 20.19 14.94
C LYS C 669 33.14 20.98 15.95
N ASN D 1 -6.07 18.48 -46.64
CA ASN D 1 -6.89 18.62 -45.45
C ASN D 1 -7.36 17.27 -44.93
N GLY D 2 -7.69 16.36 -45.83
CA GLY D 2 -8.12 15.03 -45.45
C GLY D 2 -6.97 14.23 -44.87
N MET D 3 -7.23 13.50 -43.79
CA MET D 3 -6.21 12.64 -43.20
C MET D 3 -6.80 11.25 -42.96
N LEU D 4 -7.25 10.61 -44.03
CA LEU D 4 -7.77 9.24 -43.96
C LEU D 4 -6.69 8.30 -43.44
N TYR D 5 -7.03 7.44 -42.48
CA TYR D 5 -6.03 6.52 -41.97
C TYR D 5 -5.55 5.60 -43.09
N PRO D 6 -4.23 5.41 -43.21
CA PRO D 6 -3.65 4.54 -44.25
C PRO D 6 -4.31 3.17 -44.30
N GLN D 7 -4.63 2.76 -45.52
CA GLN D 7 -5.42 1.57 -45.76
C GLN D 7 -4.71 0.71 -46.80
N SER D 8 -4.80 -0.60 -46.66
CA SER D 8 -4.27 -1.50 -47.68
C SER D 8 -5.39 -2.18 -48.45
N ASN D 9 -5.30 -2.12 -49.77
CA ASN D 9 -6.22 -2.80 -50.65
C ASN D 9 -5.55 -3.09 -51.99
N ASP D 10 -6.33 -3.32 -53.03
CA ASP D 10 -5.73 -3.73 -54.30
C ASP D 10 -4.96 -2.57 -54.96
N SER D 11 -5.29 -1.34 -54.62
CA SER D 11 -4.61 -0.17 -55.19
C SER D 11 -3.62 0.50 -54.21
N ARG D 12 -3.61 0.08 -52.95
CA ARG D 12 -2.85 0.76 -51.91
C ARG D 12 -2.14 -0.22 -50.97
N ILE D 13 -0.92 0.12 -50.56
CA ILE D 13 -0.23 -0.68 -49.55
C ILE D 13 0.30 0.19 -48.42
N VAL D 14 0.24 -0.35 -47.20
CA VAL D 14 0.82 0.31 -46.03
C VAL D 14 2.05 -0.47 -45.51
N PHE D 15 3.14 0.26 -45.31
CA PHE D 15 4.37 -0.27 -44.74
C PHE D 15 4.68 0.40 -43.38
N PRO D 16 4.32 -0.28 -42.29
CA PRO D 16 4.58 0.23 -40.94
C PRO D 16 6.07 0.45 -40.67
N LEU D 17 6.40 1.50 -39.92
CA LEU D 17 7.78 1.81 -39.59
C LEU D 17 7.98 1.78 -38.07
N ASP D 18 6.99 1.22 -37.37
CA ASP D 18 7.10 1.02 -35.93
C ASP D 18 8.22 0.02 -35.60
N GLY D 19 8.67 0.03 -34.36
CA GLY D 19 9.66 -0.93 -33.89
C GLY D 19 10.66 -0.25 -32.98
N VAL D 20 11.86 -0.81 -32.90
CA VAL D 20 12.90 -0.24 -32.05
C VAL D 20 13.83 0.64 -32.89
N TRP D 21 13.71 1.96 -32.68
CA TRP D 21 14.53 2.93 -33.38
C TRP D 21 15.80 3.26 -32.61
N ASP D 22 16.70 3.97 -33.28
CA ASP D 22 17.84 4.64 -32.65
C ASP D 22 17.40 5.98 -32.08
N PHE D 23 18.12 6.47 -31.08
CA PHE D 23 17.66 7.62 -30.32
C PHE D 23 18.82 8.33 -29.61
N ARG D 24 18.81 9.66 -29.61
CA ARG D 24 19.76 10.41 -28.80
C ARG D 24 19.05 11.62 -28.18
N THR D 25 19.39 11.96 -26.95
CA THR D 25 18.96 13.26 -26.43
C THR D 25 19.80 14.34 -27.11
N ALA D 26 19.24 15.55 -27.22
CA ALA D 26 19.99 16.67 -27.80
C ALA D 26 19.85 17.89 -26.90
N GLY D 27 19.98 19.07 -27.49
CA GLY D 27 20.09 20.29 -26.72
C GLY D 27 18.78 20.91 -26.27
N GLU D 28 18.88 21.87 -25.36
CA GLU D 28 17.73 22.58 -24.84
C GLU D 28 17.02 23.36 -25.94
N ASP D 29 17.78 23.89 -26.90
CA ASP D 29 17.15 24.63 -27.98
C ASP D 29 17.74 24.35 -29.36
N SER D 30 18.51 23.27 -29.47
CA SER D 30 19.05 22.88 -30.77
C SER D 30 19.41 21.40 -30.78
N TYR D 31 19.68 20.89 -31.98
CA TYR D 31 20.20 19.54 -32.17
C TYR D 31 21.12 19.56 -33.39
N PRO D 32 22.07 18.62 -33.47
CA PRO D 32 22.96 18.61 -34.63
C PRO D 32 22.25 18.16 -35.92
N ALA D 33 22.09 19.07 -36.88
CA ALA D 33 21.39 18.75 -38.13
C ALA D 33 22.12 17.65 -38.93
N GLU D 34 23.42 17.55 -38.73
CA GLU D 34 24.22 16.58 -39.48
C GLU D 34 23.91 15.15 -39.03
N TRP D 35 23.18 14.99 -37.94
CA TRP D 35 22.73 13.68 -37.52
C TRP D 35 21.79 13.08 -38.57
N ALA D 36 21.21 13.93 -39.41
CA ALA D 36 20.35 13.44 -40.48
C ALA D 36 21.12 12.85 -41.65
N ASP D 37 22.45 13.04 -41.66
CA ASP D 37 23.25 12.65 -42.82
C ASP D 37 23.86 11.27 -42.67
N ALA D 38 23.84 10.74 -41.46
CA ALA D 38 24.53 9.49 -41.16
C ALA D 38 23.88 8.84 -39.94
N PRO D 39 24.16 7.55 -39.69
CA PRO D 39 23.63 6.90 -38.48
C PRO D 39 23.96 7.68 -37.22
N LEU D 40 23.00 7.83 -36.31
CA LEU D 40 23.27 8.51 -35.04
C LEU D 40 24.46 7.86 -34.36
N PRO D 41 25.36 8.69 -33.80
CA PRO D 41 26.47 8.14 -33.02
C PRO D 41 25.99 7.62 -31.67
N GLU D 42 26.53 6.48 -31.24
CA GLU D 42 26.23 5.87 -29.94
C GLU D 42 24.75 5.94 -29.55
N PRO D 43 23.87 5.40 -30.42
CA PRO D 43 22.43 5.56 -30.19
C PRO D 43 21.92 4.70 -29.04
N LEU D 44 20.84 5.15 -28.41
CA LEU D 44 20.05 4.37 -27.49
C LEU D 44 18.93 3.70 -28.28
N PRO D 45 18.42 2.57 -27.78
CA PRO D 45 17.20 2.02 -28.38
C PRO D 45 15.98 2.78 -27.88
N MET D 46 14.95 2.89 -28.70
CA MET D 46 13.72 3.54 -28.27
C MET D 46 12.56 2.95 -29.05
N ALA D 47 11.59 2.38 -28.34
CA ALA D 47 10.50 1.71 -29.02
C ALA D 47 9.55 2.73 -29.59
N VAL D 48 9.03 2.45 -30.78
CA VAL D 48 8.08 3.36 -31.38
C VAL D 48 6.81 2.77 -31.95
N PRO D 49 5.70 2.94 -31.24
CA PRO D 49 5.10 4.23 -30.91
C PRO D 49 5.36 4.25 -29.40
N GLY D 50 5.44 5.40 -28.75
CA GLY D 50 5.68 5.41 -27.31
C GLY D 50 6.24 6.75 -26.89
N SER D 51 5.99 7.14 -25.65
CA SER D 51 6.72 8.28 -25.08
C SER D 51 8.14 7.79 -24.82
N TYR D 52 9.13 8.67 -24.94
CA TYR D 52 10.50 8.27 -24.65
C TYR D 52 10.82 8.38 -23.15
N ASN D 53 10.00 9.11 -22.40
CA ASN D 53 10.38 9.53 -21.05
C ASN D 53 10.57 8.39 -20.04
N ASP D 54 9.76 7.34 -20.15
CA ASP D 54 9.88 6.22 -19.22
C ASP D 54 10.54 5.01 -19.85
N GLN D 55 11.22 5.20 -20.98
CA GLN D 55 11.90 4.10 -21.66
C GLN D 55 13.41 4.01 -21.36
N ASN D 56 13.89 4.77 -20.37
CA ASN D 56 15.30 4.68 -19.99
C ASN D 56 15.56 5.14 -18.57
N ASP D 57 15.73 4.20 -17.66
CA ASP D 57 15.93 4.51 -16.26
C ASP D 57 17.37 4.90 -15.88
N GLU D 58 18.30 4.78 -16.82
CA GLU D 58 19.67 5.28 -16.59
C GLU D 58 19.69 6.80 -16.66
N LEU D 59 18.90 7.34 -17.58
CA LEU D 59 18.75 8.77 -17.73
C LEU D 59 17.49 9.19 -16.99
N ASN D 60 17.33 10.48 -16.78
CA ASN D 60 16.09 10.98 -16.20
C ASN D 60 15.34 11.75 -17.28
N LEU D 61 14.78 11.02 -18.24
CA LEU D 61 14.22 11.65 -19.43
C LEU D 61 12.93 12.40 -19.13
N ARG D 62 12.34 12.13 -17.96
CA ARG D 62 11.22 12.94 -17.51
C ARG D 62 11.67 14.37 -17.26
N ALA D 63 12.95 14.53 -16.90
CA ALA D 63 13.52 15.86 -16.65
C ALA D 63 14.04 16.55 -17.91
N HIS D 64 14.03 15.84 -19.04
CA HIS D 64 14.62 16.39 -20.25
C HIS D 64 13.89 17.64 -20.77
N TYR D 65 14.69 18.62 -21.16
CA TYR D 65 14.16 19.86 -21.74
C TYR D 65 14.75 20.11 -23.12
N GLY D 66 13.87 20.15 -24.12
CA GLY D 66 14.31 20.48 -25.48
C GLY D 66 14.18 19.34 -26.48
N TRP D 67 15.24 19.12 -27.25
CA TRP D 67 15.18 18.22 -28.39
C TRP D 67 15.70 16.82 -28.11
N VAL D 68 15.11 15.85 -28.80
CA VAL D 68 15.69 14.52 -28.93
C VAL D 68 15.66 14.17 -30.41
N VAL D 69 16.40 13.15 -30.81
CA VAL D 69 16.43 12.75 -32.21
C VAL D 69 16.24 11.24 -32.35
N TYR D 70 15.20 10.88 -33.09
CA TYR D 70 14.91 9.50 -33.46
C TYR D 70 15.52 9.19 -34.82
N GLN D 71 15.86 7.93 -35.07
CA GLN D 71 16.32 7.57 -36.40
C GLN D 71 16.12 6.09 -36.66
N ARG D 72 15.78 5.75 -37.90
CA ARG D 72 15.83 4.34 -38.28
C ARG D 72 16.08 4.22 -39.77
N SER D 73 16.44 3.02 -40.21
CA SER D 73 16.53 2.73 -41.63
C SER D 73 15.38 1.85 -42.09
N PHE D 74 15.06 1.92 -43.37
CA PHE D 74 14.10 1.01 -43.97
C PHE D 74 14.35 0.86 -45.47
N ALA D 75 13.91 -0.28 -46.00
CA ALA D 75 13.98 -0.54 -47.44
C ALA D 75 12.70 -1.26 -47.88
N VAL D 76 12.20 -0.92 -49.06
CA VAL D 76 11.03 -1.57 -49.64
C VAL D 76 11.30 -1.97 -51.08
N PRO D 77 10.60 -3.00 -51.59
CA PRO D 77 10.86 -3.38 -52.99
C PRO D 77 10.57 -2.25 -53.98
N SER D 78 11.51 -2.04 -54.89
CA SER D 78 11.36 -1.06 -55.96
C SER D 78 10.08 -1.26 -56.77
N ARG D 79 9.68 -2.51 -56.95
CA ARG D 79 8.54 -2.82 -57.78
C ARG D 79 7.24 -2.35 -57.15
N LEU D 80 7.28 -2.07 -55.85
CA LEU D 80 6.11 -1.62 -55.12
C LEU D 80 5.96 -0.10 -55.08
N VAL D 81 7.07 0.61 -55.15
CA VAL D 81 7.02 2.06 -55.14
C VAL D 81 6.80 2.54 -56.56
N ALA D 82 7.11 1.67 -57.53
CA ALA D 82 7.08 2.02 -58.95
C ALA D 82 5.73 2.60 -59.38
N GLY D 83 5.75 3.85 -59.82
CA GLY D 83 4.57 4.52 -60.31
C GLY D 83 3.60 5.00 -59.24
N GLN D 84 3.97 4.82 -57.97
CA GLN D 84 3.06 5.19 -56.90
C GLN D 84 3.41 6.52 -56.26
N ARG D 85 2.38 7.14 -55.68
CA ARG D 85 2.53 8.27 -54.79
C ARG D 85 2.89 7.74 -53.40
N MET D 86 4.04 8.19 -52.88
CA MET D 86 4.57 7.71 -51.61
C MET D 86 4.40 8.73 -50.50
N ILE D 87 3.67 8.36 -49.45
CA ILE D 87 3.37 9.26 -48.35
C ILE D 87 3.89 8.72 -47.02
N LEU D 88 4.66 9.55 -46.32
CA LEU D 88 5.16 9.22 -45.00
C LEU D 88 4.28 9.88 -43.95
N ARG D 89 3.60 9.05 -43.14
CA ARG D 89 2.66 9.56 -42.16
C ARG D 89 3.13 9.35 -40.72
N PHE D 90 3.08 10.43 -39.96
CA PHE D 90 3.31 10.40 -38.51
C PHE D 90 1.98 10.60 -37.81
N ASP D 91 1.48 9.56 -37.13
CA ASP D 91 0.21 9.67 -36.42
C ASP D 91 0.29 10.72 -35.31
N ALA D 92 1.44 10.84 -34.66
CA ALA D 92 1.70 11.92 -33.69
C ALA D 92 3.16 12.01 -33.25
N ALA D 93 3.69 13.23 -33.33
CA ALA D 93 4.99 13.55 -32.78
C ALA D 93 4.80 14.69 -31.78
N THR D 94 5.13 14.44 -30.52
CA THR D 94 4.76 15.36 -29.44
C THR D 94 6.00 16.09 -28.94
N HIS D 95 6.06 17.43 -29.06
CA HIS D 95 4.99 18.28 -29.59
C HIS D 95 5.25 18.78 -31.00
N ALA D 96 6.52 18.94 -31.35
CA ALA D 96 6.92 19.45 -32.65
C ALA D 96 8.02 18.59 -33.22
N ALA D 97 8.10 18.52 -34.55
CA ALA D 97 9.10 17.65 -35.18
C ALA D 97 9.69 18.27 -36.45
N ASP D 98 10.98 18.00 -36.68
CA ASP D 98 11.59 18.19 -37.99
C ASP D 98 11.86 16.81 -38.57
N VAL D 99 11.45 16.57 -39.80
CA VAL D 99 11.62 15.25 -40.40
C VAL D 99 12.57 15.31 -41.60
N TYR D 100 13.55 14.40 -41.57
CA TYR D 100 14.53 14.26 -42.64
C TYR D 100 14.48 12.85 -43.22
N LEU D 101 14.59 12.76 -44.53
CA LEU D 101 14.74 11.49 -45.21
C LEU D 101 15.96 11.58 -46.11
N ASN D 102 16.93 10.72 -45.88
CA ASN D 102 18.19 10.72 -46.64
C ASN D 102 18.87 12.10 -46.68
N GLY D 103 18.86 12.79 -45.54
CA GLY D 103 19.52 14.08 -45.40
C GLY D 103 18.70 15.27 -45.84
N GLN D 104 17.56 15.03 -46.48
CA GLN D 104 16.73 16.13 -46.94
C GLN D 104 15.66 16.46 -45.92
N LEU D 105 15.57 17.74 -45.57
CA LEU D 105 14.50 18.20 -44.70
C LEU D 105 13.16 18.12 -45.44
N LEU D 106 12.27 17.27 -44.94
CA LEU D 106 10.95 17.13 -45.54
C LEU D 106 10.07 18.28 -45.09
N GLY D 107 10.30 18.72 -43.86
CA GLY D 107 9.50 19.77 -43.27
C GLY D 107 9.33 19.59 -41.77
N SER D 108 8.48 20.43 -41.19
CA SER D 108 8.31 20.46 -39.75
C SER D 108 6.84 20.47 -39.41
N HIS D 109 6.53 20.19 -38.16
CA HIS D 109 5.16 20.20 -37.69
C HIS D 109 5.06 20.63 -36.23
N PHE D 110 4.06 21.43 -35.92
CA PHE D 110 3.71 21.66 -34.53
C PHE D 110 2.30 21.14 -34.26
N GLY D 111 2.13 20.49 -33.11
CA GLY D 111 0.85 19.98 -32.65
C GLY D 111 1.08 18.52 -32.30
N GLY D 112 1.07 18.23 -31.00
CA GLY D 112 1.55 16.95 -30.52
C GLY D 112 0.60 15.77 -30.59
N PHE D 113 -0.63 16.00 -31.07
CA PHE D 113 -1.67 14.99 -30.90
C PHE D 113 -2.52 14.75 -32.14
N LEU D 114 -2.06 15.25 -33.28
CA LEU D 114 -2.75 15.07 -34.55
C LEU D 114 -1.73 14.69 -35.63
N PRO D 115 -2.18 13.91 -36.62
CA PRO D 115 -1.26 13.35 -37.62
C PRO D 115 -0.82 14.37 -38.66
N PHE D 116 0.37 14.15 -39.22
CA PHE D 116 0.84 14.95 -40.34
C PHE D 116 1.60 14.01 -41.27
N GLU D 117 1.75 14.41 -42.53
CA GLU D 117 2.39 13.55 -43.50
C GLU D 117 3.15 14.33 -44.58
N PHE D 118 4.05 13.63 -45.26
CA PHE D 118 4.90 14.23 -46.28
C PHE D 118 4.87 13.40 -47.54
N ASP D 119 4.85 14.05 -48.70
CA ASP D 119 5.04 13.34 -49.95
C ASP D 119 6.54 13.10 -50.11
N VAL D 120 6.94 11.82 -50.04
CA VAL D 120 8.35 11.46 -50.14
C VAL D 120 8.67 10.72 -51.42
N THR D 121 7.75 10.78 -52.39
CA THR D 121 7.90 10.09 -53.67
C THR D 121 9.26 10.37 -54.30
N SER D 122 9.69 11.62 -54.26
CA SER D 122 10.94 12.04 -54.86
C SER D 122 12.15 11.91 -53.93
N ALA D 123 11.89 11.84 -52.63
CA ALA D 123 12.98 11.73 -51.65
C ALA D 123 13.44 10.28 -51.44
N LEU D 124 12.56 9.33 -51.71
CA LEU D 124 12.89 7.91 -51.56
C LEU D 124 13.91 7.45 -52.61
N HIS D 125 14.72 6.46 -52.24
CA HIS D 125 15.51 5.76 -53.25
C HIS D 125 15.59 4.27 -52.90
N ALA D 126 16.14 3.49 -53.83
CA ALA D 126 16.25 2.05 -53.65
C ALA D 126 17.19 1.69 -52.51
N GLY D 127 17.02 0.49 -51.96
CA GLY D 127 17.81 0.05 -50.82
C GLY D 127 17.45 0.78 -49.55
N GLU D 128 18.40 0.84 -48.61
CA GLU D 128 18.16 1.43 -47.30
C GLU D 128 17.96 2.94 -47.36
N ASN D 129 16.88 3.40 -46.74
CA ASN D 129 16.62 4.82 -46.59
C ASN D 129 16.84 5.21 -45.14
N LEU D 130 17.35 6.42 -44.90
CA LEU D 130 17.66 6.87 -43.55
C LEU D 130 16.68 7.95 -43.09
N LEU D 131 15.85 7.59 -42.11
CA LEU D 131 14.81 8.47 -41.63
C LEU D 131 15.19 9.04 -40.27
N THR D 132 15.32 10.36 -40.20
CA THR D 132 15.72 11.05 -38.98
C THR D 132 14.61 12.01 -38.52
N VAL D 133 14.22 11.91 -37.27
CA VAL D 133 13.12 12.73 -36.77
C VAL D 133 13.48 13.42 -35.48
N ALA D 134 13.66 14.73 -35.55
CA ALA D 134 13.95 15.51 -34.35
C ALA D 134 12.62 15.89 -33.71
N VAL D 135 12.50 15.61 -32.41
CA VAL D 135 11.27 15.89 -31.68
C VAL D 135 11.53 16.87 -30.52
N ASP D 136 10.72 17.93 -30.49
CA ASP D 136 10.84 19.02 -29.52
C ASP D 136 9.73 18.89 -28.47
N ASN D 137 10.11 18.83 -27.19
CA ASN D 137 9.13 18.64 -26.12
C ASN D 137 8.72 19.93 -25.42
N ARG D 138 9.24 21.06 -25.89
CA ARG D 138 9.11 22.29 -25.14
C ARG D 138 7.71 22.88 -25.18
N ILE D 139 7.26 23.36 -24.03
CA ILE D 139 5.98 24.03 -23.93
C ILE D 139 6.21 25.40 -23.34
N GLY D 140 5.30 26.33 -23.60
CA GLY D 140 5.47 27.69 -23.13
C GLY D 140 4.21 28.48 -23.42
N SER D 141 4.33 29.81 -23.38
CA SER D 141 3.16 30.67 -23.46
C SER D 141 2.55 30.65 -24.86
N SER D 142 3.26 30.09 -25.84
CA SER D 142 2.74 30.04 -27.20
C SER D 142 2.37 28.63 -27.68
N THR D 143 2.49 27.63 -26.81
CA THR D 143 2.12 26.27 -27.20
C THR D 143 0.73 25.87 -26.72
N LEU D 144 0.14 24.91 -27.43
CA LEU D 144 -1.04 24.18 -26.96
C LEU D 144 -0.63 22.71 -26.94
N PRO D 145 -0.64 22.08 -25.74
CA PRO D 145 -1.06 22.67 -24.45
C PRO D 145 -0.10 23.75 -23.93
N VAL D 146 -0.60 24.59 -23.02
CA VAL D 146 0.10 25.80 -22.61
C VAL D 146 1.13 25.55 -21.51
N GLY D 147 2.34 26.08 -21.70
CA GLY D 147 3.36 26.07 -20.66
C GLY D 147 3.56 27.46 -20.06
N ASN D 148 4.23 27.50 -18.91
CA ASN D 148 4.61 28.77 -18.29
C ASN D 148 6.04 29.14 -18.65
N ASP D 149 6.27 30.41 -18.98
CA ASP D 149 7.61 30.86 -19.36
C ASP D 149 8.53 31.02 -18.15
N ALA D 150 7.94 31.27 -16.98
CA ALA D 150 8.68 31.28 -15.72
C ALA D 150 7.78 30.94 -14.53
N GLY D 151 8.39 30.45 -13.45
CA GLY D 151 7.66 30.21 -12.22
C GLY D 151 7.51 28.75 -11.81
N THR D 152 6.27 28.31 -11.68
CA THR D 152 6.02 26.96 -11.22
C THR D 152 4.96 26.37 -12.15
N ALA D 153 4.64 25.10 -11.96
CA ALA D 153 3.64 24.46 -12.78
C ALA D 153 2.22 24.62 -12.22
N PHE D 154 1.26 24.06 -12.95
CA PHE D 154 -0.15 24.00 -12.55
C PHE D 154 -0.21 23.29 -11.19
N MET D 155 -0.83 23.93 -10.20
CA MET D 155 -0.94 23.34 -8.87
C MET D 155 0.45 23.09 -8.34
N GLY D 156 1.29 24.14 -8.36
CA GLY D 156 2.64 24.01 -7.89
C GLY D 156 2.87 24.76 -6.59
N SER D 157 3.91 24.35 -5.86
CA SER D 157 4.21 24.97 -4.57
C SER D 157 5.38 25.96 -4.72
N ASN D 161 10.50 35.95 -3.44
CA ASN D 161 10.68 37.18 -2.68
C ASN D 161 11.90 37.10 -1.76
N VAL D 162 12.06 35.95 -1.11
CA VAL D 162 13.23 35.69 -0.29
C VAL D 162 14.42 35.60 -1.23
N PRO D 163 15.52 36.33 -0.94
CA PRO D 163 16.67 36.37 -1.86
C PRO D 163 17.26 34.99 -2.16
N ALA D 164 17.23 34.09 -1.18
CA ALA D 164 17.74 32.75 -1.41
C ALA D 164 16.92 32.04 -2.49
N VAL D 165 15.60 32.17 -2.40
CA VAL D 165 14.69 31.54 -3.35
C VAL D 165 14.76 32.21 -4.71
N ALA D 166 14.73 33.54 -4.74
CA ALA D 166 14.78 34.28 -6.00
C ALA D 166 16.06 33.95 -6.78
N GLU D 167 17.19 33.99 -6.10
CA GLU D 167 18.47 33.73 -6.75
C GLU D 167 18.57 32.27 -7.22
N ALA D 168 18.18 31.35 -6.33
CA ALA D 168 18.25 29.94 -6.68
C ALA D 168 17.37 29.67 -7.90
N LYS D 169 16.19 30.30 -7.94
CA LYS D 169 15.26 30.12 -9.05
C LYS D 169 15.90 30.61 -10.34
N LYS D 170 16.58 31.76 -10.27
CA LYS D 170 17.21 32.26 -11.49
C LYS D 170 18.33 31.35 -11.99
N HIS D 171 18.94 30.55 -11.12
CA HIS D 171 20.00 29.68 -11.63
C HIS D 171 19.59 28.20 -11.78
N ALA D 172 18.32 27.89 -11.55
CA ALA D 172 17.83 26.51 -11.65
C ALA D 172 17.89 25.95 -13.07
N ARG D 173 18.07 24.63 -13.18
CA ARG D 173 18.00 23.94 -14.46
C ARG D 173 16.67 24.22 -15.15
N ARG D 174 16.74 24.55 -16.44
CA ARG D 174 15.55 24.82 -17.23
C ARG D 174 14.65 23.58 -17.32
N GLN D 175 13.36 23.77 -17.03
CA GLN D 175 12.36 22.72 -17.12
C GLN D 175 11.11 23.24 -17.82
N ASN D 176 10.40 22.35 -18.50
CA ASN D 176 9.06 22.67 -18.97
C ASN D 176 8.15 22.95 -17.78
N LEU D 177 7.44 24.07 -17.83
CA LEU D 177 6.56 24.48 -16.75
C LEU D 177 5.12 24.39 -17.22
N PRO D 178 4.48 23.23 -17.01
CA PRO D 178 3.16 22.97 -17.58
C PRO D 178 2.06 23.77 -16.88
N ASN D 179 1.13 24.28 -17.67
CA ASN D 179 -0.09 24.86 -17.12
C ASN D 179 -1.31 23.92 -17.21
N PHE D 180 -1.07 22.61 -17.10
CA PHE D 180 -2.14 21.61 -17.28
C PHE D 180 -1.92 20.39 -16.38
N ASP D 181 -2.93 19.61 -15.99
CA ASP D 181 -2.60 18.66 -14.94
C ASP D 181 -2.27 17.24 -15.41
N PHE D 182 -1.29 17.14 -16.29
CA PHE D 182 -0.77 15.83 -16.70
C PHE D 182 0.69 15.85 -17.18
N PHE D 183 1.42 14.77 -17.00
CA PHE D 183 2.85 14.84 -17.31
C PHE D 183 3.12 15.06 -18.80
N ASN D 184 4.13 15.86 -19.10
CA ASN D 184 4.46 16.25 -20.47
C ASN D 184 5.19 15.16 -21.26
N PHE D 185 4.55 14.01 -21.40
CA PHE D 185 5.11 12.90 -22.17
C PHE D 185 5.31 13.29 -23.64
N ALA D 186 6.53 13.06 -24.14
CA ALA D 186 6.88 13.51 -25.47
C ALA D 186 7.45 12.39 -26.34
N GLY D 187 7.65 12.67 -27.62
CA GLY D 187 8.22 11.70 -28.53
C GLY D 187 7.24 11.20 -29.59
N LEU D 188 7.58 10.06 -30.19
CA LEU D 188 6.75 9.48 -31.25
C LEU D 188 5.65 8.67 -30.61
N ASN D 189 4.69 9.38 -30.02
CA ASN D 189 3.66 8.74 -29.21
C ASN D 189 2.73 7.82 -30.00
N ARG D 190 2.65 8.02 -31.30
CA ARG D 190 1.77 7.16 -32.10
C ARG D 190 2.50 6.67 -33.34
N HIS D 191 1.83 5.82 -34.11
CA HIS D 191 2.47 5.06 -35.19
C HIS D 191 3.09 5.91 -36.28
N VAL D 192 4.09 5.35 -36.93
CA VAL D 192 4.71 5.92 -38.10
C VAL D 192 4.55 4.90 -39.22
N GLU D 193 4.14 5.35 -40.40
CA GLU D 193 4.03 4.41 -41.52
C GLU D 193 4.20 5.08 -42.87
N LEU D 194 4.82 4.35 -43.80
CA LEU D 194 4.86 4.77 -45.20
C LEU D 194 3.68 4.14 -45.90
N TYR D 195 2.98 4.85 -46.77
CA TYR D 195 1.92 4.21 -47.54
C TYR D 195 1.89 4.73 -48.97
N THR D 196 1.16 4.02 -49.83
CA THR D 196 1.09 4.33 -51.26
C THR D 196 -0.33 4.62 -51.73
N THR D 197 -0.45 5.50 -52.71
CA THR D 197 -1.69 5.62 -53.49
C THR D 197 -1.30 5.67 -54.96
N PRO D 198 -2.28 5.52 -55.88
CA PRO D 198 -1.96 5.84 -57.28
C PRO D 198 -1.55 7.31 -57.42
N ALA D 199 -0.66 7.61 -58.37
CA ALA D 199 -0.11 8.96 -58.51
C ALA D 199 -0.98 9.87 -59.37
N ASP D 200 -1.56 9.32 -60.44
CA ASP D 200 -2.31 10.12 -61.40
C ASP D 200 -3.60 10.68 -60.83
N ALA D 201 -4.35 9.84 -60.11
CA ALA D 201 -5.58 10.26 -59.47
C ALA D 201 -5.85 9.40 -58.25
N TYR D 202 -6.31 10.00 -57.17
CA TYR D 202 -6.48 9.24 -55.94
C TYR D 202 -7.52 9.84 -55.00
N ILE D 203 -8.11 9.00 -54.17
CA ILE D 203 -9.02 9.48 -53.14
C ILE D 203 -8.24 10.15 -52.01
N ALA D 204 -8.52 11.42 -51.77
CA ALA D 204 -7.79 12.21 -50.78
C ALA D 204 -8.59 12.38 -49.48
N ASP D 205 -9.92 12.43 -49.59
CA ASP D 205 -10.76 12.64 -48.43
C ASP D 205 -12.17 12.09 -48.66
N ILE D 206 -12.80 11.65 -47.57
CA ILE D 206 -14.19 11.20 -47.60
C ILE D 206 -14.92 11.72 -46.38
N ALA D 207 -16.10 12.27 -46.59
CA ALA D 207 -16.95 12.67 -45.47
C ALA D 207 -18.34 12.10 -45.66
N ILE D 208 -18.80 11.38 -44.65
CA ILE D 208 -20.16 10.84 -44.62
C ILE D 208 -20.95 11.53 -43.52
N THR D 209 -22.16 11.97 -43.85
CA THR D 209 -23.02 12.61 -42.86
C THR D 209 -24.40 11.97 -42.86
N THR D 210 -25.03 11.93 -41.70
CA THR D 210 -26.40 11.51 -41.58
C THR D 210 -27.27 12.76 -41.70
N GLU D 211 -27.92 12.91 -42.85
CA GLU D 211 -28.67 14.13 -43.14
C GLU D 211 -30.04 14.16 -42.51
N ARG D 212 -30.79 13.06 -42.63
CA ARG D 212 -32.15 13.05 -42.09
C ARG D 212 -32.60 11.64 -41.76
N LEU D 213 -33.42 11.49 -40.73
CA LEU D 213 -34.03 10.21 -40.42
C LEU D 213 -35.54 10.33 -40.49
N ASP D 214 -36.17 9.41 -41.24
CA ASP D 214 -37.62 9.40 -41.33
C ASP D 214 -38.23 8.23 -40.57
N HIS D 215 -39.21 8.54 -39.73
CA HIS D 215 -40.00 7.56 -38.99
C HIS D 215 -39.11 6.60 -38.21
N ILE D 216 -38.44 7.14 -37.20
CA ILE D 216 -37.58 6.36 -36.32
C ILE D 216 -38.42 5.43 -35.44
N ALA D 217 -37.99 4.18 -35.32
CA ALA D 217 -38.67 3.21 -34.46
C ALA D 217 -38.68 3.67 -33.01
N GLY D 218 -39.61 3.15 -32.22
CA GLY D 218 -39.73 3.50 -30.82
C GLY D 218 -38.46 3.21 -30.04
N ASP D 219 -37.76 2.14 -30.41
CA ASP D 219 -36.54 1.74 -29.73
C ASP D 219 -35.29 2.29 -30.41
N ALA D 220 -35.51 3.08 -31.46
CA ALA D 220 -34.42 3.71 -32.23
C ALA D 220 -33.45 2.72 -32.86
N CYS D 221 -33.85 1.46 -32.96
CA CYS D 221 -32.99 0.46 -33.61
C CYS D 221 -32.94 0.71 -35.11
N THR D 222 -34.04 1.23 -35.65
CA THR D 222 -34.14 1.52 -37.08
C THR D 222 -34.87 2.82 -37.39
N ALA D 223 -34.74 3.27 -38.64
CA ALA D 223 -35.59 4.31 -39.19
C ALA D 223 -36.14 3.82 -40.52
N ALA D 224 -37.39 4.16 -40.82
CA ALA D 224 -38.01 3.73 -42.07
C ALA D 224 -37.16 4.17 -43.26
N ASN D 225 -36.64 5.39 -43.17
CA ASN D 225 -35.72 5.89 -44.18
C ASN D 225 -34.62 6.77 -43.58
N ALA D 226 -33.42 6.61 -44.10
CA ALA D 226 -32.29 7.45 -43.71
C ALA D 226 -31.69 8.10 -44.94
N LEU D 227 -31.56 9.42 -44.90
CA LEU D 227 -30.87 10.14 -45.94
C LEU D 227 -29.46 10.48 -45.45
N ILE D 228 -28.46 9.90 -46.13
CA ILE D 228 -27.07 10.18 -45.82
C ILE D 228 -26.42 10.92 -46.98
N ALA D 229 -25.38 11.68 -46.70
CA ALA D 229 -24.68 12.40 -47.74
C ALA D 229 -23.23 11.97 -47.78
N TYR D 230 -22.67 11.97 -48.99
CA TYR D 230 -21.25 11.69 -49.17
C TYR D 230 -20.57 12.86 -49.86
N ASP D 231 -19.28 12.98 -49.54
CA ASP D 231 -18.40 14.02 -50.06
C ASP D 231 -17.01 13.41 -50.19
N VAL D 232 -16.61 13.17 -51.43
CA VAL D 232 -15.33 12.56 -51.73
C VAL D 232 -14.45 13.58 -52.43
N THR D 233 -13.23 13.75 -51.93
CA THR D 233 -12.28 14.68 -52.51
C THR D 233 -11.17 13.88 -53.17
N PHE D 234 -10.65 14.38 -54.28
CA PHE D 234 -9.61 13.69 -55.03
C PHE D 234 -8.36 14.55 -55.22
N GLY D 235 -7.22 13.88 -55.35
CA GLY D 235 -5.97 14.52 -55.70
C GLY D 235 -5.45 13.95 -57.01
N GLY D 236 -4.40 14.58 -57.53
CA GLY D 236 -3.79 14.15 -58.78
C GLY D 236 -4.05 15.08 -59.96
N ASP D 237 -3.53 14.67 -61.12
CA ASP D 237 -3.48 15.49 -62.33
C ASP D 237 -2.53 16.66 -62.15
N GLY D 276 -14.99 14.23 -66.77
CA GLY D 276 -15.69 13.05 -67.23
C GLY D 276 -15.27 11.81 -66.47
N ARG D 277 -14.80 12.01 -65.25
CA ARG D 277 -14.41 10.91 -64.38
C ARG D 277 -15.53 10.57 -63.39
N GLN D 278 -15.58 9.32 -62.96
CA GLN D 278 -16.64 8.89 -62.05
C GLN D 278 -16.12 8.14 -60.83
N VAL D 279 -16.89 8.22 -59.75
CA VAL D 279 -16.64 7.39 -58.58
C VAL D 279 -17.89 6.60 -58.24
N ARG D 280 -17.73 5.30 -57.99
CA ARG D 280 -18.82 4.47 -57.51
C ARG D 280 -18.81 4.43 -55.98
N ILE D 281 -19.98 4.62 -55.39
CA ILE D 281 -20.11 4.61 -53.95
C ILE D 281 -21.05 3.45 -53.60
N SER D 282 -20.54 2.50 -52.83
CA SER D 282 -21.35 1.36 -52.40
C SER D 282 -21.51 1.38 -50.89
N ILE D 283 -22.74 1.24 -50.42
CA ILE D 283 -22.98 1.17 -48.99
C ILE D 283 -23.16 -0.30 -48.58
N LEU D 284 -22.28 -0.76 -47.71
CA LEU D 284 -22.27 -2.14 -47.24
C LEU D 284 -22.82 -2.17 -45.81
N ASP D 285 -23.74 -3.08 -45.52
CA ASP D 285 -24.23 -3.19 -44.15
C ASP D 285 -23.29 -4.06 -43.31
N GLY D 286 -23.68 -4.33 -42.07
CA GLY D 286 -22.84 -5.08 -41.15
C GLY D 286 -22.44 -6.46 -41.63
N GLU D 287 -23.23 -7.03 -42.54
CA GLU D 287 -22.92 -8.35 -43.07
C GLU D 287 -22.18 -8.25 -44.40
N GLY D 288 -21.92 -7.04 -44.85
CA GLY D 288 -21.20 -6.84 -46.10
C GLY D 288 -22.10 -6.80 -47.32
N THR D 289 -23.41 -6.82 -47.11
CA THR D 289 -24.37 -6.76 -48.20
C THR D 289 -24.44 -5.33 -48.76
N VAL D 290 -24.34 -5.18 -50.07
CA VAL D 290 -24.52 -3.86 -50.66
C VAL D 290 -26.01 -3.51 -50.62
N VAL D 291 -26.38 -2.54 -49.80
CA VAL D 291 -27.79 -2.19 -49.59
C VAL D 291 -28.16 -0.96 -50.39
N ALA D 292 -27.16 -0.27 -50.89
CA ALA D 292 -27.37 0.92 -51.71
C ALA D 292 -26.08 1.25 -52.43
N GLY D 293 -26.20 1.91 -53.57
CA GLY D 293 -25.06 2.24 -54.38
C GLY D 293 -25.42 3.27 -55.43
N VAL D 294 -24.47 4.17 -55.71
CA VAL D 294 -24.67 5.15 -56.76
C VAL D 294 -23.33 5.42 -57.43
N THR D 295 -23.37 5.86 -58.69
CA THR D 295 -22.18 6.30 -59.39
C THR D 295 -22.28 7.80 -59.56
N ALA D 296 -21.26 8.51 -59.13
CA ALA D 296 -21.31 9.97 -59.13
C ALA D 296 -20.24 10.54 -60.05
N ASP D 297 -20.52 11.72 -60.59
CA ASP D 297 -19.61 12.41 -61.48
C ASP D 297 -18.60 13.23 -60.64
N ILE D 298 -17.35 13.26 -61.10
CA ILE D 298 -16.31 14.04 -60.43
C ILE D 298 -16.12 15.40 -61.11
N GLU D 299 -16.33 16.48 -60.36
CA GLU D 299 -16.20 17.82 -60.93
C GLU D 299 -15.09 18.65 -60.25
N ARG D 300 -14.41 19.49 -61.04
CA ARG D 300 -13.50 20.49 -60.48
C ARG D 300 -14.19 21.83 -60.27
N THR D 305 -9.86 21.61 -57.36
CA THR D 305 -10.26 20.65 -56.33
C THR D 305 -11.32 19.68 -56.84
N ALA D 306 -10.91 18.48 -57.22
CA ALA D 306 -11.83 17.51 -57.77
C ALA D 306 -12.65 16.89 -56.63
N LYS D 307 -13.98 16.87 -56.80
CA LYS D 307 -14.88 16.42 -55.76
C LYS D 307 -16.13 15.78 -56.36
N ALA D 308 -16.64 14.78 -55.65
CA ALA D 308 -17.92 14.19 -55.96
C ALA D 308 -18.77 14.20 -54.69
N SER D 309 -20.04 14.57 -54.81
CA SER D 309 -20.86 14.71 -53.62
C SER D 309 -22.29 14.37 -53.96
N GLY D 310 -23.03 13.87 -52.98
CA GLY D 310 -24.42 13.53 -53.24
C GLY D 310 -25.11 12.92 -52.05
N GLU D 311 -26.31 12.39 -52.29
CA GLU D 311 -27.12 11.80 -51.25
C GLU D 311 -27.52 10.38 -51.59
N ILE D 312 -27.80 9.59 -50.56
CA ILE D 312 -28.19 8.20 -50.72
C ILE D 312 -29.26 7.90 -49.69
N ALA D 313 -30.36 7.31 -50.15
CA ALA D 313 -31.43 6.89 -49.27
C ALA D 313 -31.24 5.42 -48.90
N ILE D 314 -31.34 5.14 -47.61
CA ILE D 314 -31.22 3.79 -47.06
C ILE D 314 -32.54 3.47 -46.38
N ARG D 315 -33.31 2.54 -46.93
CA ARG D 315 -34.58 2.21 -46.30
C ARG D 315 -34.34 1.19 -45.18
N ASP D 316 -35.11 1.32 -44.10
CA ASP D 316 -35.00 0.47 -42.92
C ASP D 316 -33.58 0.45 -42.38
N ALA D 317 -32.96 1.63 -42.38
CA ALA D 317 -31.58 1.79 -41.92
C ALA D 317 -31.45 1.40 -40.46
N LYS D 318 -30.38 0.66 -40.15
CA LYS D 318 -30.10 0.31 -38.77
C LYS D 318 -29.26 1.42 -38.14
N LEU D 319 -29.79 2.01 -37.08
CA LEU D 319 -29.17 3.20 -36.50
C LEU D 319 -28.05 2.87 -35.52
N TRP D 320 -27.10 3.78 -35.41
CA TRP D 320 -26.03 3.67 -34.42
C TRP D 320 -26.53 4.30 -33.11
N ASN D 321 -26.50 3.53 -32.03
CA ASN D 321 -26.84 4.05 -30.71
C ASN D 321 -25.79 3.71 -29.65
N PRO D 322 -25.69 4.54 -28.61
CA PRO D 322 -24.89 4.15 -27.44
C PRO D 322 -25.41 2.82 -26.90
N GLY D 323 -24.52 1.89 -26.59
CA GLY D 323 -24.90 0.58 -26.09
C GLY D 323 -25.44 -0.39 -27.13
N ALA D 324 -25.55 0.05 -28.38
CA ALA D 324 -26.05 -0.80 -29.45
C ALA D 324 -25.54 -0.27 -30.78
N ALA D 325 -24.24 -0.43 -31.00
CA ALA D 325 -23.60 0.08 -32.19
C ALA D 325 -24.06 -0.65 -33.45
N TYR D 326 -24.11 0.07 -34.56
CA TYR D 326 -24.23 -0.58 -35.87
C TYR D 326 -23.46 0.23 -36.89
N LEU D 327 -22.62 -0.44 -37.66
CA LEU D 327 -21.75 0.24 -38.59
C LEU D 327 -21.96 -0.20 -40.03
N TYR D 328 -22.00 0.77 -40.92
CA TYR D 328 -21.96 0.53 -42.35
C TYR D 328 -20.56 0.87 -42.87
N THR D 329 -20.29 0.44 -44.11
CA THR D 329 -19.08 0.80 -44.80
C THR D 329 -19.43 1.52 -46.10
N ALA D 330 -18.84 2.69 -46.30
CA ALA D 330 -18.97 3.40 -47.56
C ALA D 330 -17.72 3.12 -48.37
N VAL D 331 -17.87 2.32 -49.41
CA VAL D 331 -16.77 1.95 -50.29
C VAL D 331 -16.74 2.90 -51.48
N ALA D 332 -15.66 3.66 -51.60
CA ALA D 332 -15.48 4.56 -52.73
C ALA D 332 -14.48 3.98 -53.72
N GLU D 333 -14.91 3.85 -54.97
CA GLU D 333 -14.06 3.30 -56.01
C GLU D 333 -13.96 4.25 -57.19
N LEU D 334 -12.75 4.76 -57.42
CA LEU D 334 -12.47 5.63 -58.55
C LEU D 334 -12.44 4.80 -59.82
N LEU D 335 -13.30 5.15 -60.77
CA LEU D 335 -13.40 4.39 -62.01
C LEU D 335 -12.49 4.94 -63.10
N PRO D 336 -12.02 4.04 -63.99
CA PRO D 336 -11.29 4.48 -65.18
C PRO D 336 -12.24 5.01 -66.24
N SER D 344 -13.70 -3.04 -66.98
CA SER D 344 -14.33 -3.02 -65.66
C SER D 344 -13.31 -3.20 -64.54
N ARG D 345 -12.43 -2.22 -64.39
CA ARG D 345 -11.36 -2.35 -63.41
C ARG D 345 -11.46 -1.17 -62.46
N ILE D 346 -10.66 -1.18 -61.41
CA ILE D 346 -10.73 -0.10 -60.44
C ILE D 346 -9.40 0.64 -60.30
N ILE D 347 -9.46 1.97 -60.25
CA ILE D 347 -8.27 2.79 -60.22
C ILE D 347 -7.76 2.97 -58.78
N ASP D 348 -8.63 3.50 -57.93
CA ASP D 348 -8.34 3.67 -56.51
C ASP D 348 -9.55 3.24 -55.66
N ALA D 349 -9.31 2.86 -54.42
CA ALA D 349 -10.43 2.52 -53.54
C ALA D 349 -10.13 2.90 -52.10
N TYR D 350 -11.19 3.19 -51.35
CA TYR D 350 -11.06 3.39 -49.91
C TYR D 350 -12.36 2.96 -49.24
N ARG D 351 -12.23 2.27 -48.10
CA ARG D 351 -13.38 1.80 -47.34
C ARG D 351 -13.53 2.61 -46.05
N GLN D 352 -14.60 3.40 -46.00
CA GLN D 352 -14.83 4.30 -44.88
C GLN D 352 -15.96 3.83 -43.98
N THR D 353 -15.62 3.45 -42.75
CA THR D 353 -16.64 3.04 -41.80
C THR D 353 -17.47 4.25 -41.40
N PHE D 354 -18.77 4.07 -41.18
CA PHE D 354 -19.60 5.14 -40.65
C PHE D 354 -20.80 4.57 -39.94
N GLY D 355 -21.51 5.44 -39.21
CA GLY D 355 -22.72 5.03 -38.54
C GLY D 355 -23.81 6.04 -38.78
N ILE D 356 -25.04 5.53 -38.86
CA ILE D 356 -26.19 6.38 -39.14
C ILE D 356 -26.89 6.80 -37.85
N ARG D 357 -26.82 8.09 -37.55
CA ARG D 357 -27.43 8.63 -36.35
C ARG D 357 -27.47 10.14 -36.42
N THR D 358 -28.43 10.74 -35.72
CA THR D 358 -28.49 12.19 -35.62
C THR D 358 -28.20 12.65 -34.20
N VAL D 359 -27.68 13.86 -34.09
CA VAL D 359 -27.41 14.49 -32.81
C VAL D 359 -28.04 15.87 -32.83
N GLU D 360 -28.84 16.19 -31.82
CA GLU D 360 -29.47 17.51 -31.79
C GLU D 360 -29.70 17.98 -30.38
N VAL D 361 -29.23 19.19 -30.07
CA VAL D 361 -29.60 19.82 -28.82
C VAL D 361 -30.95 20.50 -29.01
N SER D 362 -31.91 20.15 -28.15
CA SER D 362 -33.23 20.77 -28.21
C SER D 362 -33.66 21.18 -26.80
N GLY D 363 -33.74 22.49 -26.59
CA GLY D 363 -34.02 23.02 -25.26
C GLY D 363 -32.97 22.57 -24.28
N THR D 364 -33.40 21.86 -23.24
CA THR D 364 -32.46 21.31 -22.26
C THR D 364 -32.24 19.82 -22.46
N THR D 365 -32.46 19.32 -23.67
CA THR D 365 -32.21 17.91 -23.95
C THR D 365 -31.14 17.70 -25.01
N PHE D 366 -30.54 16.51 -24.96
CA PHE D 366 -29.49 16.10 -25.89
C PHE D 366 -30.01 14.85 -26.59
N LEU D 367 -30.44 15.03 -27.84
CA LEU D 367 -31.15 13.99 -28.55
C LEU D 367 -30.25 13.24 -29.49
N ILE D 368 -30.16 11.93 -29.30
CA ILE D 368 -29.51 11.09 -30.28
C ILE D 368 -30.60 10.25 -30.91
N ASN D 369 -30.73 10.34 -32.23
CA ASN D 369 -31.83 9.73 -32.96
C ASN D 369 -33.19 10.09 -32.34
N GLY D 370 -33.33 11.35 -31.97
CA GLY D 370 -34.57 11.85 -31.36
C GLY D 370 -34.83 11.44 -29.93
N LYS D 371 -33.90 10.70 -29.31
CA LYS D 371 -34.10 10.23 -27.94
C LYS D 371 -33.23 11.00 -26.94
N PRO D 372 -33.81 11.34 -25.78
CA PRO D 372 -33.09 12.14 -24.78
C PRO D 372 -31.99 11.34 -24.07
N PHE D 373 -30.75 11.61 -24.47
CA PHE D 373 -29.57 10.89 -23.97
C PHE D 373 -29.11 11.42 -22.62
N TYR D 374 -28.54 10.54 -21.79
CA TYR D 374 -27.88 10.95 -20.54
C TYR D 374 -26.45 10.40 -20.53
N PHE D 375 -25.46 11.29 -20.42
CA PHE D 375 -24.06 10.88 -20.37
C PHE D 375 -23.72 10.20 -19.05
N LYS D 376 -23.15 9.01 -19.13
CA LYS D 376 -22.54 8.35 -17.97
C LYS D 376 -21.09 8.07 -18.30
N GLY D 377 -20.17 8.64 -17.54
CA GLY D 377 -18.77 8.37 -17.82
C GLY D 377 -17.77 9.25 -17.10
N PHE D 378 -16.76 9.68 -17.84
CA PHE D 378 -15.55 10.24 -17.22
C PHE D 378 -14.68 10.92 -18.26
N GLY D 379 -13.81 11.80 -17.81
CA GLY D 379 -12.67 12.18 -18.63
C GLY D 379 -11.68 11.04 -18.53
N LYS D 380 -10.96 10.79 -19.63
CA LYS D 380 -9.88 9.80 -19.60
C LYS D 380 -8.53 10.48 -19.76
N HIS D 381 -7.49 9.66 -19.87
CA HIS D 381 -6.19 10.08 -20.39
C HIS D 381 -5.61 8.94 -21.21
N GLU D 382 -4.79 9.27 -22.21
CA GLU D 382 -3.89 8.26 -22.76
C GLU D 382 -2.65 8.27 -21.88
N ASP D 383 -2.64 7.33 -20.95
CA ASP D 383 -1.64 7.27 -19.90
C ASP D 383 -1.54 5.84 -19.41
N SER D 384 -0.32 5.34 -19.33
CA SER D 384 -0.06 4.01 -18.79
C SER D 384 1.40 3.89 -18.40
N TYR D 385 1.71 2.90 -17.57
CA TYR D 385 3.02 2.80 -16.91
C TYR D 385 4.33 2.86 -17.72
N PHE D 386 4.40 2.31 -18.92
CA PHE D 386 5.72 2.34 -19.58
C PHE D 386 5.67 3.15 -20.88
N HIS D 387 4.49 3.17 -21.47
CA HIS D 387 4.21 3.83 -22.73
C HIS D 387 4.10 5.34 -22.55
N GLY D 388 3.76 5.76 -21.34
CA GLY D 388 3.46 7.15 -21.08
C GLY D 388 2.20 7.55 -21.84
N ARG D 389 2.35 8.47 -22.80
CA ARG D 389 1.24 8.87 -23.67
C ARG D 389 1.20 8.01 -24.93
N GLY D 390 2.06 7.01 -24.99
CA GLY D 390 2.13 6.14 -26.15
C GLY D 390 0.86 5.33 -26.35
N THR D 391 0.39 5.27 -27.60
CA THR D 391 -0.80 4.50 -27.92
C THR D 391 -0.57 3.01 -27.68
N ASP D 392 -1.58 2.34 -27.12
CA ASP D 392 -1.48 0.92 -26.78
C ASP D 392 -2.87 0.31 -26.95
N ASP D 393 -3.05 -0.48 -28.00
CA ASP D 393 -4.38 -0.99 -28.31
C ASP D 393 -4.83 -2.13 -27.40
N VAL D 394 -3.89 -2.85 -26.81
CA VAL D 394 -4.24 -3.79 -25.74
C VAL D 394 -4.95 -3.03 -24.63
N LEU D 395 -4.39 -1.87 -24.27
CA LEU D 395 -4.97 -1.06 -23.22
C LEU D 395 -6.29 -0.42 -23.66
N ASN D 396 -6.37 0.01 -24.91
CA ASN D 396 -7.62 0.56 -25.42
C ASN D 396 -8.76 -0.46 -25.39
N VAL D 397 -8.47 -1.67 -25.86
CA VAL D 397 -9.45 -2.77 -25.81
C VAL D 397 -9.88 -3.06 -24.37
N LYS D 398 -8.89 -3.15 -23.46
CA LYS D 398 -9.20 -3.39 -22.05
C LYS D 398 -10.07 -2.28 -21.46
N ASP D 399 -9.70 -1.04 -21.72
CA ASP D 399 -10.42 0.12 -21.18
C ASP D 399 -11.86 0.15 -21.68
N VAL D 400 -12.05 -0.14 -22.96
CA VAL D 400 -13.39 -0.19 -23.51
C VAL D 400 -14.22 -1.26 -22.80
N SER D 401 -13.61 -2.41 -22.54
CA SER D 401 -14.31 -3.45 -21.80
C SER D 401 -14.65 -2.96 -20.39
N LEU D 402 -13.75 -2.18 -19.79
CA LEU D 402 -13.99 -1.65 -18.44
C LEU D 402 -15.12 -0.64 -18.42
N ILE D 403 -15.22 0.15 -19.49
CA ILE D 403 -16.30 1.10 -19.66
C ILE D 403 -17.63 0.34 -19.69
N HIS D 404 -17.66 -0.78 -20.43
CA HIS D 404 -18.84 -1.65 -20.37
C HIS D 404 -19.09 -2.23 -18.97
N TRP D 405 -18.05 -2.72 -18.31
CA TRP D 405 -18.17 -3.30 -16.97
C TRP D 405 -18.80 -2.30 -16.01
N LEU D 406 -18.39 -1.03 -16.13
CA LEU D 406 -18.90 0.04 -15.28
C LEU D 406 -20.33 0.46 -15.64
N HIS D 407 -20.79 0.04 -16.82
CA HIS D 407 -22.07 0.48 -17.40
C HIS D 407 -22.08 1.98 -17.69
N ALA D 408 -20.89 2.52 -17.95
CA ALA D 408 -20.77 3.86 -18.51
C ALA D 408 -21.10 3.80 -19.99
N ASN D 409 -21.33 4.96 -20.62
CA ASN D 409 -21.65 5.00 -22.04
C ASN D 409 -20.85 6.03 -22.83
N SER D 410 -19.94 6.73 -22.16
CA SER D 410 -19.27 7.87 -22.77
C SER D 410 -17.97 8.26 -22.07
N PHE D 411 -17.11 8.97 -22.81
CA PHE D 411 -16.02 9.70 -22.19
C PHE D 411 -15.61 10.90 -23.05
N ARG D 412 -14.76 11.75 -22.48
CA ARG D 412 -14.18 12.90 -23.20
C ARG D 412 -12.69 12.68 -23.43
N THR D 413 -12.17 13.09 -24.58
CA THR D 413 -10.74 12.95 -24.86
C THR D 413 -9.93 14.08 -24.22
N SER D 414 -10.06 14.18 -22.91
CA SER D 414 -9.27 15.10 -22.11
C SER D 414 -7.80 14.68 -22.18
N HIS D 415 -6.88 15.59 -22.51
CA HIS D 415 -7.18 16.94 -22.97
C HIS D 415 -6.50 17.18 -24.31
N TYR D 416 -6.78 16.29 -25.25
CA TYR D 416 -6.10 16.24 -26.55
C TYR D 416 -6.77 15.14 -27.36
N PRO D 417 -6.76 15.26 -28.69
CA PRO D 417 -7.31 14.15 -29.48
C PRO D 417 -6.54 12.86 -29.21
N TYR D 418 -7.26 11.76 -29.10
CA TYR D 418 -6.65 10.46 -28.81
C TYR D 418 -6.21 9.78 -30.10
N ALA D 419 -5.57 8.62 -29.98
CA ALA D 419 -5.22 7.81 -31.16
C ALA D 419 -6.46 7.38 -31.93
N GLU D 420 -6.35 7.37 -33.26
CA GLU D 420 -7.48 7.08 -34.14
C GLU D 420 -8.16 5.74 -33.87
N SER D 421 -7.34 4.74 -33.53
CA SER D 421 -7.84 3.40 -33.24
C SER D 421 -8.85 3.39 -32.10
N MET D 422 -8.69 4.31 -31.14
CA MET D 422 -9.61 4.32 -29.99
C MET D 422 -11.01 4.71 -30.47
N TYR D 423 -11.05 5.63 -31.43
CA TYR D 423 -12.33 6.06 -31.99
C TYR D 423 -12.95 4.95 -32.82
N ASP D 424 -12.15 4.21 -33.58
CA ASP D 424 -12.72 3.06 -34.30
C ASP D 424 -13.31 2.03 -33.32
N LEU D 425 -12.59 1.82 -32.23
CA LEU D 425 -13.02 0.90 -31.18
C LEU D 425 -14.37 1.34 -30.60
N CYS D 426 -14.49 2.63 -30.31
CA CYS D 426 -15.73 3.12 -29.71
C CYS D 426 -16.88 3.17 -30.71
N ASP D 427 -16.56 3.37 -31.98
CA ASP D 427 -17.54 3.19 -33.05
C ASP D 427 -18.14 1.79 -33.00
N ARG D 428 -17.29 0.76 -32.91
CA ARG D 428 -17.84 -0.60 -32.91
C ARG D 428 -18.40 -1.05 -31.57
N GLU D 429 -18.02 -0.37 -30.48
CA GLU D 429 -18.47 -0.80 -29.15
C GLU D 429 -19.59 0.07 -28.57
N GLY D 430 -20.09 1.01 -29.35
CA GLY D 430 -21.22 1.83 -28.94
C GLY D 430 -20.93 2.74 -27.75
N ILE D 431 -19.73 3.30 -27.72
CA ILE D 431 -19.35 4.24 -26.68
C ILE D 431 -19.25 5.65 -27.26
N VAL D 432 -19.95 6.59 -26.65
CA VAL D 432 -20.04 7.96 -27.14
C VAL D 432 -18.84 8.83 -26.71
N ILE D 433 -18.34 9.67 -27.61
CA ILE D 433 -17.15 10.47 -27.32
C ILE D 433 -17.39 11.97 -27.52
N ILE D 434 -16.88 12.74 -26.56
CA ILE D 434 -16.69 14.18 -26.68
C ILE D 434 -15.22 14.44 -27.06
N ASP D 435 -15.01 14.97 -28.27
CA ASP D 435 -13.67 15.13 -28.84
C ASP D 435 -13.09 16.50 -28.53
N GLU D 436 -11.92 16.53 -27.90
CA GLU D 436 -11.35 17.77 -27.36
C GLU D 436 -9.94 18.07 -27.88
N VAL D 437 -9.69 19.33 -28.23
CA VAL D 437 -8.36 19.80 -28.67
C VAL D 437 -7.42 20.08 -27.49
N PRO D 438 -6.10 20.16 -27.75
CA PRO D 438 -5.16 20.34 -26.64
C PRO D 438 -5.12 21.77 -26.11
N ALA D 439 -6.23 22.48 -26.17
CA ALA D 439 -6.26 23.86 -25.70
C ALA D 439 -6.52 23.92 -24.21
N VAL D 440 -5.53 23.48 -23.44
CA VAL D 440 -5.63 23.45 -21.99
C VAL D 440 -4.52 24.30 -21.37
N GLY D 441 -4.84 25.03 -20.32
CA GLY D 441 -3.87 25.93 -19.69
C GLY D 441 -3.93 27.35 -20.25
N MET D 442 -4.99 27.66 -20.99
CA MET D 442 -5.08 28.97 -21.64
C MET D 442 -5.56 30.06 -20.71
N SER D 443 -4.99 31.24 -20.89
CA SER D 443 -5.44 32.42 -20.18
C SER D 443 -5.31 33.66 -21.08
N TRP D 444 -5.48 34.85 -20.51
CA TRP D 444 -5.52 36.09 -21.30
C TRP D 444 -4.21 36.35 -22.04
N LEU D 445 -3.10 35.91 -21.47
CA LEU D 445 -1.82 36.03 -22.16
C LEU D 445 -1.86 35.33 -23.53
N GLN D 446 -2.59 34.22 -23.61
CA GLN D 446 -2.71 33.48 -24.87
C GLN D 446 -3.65 34.15 -25.87
N TYR D 447 -4.74 34.76 -25.40
CA TYR D 447 -5.76 35.28 -26.30
C TYR D 447 -5.23 36.41 -27.17
N ALA D 448 -4.16 37.06 -26.72
CA ALA D 448 -3.55 38.17 -27.45
C ALA D 448 -2.40 37.70 -28.35
N ASN D 449 -2.17 36.39 -28.37
CA ASN D 449 -1.06 35.81 -29.11
C ASN D 449 -1.51 35.17 -30.42
N PRO D 450 -1.14 35.80 -31.56
CA PRO D 450 -1.54 35.33 -32.90
C PRO D 450 -1.06 33.91 -33.21
N LEU D 451 0.13 33.57 -32.73
CA LEU D 451 0.67 32.23 -32.96
C LEU D 451 -0.20 31.18 -32.24
N VAL D 452 -0.61 31.50 -31.02
CA VAL D 452 -1.49 30.63 -30.24
C VAL D 452 -2.84 30.47 -30.93
N ALA D 453 -3.42 31.59 -31.35
CA ALA D 453 -4.70 31.57 -32.03
C ALA D 453 -4.65 30.69 -33.28
N GLU D 454 -3.58 30.81 -34.06
CA GLU D 454 -3.48 30.01 -35.27
C GLU D 454 -3.31 28.53 -34.93
N ARG D 455 -2.52 28.22 -33.91
CA ARG D 455 -2.35 26.84 -33.48
C ARG D 455 -3.68 26.24 -32.97
N HIS D 456 -4.50 27.08 -32.36
CA HIS D 456 -5.80 26.67 -31.87
C HIS D 456 -6.75 26.34 -33.03
N ARG D 457 -6.77 27.23 -34.03
CA ARG D 457 -7.57 26.99 -35.22
C ARG D 457 -7.09 25.71 -35.95
N GLU D 458 -5.77 25.53 -36.00
CA GLU D 458 -5.18 24.34 -36.60
C GLU D 458 -5.63 23.08 -35.88
N ALA D 459 -5.64 23.11 -34.55
CA ALA D 459 -6.06 21.95 -33.78
C ALA D 459 -7.54 21.64 -34.02
N ILE D 460 -8.40 22.65 -34.00
CA ILE D 460 -9.83 22.42 -34.23
C ILE D 460 -10.09 21.83 -35.63
N ARG D 461 -9.52 22.48 -36.66
CA ARG D 461 -9.69 22.02 -38.03
C ARG D 461 -9.09 20.63 -38.24
N GLY D 462 -7.91 20.39 -37.67
CA GLY D 462 -7.24 19.10 -37.79
C GLY D 462 -8.02 17.98 -37.13
N MET D 463 -8.50 18.24 -35.92
CA MET D 463 -9.25 17.25 -35.17
C MET D 463 -10.53 16.88 -35.91
N ILE D 464 -11.27 17.89 -36.36
CA ILE D 464 -12.54 17.61 -37.01
C ILE D 464 -12.32 16.96 -38.38
N ALA D 465 -11.32 17.42 -39.12
CA ALA D 465 -10.98 16.80 -40.40
C ALA D 465 -10.62 15.32 -40.21
N ARG D 466 -9.90 15.02 -39.11
CA ARG D 466 -9.49 13.65 -38.83
C ARG D 466 -10.65 12.76 -38.36
N ASP D 467 -11.58 13.33 -37.59
CA ASP D 467 -12.51 12.52 -36.81
C ASP D 467 -13.99 12.62 -37.22
N LYS D 468 -14.27 13.41 -38.26
CA LYS D 468 -15.64 13.75 -38.66
C LYS D 468 -16.55 12.55 -38.91
N ASN D 469 -15.98 11.46 -39.40
CA ASN D 469 -16.76 10.29 -39.81
C ASN D 469 -17.19 9.36 -38.68
N HIS D 470 -16.67 9.57 -37.47
CA HIS D 470 -17.02 8.69 -36.36
C HIS D 470 -18.41 8.97 -35.81
N PRO D 471 -19.30 7.98 -35.90
CA PRO D 471 -20.63 8.14 -35.28
C PRO D 471 -20.55 8.27 -33.76
N CYS D 472 -19.52 7.70 -33.14
CA CYS D 472 -19.41 7.75 -31.68
C CYS D 472 -19.19 9.18 -31.18
N ILE D 473 -18.56 10.02 -31.99
CA ILE D 473 -18.36 11.42 -31.58
C ILE D 473 -19.66 12.22 -31.70
N VAL D 474 -20.12 12.78 -30.59
CA VAL D 474 -21.39 13.51 -30.62
C VAL D 474 -21.25 15.00 -30.32
N MET D 475 -20.04 15.41 -29.91
CA MET D 475 -19.80 16.79 -29.50
C MET D 475 -18.32 17.15 -29.53
N TRP D 476 -18.02 18.40 -29.85
CA TRP D 476 -16.64 18.91 -29.84
C TRP D 476 -16.40 19.81 -28.64
N SER D 477 -15.21 19.67 -28.02
CA SER D 477 -14.80 20.59 -26.96
C SER D 477 -13.62 21.42 -27.47
N ILE D 478 -13.76 22.73 -27.43
CA ILE D 478 -12.73 23.60 -28.01
C ILE D 478 -11.69 24.04 -27.00
N ALA D 479 -11.90 23.70 -25.73
CA ALA D 479 -10.91 24.00 -24.69
C ALA D 479 -11.26 23.37 -23.34
N ASN D 480 -10.24 23.21 -22.50
CA ASN D 480 -10.47 22.81 -21.13
C ASN D 480 -9.97 23.84 -20.13
N GLU D 481 -10.89 24.33 -19.31
CA GLU D 481 -10.61 25.28 -18.24
C GLU D 481 -9.77 26.51 -18.64
N PRO D 482 -10.19 27.25 -19.68
CA PRO D 482 -9.51 28.51 -19.93
C PRO D 482 -9.99 29.60 -18.96
N GLY D 483 -9.22 30.66 -18.80
CA GLY D 483 -9.68 31.80 -18.01
C GLY D 483 -10.82 32.49 -18.75
N LEU D 484 -11.98 32.58 -18.11
CA LEU D 484 -13.17 33.15 -18.75
C LEU D 484 -13.83 34.26 -17.95
N ASP D 485 -13.49 34.36 -16.66
CA ASP D 485 -14.21 35.24 -15.75
C ASP D 485 -13.36 36.44 -15.28
N GLY D 486 -13.88 37.16 -14.29
CA GLY D 486 -13.17 38.30 -13.73
C GLY D 486 -13.90 39.61 -13.98
N ASP D 487 -13.20 40.72 -13.81
CA ASP D 487 -13.83 42.02 -14.02
C ASP D 487 -13.13 42.80 -15.12
N GLY D 488 -13.55 44.05 -15.30
CA GLY D 488 -13.07 44.86 -16.40
C GLY D 488 -13.39 44.23 -17.73
N GLU D 489 -12.41 44.19 -18.62
CA GLU D 489 -12.61 43.69 -19.99
C GLU D 489 -12.29 42.20 -20.18
N ARG D 490 -11.76 41.56 -19.14
CA ARG D 490 -11.33 40.16 -19.25
C ARG D 490 -12.42 39.18 -19.76
N PRO D 491 -13.64 39.23 -19.19
CA PRO D 491 -14.67 38.32 -19.73
C PRO D 491 -14.98 38.54 -21.20
N ARG D 492 -15.04 39.80 -21.63
CA ARG D 492 -15.31 40.12 -23.04
C ARG D 492 -14.15 39.68 -23.92
N GLN D 493 -12.92 39.86 -23.44
CA GLN D 493 -11.74 39.42 -24.18
C GLN D 493 -11.78 37.90 -24.39
N ALA D 494 -12.13 37.18 -23.34
CA ALA D 494 -12.26 35.72 -23.45
C ALA D 494 -13.35 35.36 -24.45
N TYR D 495 -14.50 36.02 -24.33
CA TYR D 495 -15.61 35.77 -25.27
C TYR D 495 -15.21 36.01 -26.72
N ASP D 496 -14.52 37.13 -26.97
CA ASP D 496 -14.10 37.49 -28.32
C ASP D 496 -13.06 36.51 -28.84
N TYR D 497 -12.27 35.92 -27.94
CA TYR D 497 -11.34 34.89 -28.38
C TYR D 497 -12.04 33.59 -28.75
N PHE D 498 -12.97 33.14 -27.90
CA PHE D 498 -13.55 31.81 -28.08
C PHE D 498 -14.72 31.71 -29.05
N ARG D 499 -15.51 32.78 -29.17
CA ARG D 499 -16.68 32.76 -30.05
C ARG D 499 -16.33 32.37 -31.50
N PRO D 500 -15.29 32.97 -32.10
CA PRO D 500 -14.99 32.51 -33.46
C PRO D 500 -14.50 31.06 -33.55
N LEU D 501 -13.95 30.52 -32.46
CA LEU D 501 -13.54 29.12 -32.45
C LEU D 501 -14.75 28.20 -32.34
N TYR D 502 -15.74 28.63 -31.55
CA TYR D 502 -17.05 27.99 -31.53
C TYR D 502 -17.64 27.95 -32.95
N GLU D 503 -17.58 29.09 -33.64
CA GLU D 503 -18.11 29.17 -35.00
C GLU D 503 -17.32 28.28 -35.95
N LEU D 504 -16.00 28.26 -35.79
CA LEU D 504 -15.14 27.44 -36.63
C LEU D 504 -15.43 25.95 -36.49
N ALA D 505 -15.67 25.50 -35.26
CA ALA D 505 -15.99 24.09 -35.02
C ALA D 505 -17.29 23.72 -35.74
N HIS D 506 -18.27 24.62 -35.69
CA HIS D 506 -19.54 24.40 -36.38
C HIS D 506 -19.37 24.39 -37.88
N ALA D 507 -18.54 25.30 -38.39
CA ALA D 507 -18.32 25.39 -39.83
C ALA D 507 -17.53 24.20 -40.39
N SER D 508 -16.64 23.63 -39.58
CA SER D 508 -15.74 22.59 -40.07
C SER D 508 -16.38 21.20 -40.09
N ASP D 509 -17.35 20.98 -39.22
CA ASP D 509 -18.00 19.68 -39.08
C ASP D 509 -19.24 19.59 -39.98
N PRO D 510 -19.16 18.75 -41.02
CA PRO D 510 -20.29 18.57 -41.93
C PRO D 510 -21.54 18.03 -41.24
N GLN D 511 -21.36 17.35 -40.10
CA GLN D 511 -22.50 16.85 -39.33
C GLN D 511 -23.07 17.94 -38.44
N ASN D 512 -22.29 19.02 -38.28
CA ASN D 512 -22.69 20.14 -37.43
C ASN D 512 -23.10 19.71 -36.01
N ARG D 513 -22.25 18.91 -35.37
CA ARG D 513 -22.48 18.49 -33.99
C ARG D 513 -22.41 19.67 -33.03
N PRO D 514 -23.03 19.53 -31.84
CA PRO D 514 -22.92 20.55 -30.80
C PRO D 514 -21.47 20.83 -30.44
N VAL D 515 -21.21 22.05 -29.95
CA VAL D 515 -19.88 22.49 -29.60
C VAL D 515 -19.91 23.01 -28.17
N THR D 516 -18.96 22.56 -27.36
CA THR D 516 -18.88 23.03 -25.99
C THR D 516 -17.48 23.53 -25.67
N LEU D 517 -17.35 24.09 -24.48
CA LEU D 517 -16.08 24.51 -23.91
C LEU D 517 -16.10 24.00 -22.47
N VAL D 518 -15.11 23.22 -22.07
CA VAL D 518 -15.17 22.65 -20.73
C VAL D 518 -14.69 23.69 -19.72
N CYS D 519 -15.58 24.05 -18.81
CA CYS D 519 -15.39 25.23 -17.98
C CYS D 519 -14.82 24.96 -16.59
N CYS D 520 -13.84 25.78 -16.23
CA CYS D 520 -13.20 25.72 -14.93
C CYS D 520 -14.18 26.13 -13.84
N GLN D 521 -13.94 25.66 -12.62
CA GLN D 521 -14.69 26.12 -11.46
C GLN D 521 -14.35 27.59 -11.23
N ASN D 522 -15.21 28.48 -11.70
CA ASN D 522 -14.88 29.90 -11.69
C ASN D 522 -16.01 30.75 -11.13
N ASP D 523 -15.92 32.05 -11.31
CA ASP D 523 -17.02 32.94 -10.98
C ASP D 523 -18.01 32.87 -12.14
N TYR D 524 -19.02 32.01 -12.00
CA TYR D 524 -19.98 31.81 -13.08
C TYR D 524 -20.81 33.07 -13.35
N THR D 525 -20.83 34.02 -12.41
CA THR D 525 -21.59 35.27 -12.64
C THR D 525 -20.87 36.27 -13.55
N THR D 526 -19.55 36.21 -13.67
CA THR D 526 -18.84 37.14 -14.55
C THR D 526 -18.37 36.47 -15.85
N ASP D 527 -18.30 35.14 -15.83
CA ASP D 527 -18.08 34.35 -17.03
C ASP D 527 -19.27 34.60 -17.97
N ILE D 528 -18.99 35.10 -19.16
CA ILE D 528 -20.06 35.33 -20.14
C ILE D 528 -19.90 34.43 -21.37
N THR D 529 -18.94 33.53 -21.33
CA THR D 529 -18.64 32.67 -22.49
C THR D 529 -19.30 31.29 -22.39
N GLU D 530 -19.16 30.64 -21.24
CA GLU D 530 -19.61 29.26 -21.09
C GLU D 530 -21.10 29.11 -21.41
N ARG D 531 -21.91 30.06 -20.95
CA ARG D 531 -23.35 30.00 -21.14
C ARG D 531 -23.80 30.10 -22.60
N THR D 532 -22.89 30.41 -23.51
CA THR D 532 -23.25 30.53 -24.93
C THR D 532 -22.94 29.25 -25.70
N MET D 533 -22.38 28.25 -25.02
CA MET D 533 -22.08 26.98 -25.68
C MET D 533 -23.36 26.18 -25.93
N ASP D 534 -23.29 25.18 -26.79
CA ASP D 534 -24.47 24.39 -27.10
C ASP D 534 -24.86 23.51 -25.91
N VAL D 535 -23.85 22.93 -25.27
CA VAL D 535 -24.04 22.24 -24.01
C VAL D 535 -23.08 22.87 -23.01
N VAL D 536 -23.59 23.16 -21.82
CA VAL D 536 -22.76 23.67 -20.74
C VAL D 536 -22.04 22.51 -20.05
N CYS D 537 -20.72 22.51 -20.15
CA CYS D 537 -19.91 21.46 -19.53
C CYS D 537 -19.08 22.04 -18.40
N ILE D 538 -19.37 21.63 -17.17
CA ILE D 538 -18.68 22.22 -16.02
C ILE D 538 -17.83 21.22 -15.24
N ASN D 539 -16.68 21.71 -14.80
CA ASN D 539 -15.78 20.99 -13.91
C ASN D 539 -15.93 21.55 -12.51
N ARG D 540 -16.42 20.75 -11.58
CA ARG D 540 -16.67 21.25 -10.23
C ARG D 540 -16.11 20.35 -9.15
N TYR D 541 -15.46 20.94 -8.17
CA TYR D 541 -14.80 20.19 -7.13
C TYR D 541 -15.16 20.72 -5.75
N TYR D 542 -16.42 21.14 -5.62
CA TYR D 542 -16.98 21.46 -4.33
C TYR D 542 -16.78 20.29 -3.36
N GLY D 543 -16.21 20.58 -2.19
CA GLY D 543 -15.93 19.52 -1.23
C GLY D 543 -14.55 18.90 -1.35
N TRP D 544 -13.86 19.17 -2.47
CA TRP D 544 -12.47 18.75 -2.59
C TRP D 544 -11.52 19.95 -2.54
N TYR D 545 -11.53 20.79 -3.58
CA TYR D 545 -10.66 21.96 -3.61
C TYR D 545 -11.19 23.13 -2.78
N ASN D 546 -12.47 23.11 -2.44
CA ASN D 546 -12.99 24.07 -1.48
C ASN D 546 -14.03 23.39 -0.61
N LEU D 547 -14.44 24.04 0.46
CA LEU D 547 -15.36 23.44 1.44
C LEU D 547 -14.86 22.02 1.73
N SER D 548 -13.55 21.91 1.95
CA SER D 548 -12.86 20.63 1.88
C SER D 548 -13.35 19.61 2.91
N GLY D 549 -13.74 18.43 2.41
CA GLY D 549 -14.21 17.35 3.26
C GLY D 549 -15.62 17.53 3.83
N ASP D 550 -16.24 18.67 3.53
CA ASP D 550 -17.57 18.96 4.06
C ASP D 550 -18.63 18.78 2.97
N LEU D 551 -19.25 17.60 2.93
CA LEU D 551 -20.14 17.24 1.83
C LEU D 551 -21.50 17.95 1.89
N ASP D 552 -21.98 18.24 3.09
CA ASP D 552 -23.19 19.05 3.25
C ASP D 552 -23.00 20.44 2.62
N ALA D 553 -21.90 21.09 3.00
CA ALA D 553 -21.60 22.43 2.47
C ALA D 553 -21.36 22.37 0.98
N ALA D 554 -20.65 21.34 0.53
CA ALA D 554 -20.38 21.16 -0.88
C ALA D 554 -21.68 21.03 -1.68
N CYS D 555 -22.63 20.26 -1.15
CA CYS D 555 -23.90 20.09 -1.85
C CYS D 555 -24.71 21.38 -1.83
N HIS D 556 -24.62 22.14 -0.74
CA HIS D 556 -25.29 23.44 -0.66
C HIS D 556 -24.77 24.41 -1.74
N ALA D 557 -23.44 24.54 -1.81
CA ALA D 557 -22.81 25.39 -2.81
C ALA D 557 -23.16 24.93 -4.23
N LEU D 558 -23.08 23.62 -4.43
CA LEU D 558 -23.43 23.06 -5.73
C LEU D 558 -24.86 23.45 -6.10
N ASN D 559 -25.79 23.31 -5.17
CA ASN D 559 -27.19 23.62 -5.45
C ASN D 559 -27.41 25.09 -5.76
N ILE D 560 -26.65 25.97 -5.11
CA ILE D 560 -26.72 27.38 -5.46
C ILE D 560 -26.27 27.61 -6.92
N GLU D 561 -25.15 27.01 -7.33
CA GLU D 561 -24.74 27.21 -8.72
C GLU D 561 -25.71 26.55 -9.70
N LEU D 562 -26.28 25.42 -9.29
CA LEU D 562 -27.26 24.74 -10.13
C LEU D 562 -28.49 25.64 -10.29
N ASP D 563 -28.85 26.41 -9.26
CA ASP D 563 -29.95 27.36 -9.37
C ASP D 563 -29.62 28.41 -10.44
N PHE D 564 -28.38 28.87 -10.45
CA PHE D 564 -27.95 29.77 -11.54
C PHE D 564 -28.16 29.14 -12.94
N TRP D 565 -27.65 27.90 -13.09
CA TRP D 565 -27.71 27.27 -14.41
C TRP D 565 -29.13 26.90 -14.82
N GLU D 566 -30.00 26.67 -13.84
CA GLU D 566 -31.40 26.37 -14.09
C GLU D 566 -32.05 27.52 -14.86
N ASN D 567 -31.74 28.75 -14.46
CA ASN D 567 -32.27 29.92 -15.13
C ASN D 567 -31.58 30.19 -16.45
N ILE D 568 -30.34 29.75 -16.62
CA ILE D 568 -29.71 29.95 -17.93
C ILE D 568 -30.48 29.19 -19.04
N GLY D 569 -31.06 28.05 -18.70
CA GLY D 569 -31.89 27.30 -19.65
C GLY D 569 -31.18 26.47 -20.71
N LYS D 570 -29.90 26.22 -20.51
CA LYS D 570 -29.13 25.33 -21.40
C LYS D 570 -29.07 23.92 -20.81
N PRO D 571 -28.87 22.91 -21.67
CA PRO D 571 -28.55 21.61 -21.08
C PRO D 571 -27.18 21.65 -20.39
N VAL D 572 -27.05 21.03 -19.23
CA VAL D 572 -25.82 21.11 -18.45
C VAL D 572 -25.33 19.73 -18.04
N MET D 573 -24.01 19.52 -18.06
CA MET D 573 -23.44 18.26 -17.56
C MET D 573 -22.11 18.49 -16.83
N PHE D 574 -21.77 17.56 -15.93
CA PHE D 574 -20.42 17.47 -15.38
C PHE D 574 -19.46 16.92 -16.41
N THR D 575 -18.29 17.54 -16.55
CA THR D 575 -17.22 16.90 -17.33
C THR D 575 -16.05 16.55 -16.42
N GLU D 576 -16.05 17.11 -15.22
CA GLU D 576 -15.11 16.71 -14.16
C GLU D 576 -15.72 16.92 -12.79
N TYR D 577 -15.49 15.95 -11.91
CA TYR D 577 -15.70 16.09 -10.47
C TYR D 577 -15.16 14.84 -9.82
N GLY D 578 -14.51 14.99 -8.68
CA GLY D 578 -13.88 13.86 -8.01
C GLY D 578 -12.97 14.23 -6.87
N ALA D 579 -12.23 13.24 -6.39
CA ALA D 579 -11.46 13.35 -5.16
C ALA D 579 -10.27 12.40 -5.24
N ASP D 580 -9.08 12.91 -4.91
CA ASP D 580 -7.90 12.04 -4.89
C ASP D 580 -8.08 10.95 -3.87
N THR D 581 -7.68 9.75 -4.26
CA THR D 581 -8.01 8.56 -3.52
C THR D 581 -6.91 7.52 -3.61
N ILE D 582 -6.30 7.21 -2.48
CA ILE D 582 -5.27 6.19 -2.45
C ILE D 582 -5.90 4.83 -2.12
N GLU D 583 -5.87 3.91 -3.06
CA GLU D 583 -6.46 2.59 -2.84
C GLU D 583 -5.83 1.95 -1.60
N GLY D 584 -6.67 1.40 -0.73
CA GLY D 584 -6.20 0.81 0.52
C GLY D 584 -6.31 1.71 1.73
N ILE D 585 -6.47 3.00 1.51
CA ILE D 585 -6.76 3.89 2.63
C ILE D 585 -8.24 3.82 2.93
N HIS D 586 -8.56 3.44 4.17
CA HIS D 586 -9.95 3.22 4.57
C HIS D 586 -10.28 3.94 5.88
N GLY D 587 -11.56 4.26 6.06
CA GLY D 587 -12.07 4.78 7.32
C GLY D 587 -13.54 4.46 7.47
N THR D 588 -13.99 4.31 8.70
CA THR D 588 -15.42 4.15 8.98
C THR D 588 -16.16 5.45 8.68
N HIS D 589 -15.49 6.57 8.90
CA HIS D 589 -16.01 7.84 8.43
C HIS D 589 -14.99 8.42 7.48
N GLY D 590 -15.20 8.17 6.20
CA GLY D 590 -14.20 8.42 5.16
C GLY D 590 -13.74 9.85 5.09
N GLU D 591 -12.44 10.06 5.29
CA GLU D 591 -11.85 11.38 5.11
C GLU D 591 -11.13 11.45 3.76
N MET D 592 -10.80 12.67 3.34
CA MET D 592 -10.12 12.89 2.06
C MET D 592 -8.89 11.98 1.87
N PHE D 593 -8.86 11.34 0.69
CA PHE D 593 -7.87 10.34 0.23
C PHE D 593 -8.31 8.90 0.54
N SER D 594 -9.30 8.70 1.40
CA SER D 594 -9.82 7.35 1.64
C SER D 594 -10.75 6.91 0.51
N GLU D 595 -10.88 5.59 0.34
CA GLU D 595 -11.81 5.04 -0.66
C GLU D 595 -13.26 5.40 -0.34
N GLU D 596 -13.59 5.35 0.95
CA GLU D 596 -14.94 5.66 1.40
C GLU D 596 -15.30 7.10 1.07
N PHE D 597 -14.36 8.04 1.25
CA PHE D 597 -14.67 9.44 0.91
C PHE D 597 -14.98 9.61 -0.57
N GLN D 598 -14.21 8.97 -1.45
CA GLN D 598 -14.46 9.09 -2.88
C GLN D 598 -15.87 8.60 -3.20
N ARG D 599 -16.20 7.46 -2.60
CA ARG D 599 -17.53 6.89 -2.75
C ARG D 599 -18.65 7.82 -2.23
N ASP D 600 -18.50 8.32 -1.00
CA ASP D 600 -19.47 9.23 -0.40
C ASP D 600 -19.62 10.48 -1.26
N TYR D 601 -18.50 10.93 -1.82
CA TYR D 601 -18.45 12.14 -2.64
C TYR D 601 -19.37 11.98 -3.83
N TYR D 602 -19.20 10.89 -4.56
CA TYR D 602 -20.09 10.68 -5.70
C TYR D 602 -21.54 10.43 -5.26
N ALA D 603 -21.76 9.71 -4.15
CA ALA D 603 -23.13 9.48 -3.70
C ALA D 603 -23.89 10.79 -3.42
N ARG D 604 -23.25 11.69 -2.69
CA ARG D 604 -23.90 12.98 -2.35
C ARG D 604 -24.10 13.86 -3.59
N ILE D 605 -23.04 14.02 -4.38
CA ILE D 605 -23.15 14.93 -5.53
C ILE D 605 -24.22 14.43 -6.51
N ASN D 606 -24.16 13.14 -6.82
CA ASN D 606 -25.08 12.57 -7.79
C ASN D 606 -26.51 12.62 -7.30
N ALA D 607 -26.69 12.47 -6.00
CA ALA D 607 -28.03 12.61 -5.43
C ALA D 607 -28.54 14.03 -5.71
N GLU D 608 -27.66 15.03 -5.64
CA GLU D 608 -28.13 16.38 -5.95
C GLU D 608 -28.46 16.60 -7.45
N ILE D 609 -27.60 16.16 -8.37
CA ILE D 609 -27.91 16.42 -9.77
C ILE D 609 -29.09 15.59 -10.29
N ASP D 610 -29.41 14.49 -9.62
CA ASP D 610 -30.60 13.70 -9.99
C ASP D 610 -31.91 14.51 -9.89
N LYS D 611 -31.91 15.56 -9.09
CA LYS D 611 -33.10 16.41 -8.91
C LYS D 611 -33.31 17.44 -10.02
N ARG D 612 -32.35 17.55 -10.94
CA ARG D 612 -32.43 18.56 -12.00
C ARG D 612 -32.67 17.94 -13.37
N PRO D 613 -33.87 18.15 -13.94
CA PRO D 613 -34.25 17.53 -15.22
C PRO D 613 -33.39 18.01 -16.37
N TRP D 614 -32.83 19.20 -16.23
CA TRP D 614 -32.01 19.80 -17.27
C TRP D 614 -30.53 19.37 -17.17
N PHE D 615 -30.20 18.60 -16.15
CA PHE D 615 -28.83 18.09 -16.01
C PHE D 615 -28.72 16.76 -16.75
N ILE D 616 -28.05 16.78 -17.90
CA ILE D 616 -28.13 15.69 -18.88
C ILE D 616 -26.93 14.75 -18.92
N GLY D 617 -26.01 14.86 -17.96
CA GLY D 617 -24.85 13.98 -17.97
C GLY D 617 -23.91 14.11 -16.79
N GLU D 618 -23.23 12.99 -16.49
CA GLU D 618 -22.24 12.97 -15.42
C GLU D 618 -20.96 12.28 -15.93
N GLN D 619 -19.99 13.10 -16.28
CA GLN D 619 -18.64 12.60 -16.56
C GLN D 619 -17.74 13.07 -15.44
N LEU D 620 -17.24 12.11 -14.68
CA LEU D 620 -16.38 12.40 -13.53
C LEU D 620 -14.92 12.51 -13.94
N TRP D 621 -14.08 12.90 -12.98
CA TRP D 621 -12.62 12.90 -13.14
C TRP D 621 -12.05 12.00 -12.04
N ASN D 622 -11.31 10.94 -12.38
CA ASN D 622 -10.94 10.53 -13.74
C ASN D 622 -11.28 9.04 -13.88
N PHE D 623 -11.28 8.53 -15.11
CA PHE D 623 -11.39 7.10 -15.35
C PHE D 623 -10.33 6.32 -14.55
N ALA D 624 -9.08 6.76 -14.62
CA ALA D 624 -7.98 6.03 -13.97
C ALA D 624 -6.88 6.97 -13.52
N ASP D 625 -6.23 6.65 -12.40
CA ASP D 625 -5.05 7.39 -11.94
C ASP D 625 -4.02 7.54 -13.06
N PHE D 626 -3.39 8.72 -13.13
CA PHE D 626 -2.47 9.00 -14.22
C PHE D 626 -1.29 9.86 -13.78
N ALA D 627 -0.23 9.86 -14.59
CA ALA D 627 1.01 10.54 -14.24
C ALA D 627 0.93 12.06 -14.41
N THR D 628 1.48 12.79 -13.45
CA THR D 628 1.58 14.24 -13.54
C THR D 628 3.01 14.69 -13.25
N PHE D 629 3.26 15.96 -13.45
CA PHE D 629 4.42 16.62 -12.90
C PHE D 629 4.39 16.43 -11.38
N GLN D 630 5.56 16.26 -10.77
CA GLN D 630 5.63 15.97 -9.34
C GLN D 630 5.26 17.23 -8.56
N GLY D 631 4.69 17.05 -7.37
CA GLY D 631 4.31 18.19 -6.55
C GLY D 631 3.61 17.75 -5.27
N ILE D 632 3.38 18.69 -4.36
CA ILE D 632 2.87 18.36 -3.03
C ILE D 632 1.42 17.87 -2.98
N ILE D 633 0.66 18.05 -4.07
CA ILE D 633 -0.69 17.51 -4.07
C ILE D 633 -0.84 16.31 -5.01
N ARG D 634 0.28 15.84 -5.54
CA ARG D 634 0.26 14.72 -6.47
C ARG D 634 1.02 13.50 -5.93
N VAL D 635 0.25 12.55 -5.39
CA VAL D 635 0.80 11.35 -4.80
C VAL D 635 1.01 10.29 -5.87
N GLU D 636 2.22 10.26 -6.43
CA GLU D 636 2.53 9.41 -7.58
C GLU D 636 1.58 9.76 -8.73
N GLY D 637 1.37 11.05 -8.95
CA GLY D 637 0.47 11.54 -9.98
C GLY D 637 -0.91 11.93 -9.49
N ASN D 638 -1.88 12.00 -10.40
CA ASN D 638 -3.25 12.33 -10.06
C ASN D 638 -3.99 11.08 -9.62
N ARG D 639 -4.58 11.10 -8.44
CA ARG D 639 -5.22 9.90 -7.91
C ARG D 639 -6.74 10.02 -7.84
N LYS D 640 -7.31 10.85 -8.69
CA LYS D 640 -8.76 10.95 -8.76
C LYS D 640 -9.40 9.85 -9.62
N GLY D 641 -8.58 8.92 -10.11
CA GLY D 641 -9.11 7.76 -10.81
C GLY D 641 -10.08 6.96 -9.96
N ILE D 642 -11.20 6.52 -10.55
CA ILE D 642 -12.05 5.57 -9.85
C ILE D 642 -11.44 4.19 -10.02
N LEU D 643 -10.57 4.07 -11.04
CA LEU D 643 -9.69 2.93 -11.17
C LEU D 643 -8.26 3.36 -10.85
N THR D 644 -7.46 2.42 -10.36
CA THR D 644 -6.03 2.62 -10.23
C THR D 644 -5.39 2.72 -11.59
N ARG D 645 -4.11 3.11 -11.63
CA ARG D 645 -3.37 3.19 -12.89
C ARG D 645 -3.29 1.83 -13.60
N ASP D 646 -3.29 0.74 -12.83
CA ASP D 646 -3.35 -0.57 -13.48
C ASP D 646 -4.80 -1.04 -13.66
N ARG D 647 -5.74 -0.11 -13.63
CA ARG D 647 -7.16 -0.38 -13.98
C ARG D 647 -7.90 -1.29 -12.99
N GLN D 648 -7.54 -1.22 -11.71
CA GLN D 648 -8.26 -1.97 -10.70
C GLN D 648 -9.27 -1.05 -9.99
N PRO D 649 -10.46 -1.59 -9.70
CA PRO D 649 -11.56 -0.78 -9.19
C PRO D 649 -11.42 -0.41 -7.71
N LYS D 650 -11.43 0.89 -7.43
CA LYS D 650 -11.59 1.36 -6.05
C LYS D 650 -13.05 1.22 -5.65
N MET D 651 -13.34 1.35 -4.37
CA MET D 651 -14.71 1.23 -3.86
C MET D 651 -15.72 2.06 -4.67
N ALA D 652 -15.32 3.28 -5.01
CA ALA D 652 -16.19 4.19 -5.76
C ALA D 652 -16.56 3.62 -7.13
N ALA D 653 -15.64 2.89 -7.77
CA ALA D 653 -15.93 2.27 -9.05
C ALA D 653 -17.07 1.24 -8.91
N HIS D 654 -17.06 0.46 -7.83
CA HIS D 654 -18.13 -0.50 -7.58
C HIS D 654 -19.46 0.20 -7.35
N TRP D 655 -19.42 1.26 -6.54
CA TRP D 655 -20.65 2.01 -6.26
C TRP D 655 -21.24 2.61 -7.54
N LEU D 656 -20.36 3.22 -8.34
CA LEU D 656 -20.76 3.87 -9.57
C LEU D 656 -21.28 2.84 -10.57
N ARG D 657 -20.65 1.67 -10.60
CA ARG D 657 -21.10 0.58 -11.46
C ARG D 657 -22.55 0.23 -11.11
N GLU D 658 -22.81 0.11 -9.82
CA GLU D 658 -24.17 -0.19 -9.36
C GLU D 658 -25.17 0.90 -9.76
N ARG D 659 -24.81 2.17 -9.55
CA ARG D 659 -25.68 3.28 -9.93
C ARG D 659 -25.98 3.30 -11.44
N TRP D 660 -24.91 3.19 -12.22
CA TRP D 660 -25.01 3.32 -13.66
C TRP D 660 -25.74 2.15 -14.29
N ALA D 661 -25.69 0.98 -13.64
CA ALA D 661 -26.45 -0.17 -14.12
C ALA D 661 -27.96 0.12 -14.12
N GLY D 662 -28.40 1.01 -13.24
CA GLY D 662 -29.82 1.35 -13.15
C GLY D 662 -30.22 2.59 -13.91
N ILE D 663 -29.29 3.17 -14.67
CA ILE D 663 -29.59 4.36 -15.43
C ILE D 663 -29.54 4.09 -16.94
N PRO D 664 -30.68 4.26 -17.62
CA PRO D 664 -30.78 3.99 -19.05
C PRO D 664 -30.10 5.07 -19.88
N ASP D 665 -29.58 4.69 -21.04
CA ASP D 665 -29.00 5.64 -21.97
C ASP D 665 -30.02 6.67 -22.42
N TYR D 666 -31.25 6.22 -22.61
CA TYR D 666 -32.33 7.10 -23.06
C TYR D 666 -33.47 7.18 -22.05
N GLY D 667 -33.97 8.40 -21.84
CA GLY D 667 -35.20 8.58 -21.07
C GLY D 667 -35.02 8.66 -19.56
N TYR D 668 -33.78 8.72 -19.10
CA TYR D 668 -33.53 8.87 -17.66
C TYR D 668 -34.20 10.15 -17.16
N LYS D 669 -34.10 11.21 -17.95
CA LYS D 669 -34.75 12.48 -17.62
C LYS D 669 -35.68 12.96 -18.72
C2 E9O E . -7.15 -20.96 13.98
C3 E9O E . -6.72 -19.49 13.92
O3 E9O E . -6.01 -19.18 15.14
N E9O E . -7.57 -21.46 12.67
C7 E9O E . -6.76 -21.10 11.50
C5 E9O E . -6.63 -19.58 11.44
C6 E9O E . -5.91 -19.13 10.18
O62 E9O E . -4.97 -19.88 9.62
C4 E9O E . -5.86 -19.19 12.69
O4 E9O E . -5.53 -17.81 12.62
O61 E9O E . -6.20 -18.07 9.65
C8 E9O E . -7.36 -21.71 10.25
C9 E9O E . -7.04 -23.19 10.26
C10 E9O E . -7.60 -23.81 9.01
C1 E9O E . -7.21 -25.29 8.91
C11 E9O E . -8.05 -25.91 7.80
C12 E9O E . -7.18 -26.67 6.81
C13 E9O E . -8.07 -27.16 5.66
C14 E9O E . -7.39 -28.30 4.91
C15 E9O E . -8.22 -28.70 3.71
C2 E9O F . 10.56 -21.72 -10.31
C3 E9O F . 9.93 -20.35 -10.51
O3 E9O F . 9.19 -20.33 -11.73
N E9O F . 11.00 -21.93 -8.93
C7 E9O F . 10.15 -21.48 -7.84
C5 E9O F . 9.80 -20.01 -8.03
C6 E9O F . 9.02 -19.49 -6.85
O62 E9O F . 8.18 -20.26 -6.18
C4 E9O F . 9.01 -19.96 -9.33
O4 E9O F . 8.46 -18.66 -9.55
O61 E9O F . 9.16 -18.32 -6.47
C8 E9O F . 10.83 -21.73 -6.50
C9 E9O F . 11.01 -23.24 -6.33
C10 E9O F . 10.74 -23.64 -4.89
C1 E9O F . 11.78 -24.63 -4.39
C11 E9O F . 11.15 -25.57 -3.38
C12 E9O F . 12.18 -26.17 -2.43
C13 E9O F . 11.47 -26.79 -1.23
C14 E9O F . 12.46 -27.38 -0.24
C15 E9O F . 13.20 -28.56 -0.86
C2 E9O G . 5.18 23.01 11.49
C3 E9O G . 4.76 21.55 11.61
O3 E9O G . 3.88 21.41 12.73
N E9O G . 5.83 23.29 10.20
C7 E9O G . 5.20 22.75 9.00
C5 E9O G . 5.07 21.23 9.17
C6 E9O G . 4.61 20.57 7.90
O62 E9O G . 3.75 21.16 7.09
C4 E9O G . 4.09 21.05 10.32
O4 E9O G . 3.70 19.67 10.43
O61 E9O G . 5.02 19.45 7.61
C8 E9O G . 6.01 23.15 7.77
C9 E9O G . 5.67 24.60 7.42
C10 E9O G . 6.37 25.03 6.15
C1 E9O G . 6.18 26.52 5.91
C11 E9O G . 6.88 26.92 4.62
C12 E9O G . 6.41 28.30 4.17
C13 E9O G . 6.39 28.41 2.65
C14 E9O G . 7.80 28.59 2.10
C15 E9O G . 7.76 28.68 0.59
C2 E9O H . -8.29 19.65 -15.13
C3 E9O H . -7.67 18.25 -15.03
O3 E9O H . -6.73 18.05 -16.11
N E9O H . -8.98 19.99 -13.90
C7 E9O H . -8.30 19.78 -12.64
C5 E9O H . -7.96 18.30 -12.53
C6 E9O H . -7.37 17.94 -11.19
O62 E9O H . -6.61 18.81 -10.52
C4 E9O H . -6.98 18.07 -13.67
O4 E9O H . -6.38 16.79 -13.59
O61 E9O H . -7.56 16.85 -10.69
C8 E9O H . -9.15 20.29 -11.48
C9 E9O H . -9.06 21.80 -11.45
C10 E9O H . -10.02 22.34 -10.40
C1 E9O H . -9.77 23.82 -10.14
C11 E9O H . -10.77 24.32 -9.11
C12 E9O H . -10.28 25.58 -8.42
C13 E9O H . -11.42 26.22 -7.65
C14 E9O H . -11.06 26.48 -6.19
C15 E9O H . -12.22 27.10 -5.46
#